data_1WGQ
#
_entry.id   1WGQ
#
_entity_poly.entity_id   1
_entity_poly.type   'polypeptide(L)'
_entity_poly.pdbx_seq_one_letter_code
;GSSGSSGSTMSGYLYRSKGSKKPWKHLWFVIKNKVLYTYAASEDVAALESQPLLGFTVTLVKDENSESKVFQLLHKGMVF
YVFKADDAHSTQRWIDAFQEGTVSGPSSG
;
_entity_poly.pdbx_strand_id   A
#
# COMPACT_ATOMS: atom_id res chain seq x y z
N GLY A 1 3.76 17.93 -1.40
CA GLY A 1 4.64 18.70 -2.26
C GLY A 1 6.10 18.29 -2.07
N SER A 2 6.46 17.19 -2.72
CA SER A 2 7.82 16.68 -2.63
C SER A 2 8.05 15.62 -3.71
N SER A 3 9.31 15.31 -3.93
CA SER A 3 9.68 14.31 -4.92
C SER A 3 9.21 14.75 -6.31
N GLY A 4 10.00 14.40 -7.31
CA GLY A 4 9.67 14.76 -8.69
C GLY A 4 8.56 13.85 -9.23
N SER A 5 8.75 13.42 -10.47
CA SER A 5 7.78 12.56 -11.12
C SER A 5 8.45 11.75 -12.24
N SER A 6 8.76 10.51 -11.92
CA SER A 6 9.40 9.64 -12.88
C SER A 6 9.18 8.17 -12.49
N GLY A 7 8.06 7.64 -12.97
CA GLY A 7 7.71 6.26 -12.69
C GLY A 7 6.25 6.14 -12.24
N SER A 8 5.91 4.96 -11.74
CA SER A 8 4.56 4.70 -11.27
C SER A 8 4.35 5.33 -9.89
N THR A 9 3.09 5.57 -9.57
CA THR A 9 2.75 6.16 -8.28
C THR A 9 3.62 5.57 -7.18
N MET A 10 3.52 4.25 -7.03
CA MET A 10 4.29 3.55 -6.01
C MET A 10 4.49 2.09 -6.39
N SER A 11 5.71 1.61 -6.16
CA SER A 11 6.04 0.23 -6.48
C SER A 11 7.27 -0.20 -5.69
N GLY A 12 7.10 -1.26 -4.91
CA GLY A 12 8.19 -1.78 -4.10
C GLY A 12 7.72 -2.98 -3.26
N TYR A 13 8.66 -3.88 -2.99
CA TYR A 13 8.36 -5.06 -2.21
C TYR A 13 7.89 -4.68 -0.80
N LEU A 14 6.82 -5.35 -0.37
CA LEU A 14 6.26 -5.09 0.94
C LEU A 14 5.92 -6.42 1.62
N TYR A 15 5.42 -6.32 2.84
CA TYR A 15 5.05 -7.50 3.60
C TYR A 15 3.57 -7.47 3.96
N ARG A 16 2.84 -8.44 3.42
CA ARG A 16 1.41 -8.53 3.67
C ARG A 16 1.15 -9.43 4.88
N SER A 17 0.14 -9.06 5.65
CA SER A 17 -0.23 -9.82 6.83
C SER A 17 -1.72 -9.62 7.13
N LYS A 18 -2.27 -10.58 7.87
CA LYS A 18 -3.68 -10.53 8.24
C LYS A 18 -3.80 -10.00 9.66
N GLY A 19 -2.75 -9.33 10.12
CA GLY A 19 -2.73 -8.79 11.47
C GLY A 19 -1.42 -9.10 12.17
N SER A 20 -1.39 -8.80 13.46
CA SER A 20 -0.20 -9.05 14.27
C SER A 20 -0.14 -10.53 14.66
N LYS A 21 1.08 -11.01 14.84
CA LYS A 21 1.29 -12.40 15.21
C LYS A 21 1.12 -13.29 13.99
N LYS A 22 0.82 -12.65 12.87
CA LYS A 22 0.63 -13.37 11.61
C LYS A 22 1.92 -13.34 10.81
N PRO A 23 2.07 -14.35 9.92
CA PRO A 23 3.25 -14.45 9.08
C PRO A 23 3.22 -13.41 7.95
N TRP A 24 4.36 -12.78 7.74
CA TRP A 24 4.48 -11.76 6.71
C TRP A 24 4.58 -12.48 5.36
N LYS A 25 4.32 -11.73 4.30
CA LYS A 25 4.37 -12.27 2.96
C LYS A 25 5.09 -11.28 2.04
N HIS A 26 6.25 -11.70 1.56
CA HIS A 26 7.04 -10.86 0.67
C HIS A 26 6.47 -10.94 -0.74
N LEU A 27 5.86 -9.84 -1.17
CA LEU A 27 5.27 -9.77 -2.49
C LEU A 27 5.51 -8.38 -3.07
N TRP A 28 5.30 -8.27 -4.37
CA TRP A 28 5.49 -7.00 -5.07
C TRP A 28 4.11 -6.38 -5.30
N PHE A 29 4.05 -5.07 -5.14
CA PHE A 29 2.81 -4.34 -5.33
C PHE A 29 3.02 -3.11 -6.21
N VAL A 30 1.94 -2.67 -6.83
CA VAL A 30 1.99 -1.50 -7.70
C VAL A 30 0.63 -0.80 -7.67
N ILE A 31 0.68 0.51 -7.93
CA ILE A 31 -0.54 1.30 -7.94
C ILE A 31 -0.77 1.83 -9.36
N LYS A 32 -1.82 1.30 -9.98
CA LYS A 32 -2.17 1.70 -11.33
C LYS A 32 -3.69 1.86 -11.43
N ASN A 33 -4.09 2.88 -12.17
CA ASN A 33 -5.51 3.16 -12.35
C ASN A 33 -6.20 3.20 -10.99
N LYS A 34 -5.41 3.52 -9.97
CA LYS A 34 -5.93 3.60 -8.62
C LYS A 34 -6.32 2.20 -8.14
N VAL A 35 -5.58 1.21 -8.65
CA VAL A 35 -5.83 -0.17 -8.29
C VAL A 35 -4.57 -0.78 -7.71
N LEU A 36 -4.73 -1.53 -6.63
CA LEU A 36 -3.61 -2.18 -5.97
C LEU A 36 -3.42 -3.58 -6.55
N TYR A 37 -2.48 -3.67 -7.49
CA TYR A 37 -2.19 -4.95 -8.13
C TYR A 37 -1.19 -5.76 -7.30
N THR A 38 -1.31 -7.07 -7.42
CA THR A 38 -0.43 -7.97 -6.69
C THR A 38 0.58 -8.62 -7.64
N TYR A 39 1.78 -8.84 -7.13
CA TYR A 39 2.83 -9.45 -7.92
C TYR A 39 3.71 -10.35 -7.06
N ALA A 40 4.79 -10.83 -7.67
CA ALA A 40 5.72 -11.69 -6.96
C ALA A 40 7.15 -11.20 -7.20
N ALA A 41 7.44 -10.90 -8.46
CA ALA A 41 8.76 -10.42 -8.83
C ALA A 41 8.61 -9.14 -9.67
N SER A 42 9.60 -8.27 -9.52
CA SER A 42 9.60 -7.01 -10.24
C SER A 42 9.48 -7.28 -11.75
N GLU A 43 10.18 -8.30 -12.20
CA GLU A 43 10.16 -8.67 -13.61
C GLU A 43 9.11 -9.76 -13.86
N ASP A 44 7.95 -9.56 -13.25
CA ASP A 44 6.86 -10.50 -13.40
C ASP A 44 6.31 -10.42 -14.83
N VAL A 45 5.50 -11.41 -15.18
CA VAL A 45 4.90 -11.46 -16.49
C VAL A 45 3.42 -11.07 -16.39
N ALA A 46 2.90 -11.21 -15.19
CA ALA A 46 1.50 -10.88 -14.94
C ALA A 46 1.26 -10.77 -13.44
N ALA A 47 0.34 -9.88 -13.08
CA ALA A 47 0.01 -9.66 -11.69
C ALA A 47 -0.71 -10.90 -11.14
N LEU A 48 -0.37 -11.26 -9.91
CA LEU A 48 -0.97 -12.41 -9.27
C LEU A 48 -2.45 -12.13 -9.00
N GLU A 49 -2.71 -10.90 -8.58
CA GLU A 49 -4.08 -10.49 -8.28
C GLU A 49 -4.25 -8.99 -8.54
N SER A 50 -5.49 -8.55 -8.58
CA SER A 50 -5.81 -7.16 -8.81
C SER A 50 -7.00 -6.73 -7.95
N GLN A 51 -6.79 -5.65 -7.22
CA GLN A 51 -7.84 -5.12 -6.35
C GLN A 51 -7.86 -3.59 -6.41
N PRO A 52 -9.04 -3.05 -6.79
CA PRO A 52 -9.21 -1.61 -6.88
C PRO A 52 -9.33 -0.98 -5.49
N LEU A 53 -8.80 0.23 -5.37
CA LEU A 53 -8.84 0.95 -4.11
C LEU A 53 -10.08 1.84 -4.08
N LEU A 54 -11.15 1.33 -4.66
CA LEU A 54 -12.41 2.07 -4.70
C LEU A 54 -13.27 1.67 -3.50
N GLY A 55 -13.31 2.55 -2.52
CA GLY A 55 -14.09 2.31 -1.32
C GLY A 55 -13.19 1.88 -0.16
N PHE A 56 -12.00 1.41 -0.52
CA PHE A 56 -11.05 0.96 0.48
C PHE A 56 -10.53 2.14 1.32
N THR A 57 -9.71 1.82 2.30
CA THR A 57 -9.14 2.83 3.17
C THR A 57 -7.77 2.38 3.68
N VAL A 58 -7.09 3.32 4.34
CA VAL A 58 -5.77 3.04 4.88
C VAL A 58 -5.59 3.80 6.19
N THR A 59 -4.70 3.29 7.03
CA THR A 59 -4.43 3.90 8.31
C THR A 59 -3.13 3.35 8.91
N LEU A 60 -2.51 4.17 9.74
CA LEU A 60 -1.26 3.78 10.38
C LEU A 60 -1.57 2.84 11.54
N VAL A 61 -0.68 1.88 11.75
CA VAL A 61 -0.85 0.92 12.83
C VAL A 61 0.40 0.94 13.72
N LYS A 62 0.15 0.83 15.02
CA LYS A 62 1.23 0.84 15.98
C LYS A 62 2.20 -0.31 15.68
N ASP A 63 1.63 -1.51 15.58
CA ASP A 63 2.42 -2.69 15.29
C ASP A 63 3.48 -2.87 16.38
N GLU A 64 4.15 -4.00 16.33
CA GLU A 64 5.19 -4.31 17.30
C GLU A 64 6.58 -4.20 16.65
N ASN A 65 6.65 -4.67 15.42
CA ASN A 65 7.91 -4.64 14.68
C ASN A 65 8.30 -3.19 14.42
N SER A 66 7.35 -2.44 13.87
CA SER A 66 7.57 -1.04 13.56
C SER A 66 6.69 -0.17 14.44
N GLU A 67 6.91 1.14 14.35
CA GLU A 67 6.14 2.10 15.12
C GLU A 67 5.30 2.97 14.20
N SER A 68 5.82 3.19 13.00
CA SER A 68 5.12 4.00 12.01
C SER A 68 5.69 3.73 10.62
N LYS A 69 6.06 2.48 10.41
CA LYS A 69 6.61 2.08 9.12
C LYS A 69 5.73 0.98 8.51
N VAL A 70 4.62 0.72 9.18
CA VAL A 70 3.69 -0.29 8.71
C VAL A 70 2.26 0.23 8.83
N PHE A 71 1.48 -0.03 7.79
CA PHE A 71 0.10 0.42 7.77
C PHE A 71 -0.85 -0.76 7.52
N GLN A 72 -2.14 -0.45 7.51
CA GLN A 72 -3.15 -1.46 7.28
C GLN A 72 -4.14 -1.00 6.21
N LEU A 73 -4.58 -1.95 5.41
CA LEU A 73 -5.53 -1.65 4.34
C LEU A 73 -6.95 -1.93 4.83
N LEU A 74 -7.65 -0.87 5.18
CA LEU A 74 -9.01 -0.98 5.66
C LEU A 74 -9.96 -1.05 4.47
N HIS A 75 -11.05 -1.78 4.67
CA HIS A 75 -12.04 -1.93 3.62
C HIS A 75 -13.44 -1.80 4.22
N LYS A 76 -13.99 -0.60 4.13
CA LYS A 76 -15.32 -0.33 4.65
C LYS A 76 -15.21 -0.02 6.15
N GLY A 77 -14.00 -0.20 6.68
CA GLY A 77 -13.76 0.07 8.09
C GLY A 77 -12.97 -1.08 8.72
N MET A 78 -13.07 -2.24 8.10
CA MET A 78 -12.37 -3.42 8.58
C MET A 78 -11.02 -3.58 7.89
N VAL A 79 -10.04 -4.06 8.66
CA VAL A 79 -8.71 -4.26 8.12
C VAL A 79 -8.72 -5.43 7.15
N PHE A 80 -8.26 -5.16 5.94
CA PHE A 80 -8.22 -6.19 4.91
C PHE A 80 -6.87 -6.92 4.92
N TYR A 81 -5.81 -6.15 5.11
CA TYR A 81 -4.48 -6.71 5.14
C TYR A 81 -3.47 -5.69 5.67
N VAL A 82 -2.37 -6.22 6.19
CA VAL A 82 -1.32 -5.36 6.73
C VAL A 82 -0.24 -5.13 5.66
N PHE A 83 0.53 -4.09 5.87
CA PHE A 83 1.60 -3.75 4.92
C PHE A 83 2.72 -2.97 5.63
N LYS A 84 3.93 -3.46 5.44
CA LYS A 84 5.09 -2.82 6.04
C LYS A 84 5.92 -2.15 4.94
N ALA A 85 6.31 -0.91 5.22
CA ALA A 85 7.11 -0.15 4.27
C ALA A 85 8.57 -0.12 4.75
N ASP A 86 9.46 0.08 3.79
CA ASP A 86 10.88 0.14 4.09
C ASP A 86 11.10 1.01 5.33
N ASP A 87 11.05 2.31 5.11
CA ASP A 87 11.24 3.26 6.20
C ASP A 87 9.93 4.02 6.44
N ALA A 88 10.00 4.97 7.37
CA ALA A 88 8.84 5.77 7.69
C ALA A 88 8.44 6.61 6.48
N HIS A 89 9.44 7.23 5.87
CA HIS A 89 9.21 8.05 4.70
C HIS A 89 8.36 7.28 3.69
N SER A 90 8.79 6.06 3.41
CA SER A 90 8.09 5.22 2.46
C SER A 90 6.64 5.02 2.91
N THR A 91 6.50 4.50 4.11
CA THR A 91 5.17 4.26 4.67
C THR A 91 4.22 5.40 4.30
N GLN A 92 4.62 6.61 4.68
CA GLN A 92 3.82 7.79 4.41
C GLN A 92 3.40 7.80 2.93
N ARG A 93 4.37 7.54 2.07
CA ARG A 93 4.11 7.53 0.64
C ARG A 93 3.01 6.53 0.30
N TRP A 94 3.24 5.28 0.70
CA TRP A 94 2.28 4.22 0.45
C TRP A 94 0.94 4.66 1.05
N ILE A 95 1.01 5.16 2.27
CA ILE A 95 -0.19 5.61 2.96
C ILE A 95 -0.93 6.62 2.08
N ASP A 96 -0.33 7.79 1.93
CA ASP A 96 -0.94 8.84 1.12
C ASP A 96 -1.27 8.26 -0.26
N ALA A 97 -0.43 7.35 -0.72
CA ALA A 97 -0.63 6.74 -2.02
C ALA A 97 -1.94 5.94 -2.00
N PHE A 98 -2.19 5.30 -0.87
CA PHE A 98 -3.40 4.51 -0.72
C PHE A 98 -4.59 5.39 -0.34
N GLN A 99 -4.27 6.51 0.30
CA GLN A 99 -5.30 7.45 0.72
C GLN A 99 -5.81 8.26 -0.48
N GLU A 100 -4.87 8.74 -1.27
CA GLU A 100 -5.20 9.52 -2.44
C GLU A 100 -5.77 8.62 -3.54
N GLY A 101 -5.76 7.32 -3.26
CA GLY A 101 -6.26 6.35 -4.20
C GLY A 101 -7.78 6.16 -4.07
N THR A 102 -8.21 6.08 -2.81
CA THR A 102 -9.62 5.90 -2.53
C THR A 102 -10.39 7.21 -2.78
N VAL A 103 -9.70 8.31 -2.53
CA VAL A 103 -10.30 9.63 -2.73
C VAL A 103 -10.02 10.09 -4.16
N SER A 104 -10.21 11.38 -4.38
CA SER A 104 -9.99 11.97 -5.68
C SER A 104 -9.34 13.34 -5.55
N GLY A 105 -8.81 13.59 -4.35
CA GLY A 105 -8.16 14.86 -4.08
C GLY A 105 -9.14 15.85 -3.42
N PRO A 106 -8.55 16.82 -2.67
CA PRO A 106 -9.35 17.82 -1.99
C PRO A 106 -9.91 18.85 -2.98
N SER A 107 -10.68 19.78 -2.44
CA SER A 107 -11.27 20.83 -3.26
C SER A 107 -10.24 21.92 -3.55
N SER A 108 -10.04 22.17 -4.83
CA SER A 108 -9.09 23.20 -5.24
C SER A 108 -9.69 24.06 -6.36
N GLY A 109 -9.31 25.33 -6.35
CA GLY A 109 -9.80 26.26 -7.35
C GLY A 109 -11.33 26.24 -7.40
N GLY A 1 17.69 14.89 0.95
CA GLY A 1 17.75 13.48 0.59
C GLY A 1 18.24 13.30 -0.84
N SER A 2 17.41 12.64 -1.65
CA SER A 2 17.75 12.40 -3.04
C SER A 2 16.56 12.77 -3.93
N SER A 3 15.43 12.12 -3.67
CA SER A 3 14.24 12.35 -4.44
C SER A 3 14.54 12.26 -5.93
N GLY A 4 14.40 11.05 -6.46
CA GLY A 4 14.66 10.81 -7.87
C GLY A 4 13.81 9.67 -8.39
N SER A 5 14.47 8.56 -8.70
CA SER A 5 13.78 7.38 -9.21
C SER A 5 13.18 7.69 -10.58
N SER A 6 12.01 8.31 -10.56
CA SER A 6 11.33 8.66 -11.79
C SER A 6 10.78 7.41 -12.46
N GLY A 7 9.62 6.97 -11.97
CA GLY A 7 8.97 5.79 -12.51
C GLY A 7 7.49 5.75 -12.14
N SER A 8 7.01 4.55 -11.86
CA SER A 8 5.62 4.36 -11.48
C SER A 8 5.32 5.11 -10.19
N THR A 9 4.05 5.46 -10.03
CA THR A 9 3.62 6.18 -8.84
C THR A 9 4.11 5.47 -7.57
N MET A 10 3.67 4.23 -7.42
CA MET A 10 4.06 3.43 -6.27
C MET A 10 4.47 2.03 -6.69
N SER A 11 5.57 1.57 -6.09
CA SER A 11 6.09 0.25 -6.40
C SER A 11 7.24 -0.09 -5.45
N GLY A 12 7.18 -1.30 -4.91
CA GLY A 12 8.21 -1.76 -3.99
C GLY A 12 7.71 -2.95 -3.17
N TYR A 13 8.65 -3.83 -2.83
CA TYR A 13 8.32 -5.01 -2.06
C TYR A 13 7.70 -4.63 -0.71
N LEU A 14 6.59 -5.28 -0.41
CA LEU A 14 5.89 -5.02 0.84
C LEU A 14 5.52 -6.35 1.50
N TYR A 15 5.51 -6.33 2.83
CA TYR A 15 5.17 -7.53 3.58
C TYR A 15 3.69 -7.54 3.96
N ARG A 16 2.95 -8.41 3.30
CA ARG A 16 1.52 -8.53 3.55
C ARG A 16 1.27 -9.58 4.63
N SER A 17 0.54 -9.17 5.65
CA SER A 17 0.22 -10.07 6.76
C SER A 17 -1.29 -10.04 7.03
N LYS A 18 -1.70 -10.87 7.98
CA LYS A 18 -3.11 -10.94 8.34
C LYS A 18 -3.27 -10.59 9.81
N GLY A 19 -2.45 -9.65 10.26
CA GLY A 19 -2.50 -9.21 11.65
C GLY A 19 -1.08 -8.96 12.18
N SER A 20 -0.99 -8.91 13.50
CA SER A 20 0.29 -8.68 14.15
C SER A 20 0.98 -10.01 14.45
N LYS A 21 0.28 -10.84 15.21
CA LYS A 21 0.81 -12.15 15.58
C LYS A 21 0.85 -13.04 14.34
N LYS A 22 0.28 -12.53 13.26
CA LYS A 22 0.24 -13.26 12.01
C LYS A 22 1.58 -13.12 11.29
N PRO A 23 1.87 -14.13 10.42
CA PRO A 23 3.12 -14.13 9.67
C PRO A 23 3.07 -13.11 8.54
N TRP A 24 4.26 -12.71 8.09
CA TRP A 24 4.37 -11.75 7.01
C TRP A 24 4.60 -12.51 5.70
N LYS A 25 4.27 -11.86 4.61
CA LYS A 25 4.43 -12.46 3.30
C LYS A 25 5.09 -11.46 2.35
N HIS A 26 6.25 -11.86 1.83
CA HIS A 26 6.99 -10.99 0.92
C HIS A 26 6.32 -11.01 -0.46
N LEU A 27 5.82 -9.85 -0.85
CA LEU A 27 5.15 -9.72 -2.14
C LEU A 27 5.44 -8.33 -2.72
N TRP A 28 5.06 -8.17 -3.98
CA TRP A 28 5.28 -6.90 -4.65
C TRP A 28 3.90 -6.31 -4.99
N PHE A 29 3.81 -4.99 -4.88
CA PHE A 29 2.58 -4.29 -5.18
C PHE A 29 2.84 -3.00 -5.94
N VAL A 30 1.79 -2.51 -6.59
CA VAL A 30 1.89 -1.28 -7.37
C VAL A 30 0.52 -0.59 -7.40
N ILE A 31 0.55 0.68 -7.78
CA ILE A 31 -0.67 1.46 -7.86
C ILE A 31 -0.78 2.08 -9.25
N LYS A 32 -1.41 1.33 -10.14
CA LYS A 32 -1.59 1.80 -11.51
C LYS A 32 -2.71 2.83 -11.55
N ASN A 33 -3.86 2.39 -12.02
CA ASN A 33 -5.02 3.26 -12.11
C ASN A 33 -5.81 3.20 -10.80
N LYS A 34 -5.18 3.72 -9.75
CA LYS A 34 -5.80 3.73 -8.43
C LYS A 34 -6.19 2.30 -8.04
N VAL A 35 -5.57 1.35 -8.71
CA VAL A 35 -5.84 -0.05 -8.45
C VAL A 35 -4.60 -0.71 -7.84
N LEU A 36 -4.82 -1.45 -6.76
CA LEU A 36 -3.73 -2.12 -6.08
C LEU A 36 -3.51 -3.49 -6.73
N TYR A 37 -2.52 -3.53 -7.62
CA TYR A 37 -2.20 -4.77 -8.31
C TYR A 37 -1.20 -5.60 -7.50
N THR A 38 -1.48 -6.89 -7.44
CA THR A 38 -0.62 -7.81 -6.70
C THR A 38 0.45 -8.39 -7.62
N TYR A 39 1.65 -8.52 -7.07
CA TYR A 39 2.78 -9.05 -7.83
C TYR A 39 3.63 -9.98 -6.96
N ALA A 40 4.76 -10.37 -7.52
CA ALA A 40 5.68 -11.25 -6.81
C ALA A 40 7.11 -10.73 -6.97
N ALA A 41 7.45 -10.38 -8.20
CA ALA A 41 8.77 -9.87 -8.50
C ALA A 41 8.68 -8.38 -8.84
N SER A 42 9.81 -7.72 -8.73
CA SER A 42 9.87 -6.29 -9.00
C SER A 42 9.32 -6.01 -10.40
N GLU A 43 9.77 -6.81 -11.35
CA GLU A 43 9.32 -6.66 -12.73
C GLU A 43 8.67 -7.95 -13.22
N ASP A 44 7.61 -8.35 -12.52
CA ASP A 44 6.89 -9.55 -12.87
C ASP A 44 6.24 -9.38 -14.25
N VAL A 45 6.22 -10.46 -15.00
CA VAL A 45 5.63 -10.44 -16.33
C VAL A 45 4.17 -10.03 -16.23
N ALA A 46 3.55 -10.42 -15.13
CA ALA A 46 2.15 -10.10 -14.90
C ALA A 46 1.89 -10.06 -13.39
N ALA A 47 0.75 -9.46 -13.03
CA ALA A 47 0.37 -9.35 -11.64
C ALA A 47 -0.37 -10.63 -11.21
N LEU A 48 -0.19 -10.98 -9.96
CA LEU A 48 -0.83 -12.17 -9.41
C LEU A 48 -2.34 -11.93 -9.29
N GLU A 49 -2.67 -10.73 -8.84
CA GLU A 49 -4.07 -10.36 -8.66
C GLU A 49 -4.24 -8.85 -8.85
N SER A 50 -5.51 -8.43 -8.89
CA SER A 50 -5.82 -7.02 -9.07
C SER A 50 -7.01 -6.64 -8.18
N GLN A 51 -6.94 -5.43 -7.65
CA GLN A 51 -7.99 -4.93 -6.78
C GLN A 51 -7.97 -3.41 -6.74
N PRO A 52 -9.13 -2.79 -7.05
CA PRO A 52 -9.26 -1.35 -7.05
C PRO A 52 -9.32 -0.80 -5.62
N LEU A 53 -8.51 0.21 -5.38
CA LEU A 53 -8.46 0.83 -4.07
C LEU A 53 -9.77 1.56 -3.80
N LEU A 54 -10.34 2.09 -4.88
CA LEU A 54 -11.61 2.81 -4.77
C LEU A 54 -12.58 2.01 -3.92
N GLY A 55 -12.87 2.54 -2.74
CA GLY A 55 -13.78 1.89 -1.82
C GLY A 55 -13.06 1.47 -0.53
N PHE A 56 -11.84 1.00 -0.70
CA PHE A 56 -11.03 0.57 0.43
C PHE A 56 -10.58 1.77 1.27
N THR A 57 -9.72 1.48 2.24
CA THR A 57 -9.20 2.51 3.11
C THR A 57 -7.83 2.12 3.65
N VAL A 58 -7.16 3.10 4.24
CA VAL A 58 -5.84 2.87 4.80
C VAL A 58 -5.67 3.69 6.08
N THR A 59 -4.76 3.24 6.93
CA THR A 59 -4.51 3.92 8.19
C THR A 59 -3.18 3.44 8.79
N LEU A 60 -2.56 4.33 9.55
CA LEU A 60 -1.30 4.03 10.19
C LEU A 60 -1.54 3.12 11.39
N VAL A 61 -0.63 2.18 11.58
CA VAL A 61 -0.74 1.24 12.69
C VAL A 61 0.54 1.30 13.52
N LYS A 62 0.37 1.07 14.82
CA LYS A 62 1.50 1.09 15.74
C LYS A 62 2.36 -0.15 15.52
N ASP A 63 1.81 -1.28 15.90
CA ASP A 63 2.51 -2.54 15.75
C ASP A 63 3.66 -2.61 16.76
N GLU A 64 4.06 -3.83 17.08
CA GLU A 64 5.14 -4.05 18.03
C GLU A 64 6.48 -4.10 17.30
N ASN A 65 6.40 -4.40 16.01
CA ASN A 65 7.60 -4.48 15.19
C ASN A 65 8.01 -3.09 14.74
N SER A 66 7.03 -2.34 14.24
CA SER A 66 7.29 -0.99 13.78
C SER A 66 6.47 0.00 14.60
N GLU A 67 6.55 1.27 14.21
CA GLU A 67 5.84 2.32 14.91
C GLU A 67 5.04 3.17 13.91
N SER A 68 5.70 3.50 12.81
CA SER A 68 5.07 4.31 11.78
C SER A 68 5.68 3.98 10.41
N LYS A 69 6.04 2.71 10.25
CA LYS A 69 6.63 2.25 9.00
C LYS A 69 5.79 1.11 8.44
N VAL A 70 4.57 1.00 8.94
CA VAL A 70 3.66 -0.05 8.51
C VAL A 70 2.23 0.46 8.60
N PHE A 71 1.44 0.09 7.61
CA PHE A 71 0.04 0.49 7.57
C PHE A 71 -0.88 -0.72 7.35
N GLN A 72 -2.18 -0.45 7.42
CA GLN A 72 -3.16 -1.51 7.24
C GLN A 72 -4.18 -1.09 6.16
N LEU A 73 -4.64 -2.09 5.41
CA LEU A 73 -5.60 -1.84 4.36
C LEU A 73 -7.01 -2.10 4.90
N LEU A 74 -7.67 -1.01 5.28
CA LEU A 74 -9.02 -1.10 5.82
C LEU A 74 -10.02 -1.20 4.67
N HIS A 75 -11.08 -1.95 4.91
CA HIS A 75 -12.10 -2.13 3.90
C HIS A 75 -13.49 -2.04 4.56
N LYS A 76 -14.20 -0.98 4.19
CA LYS A 76 -15.54 -0.77 4.73
C LYS A 76 -15.43 -0.42 6.22
N GLY A 77 -14.19 -0.22 6.66
CA GLY A 77 -13.94 0.11 8.05
C GLY A 77 -13.32 -1.07 8.79
N MET A 78 -13.07 -2.13 8.04
CA MET A 78 -12.48 -3.33 8.61
C MET A 78 -11.15 -3.67 7.93
N VAL A 79 -10.15 -3.93 8.75
CA VAL A 79 -8.83 -4.27 8.25
C VAL A 79 -8.95 -5.44 7.27
N PHE A 80 -8.27 -5.30 6.14
CA PHE A 80 -8.29 -6.34 5.12
C PHE A 80 -6.91 -7.00 4.98
N TYR A 81 -5.88 -6.21 5.25
CA TYR A 81 -4.52 -6.71 5.17
C TYR A 81 -3.53 -5.68 5.74
N VAL A 82 -2.36 -6.18 6.12
CA VAL A 82 -1.32 -5.34 6.67
C VAL A 82 -0.21 -5.14 5.65
N PHE A 83 0.53 -4.06 5.81
CA PHE A 83 1.63 -3.75 4.90
C PHE A 83 2.71 -2.95 5.62
N LYS A 84 3.92 -3.50 5.61
CA LYS A 84 5.05 -2.85 6.24
C LYS A 84 5.92 -2.18 5.17
N ALA A 85 6.49 -1.05 5.53
CA ALA A 85 7.35 -0.31 4.61
C ALA A 85 8.80 -0.48 5.04
N ASP A 86 9.70 -0.26 4.09
CA ASP A 86 11.12 -0.38 4.35
C ASP A 86 11.57 0.76 5.27
N ASP A 87 11.21 1.98 4.86
CA ASP A 87 11.56 3.15 5.64
C ASP A 87 10.28 3.84 6.12
N ALA A 88 10.47 4.94 6.84
CA ALA A 88 9.34 5.69 7.36
C ALA A 88 8.72 6.52 6.23
N HIS A 89 9.55 7.35 5.62
CA HIS A 89 9.09 8.19 4.53
C HIS A 89 8.27 7.35 3.55
N SER A 90 8.77 6.15 3.29
CA SER A 90 8.09 5.24 2.37
C SER A 90 6.64 5.01 2.82
N THR A 91 6.52 4.46 4.02
CA THR A 91 5.20 4.19 4.58
C THR A 91 4.24 5.33 4.26
N GLN A 92 4.68 6.54 4.56
CA GLN A 92 3.87 7.72 4.30
C GLN A 92 3.44 7.76 2.83
N ARG A 93 4.39 7.47 1.96
CA ARG A 93 4.13 7.47 0.54
C ARG A 93 3.02 6.47 0.21
N TRP A 94 3.16 5.27 0.74
CA TRP A 94 2.19 4.22 0.51
C TRP A 94 0.85 4.67 1.11
N ILE A 95 0.93 5.13 2.35
CA ILE A 95 -0.27 5.60 3.05
C ILE A 95 -1.01 6.60 2.16
N ASP A 96 -0.39 7.75 1.96
CA ASP A 96 -0.98 8.79 1.14
C ASP A 96 -1.38 8.20 -0.21
N ALA A 97 -0.52 7.35 -0.73
CA ALA A 97 -0.77 6.71 -2.01
C ALA A 97 -2.10 5.94 -1.93
N PHE A 98 -2.23 5.14 -0.89
CA PHE A 98 -3.43 4.35 -0.69
C PHE A 98 -4.63 5.25 -0.37
N GLN A 99 -4.39 6.19 0.53
CA GLN A 99 -5.44 7.12 0.95
C GLN A 99 -5.91 7.93 -0.25
N GLU A 100 -4.98 8.65 -0.85
CA GLU A 100 -5.29 9.48 -2.01
C GLU A 100 -5.94 8.64 -3.10
N GLY A 101 -5.64 7.34 -3.07
CA GLY A 101 -6.19 6.42 -4.05
C GLY A 101 -7.68 6.17 -3.80
N THR A 102 -7.97 5.76 -2.57
CA THR A 102 -9.34 5.47 -2.19
C THR A 102 -10.23 6.70 -2.45
N VAL A 103 -9.64 7.87 -2.22
CA VAL A 103 -10.35 9.11 -2.42
C VAL A 103 -10.15 9.60 -3.86
N SER A 104 -10.52 10.86 -4.09
CA SER A 104 -10.38 11.45 -5.41
C SER A 104 -9.78 12.85 -5.28
N GLY A 105 -9.18 13.11 -4.13
CA GLY A 105 -8.58 14.41 -3.88
C GLY A 105 -9.64 15.44 -3.47
N PRO A 106 -9.16 16.70 -3.27
CA PRO A 106 -10.05 17.78 -2.88
C PRO A 106 -10.90 18.25 -4.07
N SER A 107 -11.97 17.52 -4.33
CA SER A 107 -12.86 17.85 -5.43
C SER A 107 -12.06 17.99 -6.73
N SER A 108 -11.90 16.87 -7.41
CA SER A 108 -11.16 16.86 -8.66
C SER A 108 -12.11 16.56 -9.83
N GLY A 109 -12.78 15.42 -9.73
CA GLY A 109 -13.71 15.01 -10.77
C GLY A 109 -15.15 15.02 -10.24
N GLY A 1 8.52 15.99 -0.45
CA GLY A 1 9.51 16.21 0.59
C GLY A 1 10.34 17.46 0.30
N SER A 2 11.53 17.23 -0.23
CA SER A 2 12.44 18.32 -0.55
C SER A 2 12.41 18.59 -2.06
N SER A 3 12.75 17.56 -2.82
CA SER A 3 12.76 17.66 -4.26
C SER A 3 13.20 16.33 -4.89
N GLY A 4 13.03 16.24 -6.19
CA GLY A 4 13.40 15.04 -6.92
C GLY A 4 12.22 14.50 -7.72
N SER A 5 12.45 13.38 -8.38
CA SER A 5 11.42 12.75 -9.19
C SER A 5 11.46 11.23 -9.01
N SER A 6 10.44 10.58 -9.53
CA SER A 6 10.34 9.13 -9.44
C SER A 6 9.63 8.57 -10.66
N GLY A 7 8.45 9.10 -10.91
CA GLY A 7 7.66 8.67 -12.05
C GLY A 7 6.38 7.95 -11.59
N SER A 8 6.44 6.63 -11.63
CA SER A 8 5.31 5.82 -11.22
C SER A 8 4.79 6.29 -9.86
N THR A 9 3.52 6.00 -9.61
CA THR A 9 2.89 6.40 -8.36
C THR A 9 3.58 5.70 -7.18
N MET A 10 3.60 4.37 -7.26
CA MET A 10 4.21 3.58 -6.21
C MET A 10 4.43 2.14 -6.67
N SER A 11 5.47 1.52 -6.12
CA SER A 11 5.81 0.16 -6.46
C SER A 11 7.01 -0.31 -5.65
N GLY A 12 7.03 -1.61 -5.37
CA GLY A 12 8.12 -2.19 -4.59
C GLY A 12 7.61 -3.34 -3.72
N TYR A 13 8.55 -4.16 -3.28
CA TYR A 13 8.21 -5.30 -2.43
C TYR A 13 7.71 -4.83 -1.07
N LEU A 14 6.63 -5.44 -0.63
CA LEU A 14 6.04 -5.10 0.65
C LEU A 14 5.66 -6.39 1.39
N TYR A 15 5.65 -6.29 2.72
CA TYR A 15 5.31 -7.43 3.55
C TYR A 15 3.83 -7.41 3.93
N ARG A 16 3.10 -8.39 3.41
CA ARG A 16 1.68 -8.48 3.70
C ARG A 16 1.44 -9.41 4.89
N SER A 17 0.49 -9.00 5.73
CA SER A 17 0.16 -9.76 6.92
C SER A 17 -1.35 -9.71 7.16
N LYS A 18 -1.80 -10.57 8.07
CA LYS A 18 -3.22 -10.63 8.40
C LYS A 18 -3.43 -9.97 9.76
N GLY A 19 -2.49 -9.11 10.13
CA GLY A 19 -2.57 -8.41 11.40
C GLY A 19 -1.29 -8.60 12.22
N SER A 20 -1.42 -8.41 13.52
CA SER A 20 -0.29 -8.57 14.42
C SER A 20 -0.18 -10.02 14.87
N LYS A 21 1.05 -10.43 15.14
CA LYS A 21 1.30 -11.79 15.58
C LYS A 21 1.23 -12.73 14.37
N LYS A 22 0.99 -12.15 13.21
CA LYS A 22 0.89 -12.91 11.99
C LYS A 22 2.21 -12.82 11.23
N PRO A 23 2.46 -13.84 10.37
CA PRO A 23 3.67 -13.88 9.57
C PRO A 23 3.61 -12.88 8.42
N TRP A 24 4.78 -12.43 8.00
CA TRP A 24 4.87 -11.48 6.90
C TRP A 24 5.00 -12.26 5.60
N LYS A 25 4.65 -11.60 4.50
CA LYS A 25 4.73 -12.23 3.19
C LYS A 25 5.35 -11.24 2.20
N HIS A 26 6.47 -11.66 1.63
CA HIS A 26 7.18 -10.82 0.67
C HIS A 26 6.49 -10.92 -0.70
N LEU A 27 5.83 -9.84 -1.07
CA LEU A 27 5.13 -9.80 -2.34
C LEU A 27 5.40 -8.46 -3.02
N TRP A 28 4.99 -8.37 -4.28
CA TRP A 28 5.18 -7.15 -5.05
C TRP A 28 3.81 -6.50 -5.25
N PHE A 29 3.76 -5.21 -4.95
CA PHE A 29 2.53 -4.46 -5.09
C PHE A 29 2.76 -3.16 -5.86
N VAL A 30 1.86 -2.88 -6.79
CA VAL A 30 1.96 -1.67 -7.60
C VAL A 30 0.62 -0.93 -7.55
N ILE A 31 0.70 0.37 -7.77
CA ILE A 31 -0.49 1.21 -7.77
C ILE A 31 -0.71 1.80 -9.16
N LYS A 32 -1.44 1.06 -9.98
CA LYS A 32 -1.72 1.49 -11.33
C LYS A 32 -3.23 1.68 -11.49
N ASN A 33 -3.60 2.73 -12.22
CA ASN A 33 -4.99 3.03 -12.45
C ASN A 33 -5.74 3.06 -11.11
N LYS A 34 -5.09 3.66 -10.12
CA LYS A 34 -5.67 3.76 -8.81
C LYS A 34 -6.12 2.37 -8.33
N VAL A 35 -5.52 1.35 -8.95
CA VAL A 35 -5.84 -0.02 -8.61
C VAL A 35 -4.60 -0.69 -8.02
N LEU A 36 -4.79 -1.29 -6.85
CA LEU A 36 -3.71 -1.97 -6.17
C LEU A 36 -3.56 -3.38 -6.75
N TYR A 37 -2.65 -3.49 -7.71
CA TYR A 37 -2.40 -4.77 -8.36
C TYR A 37 -1.48 -5.65 -7.51
N THR A 38 -1.64 -6.95 -7.66
CA THR A 38 -0.83 -7.90 -6.92
C THR A 38 0.21 -8.54 -7.83
N TYR A 39 1.40 -8.71 -7.29
CA TYR A 39 2.49 -9.31 -8.05
C TYR A 39 3.37 -10.19 -7.15
N ALA A 40 4.43 -10.72 -7.74
CA ALA A 40 5.35 -11.58 -7.01
C ALA A 40 6.78 -11.10 -7.26
N ALA A 41 7.07 -10.86 -8.52
CA ALA A 41 8.40 -10.40 -8.91
C ALA A 41 8.31 -8.96 -9.40
N SER A 42 9.47 -8.32 -9.50
CA SER A 42 9.54 -6.95 -9.95
C SER A 42 9.23 -6.87 -11.45
N GLU A 43 9.89 -7.74 -12.20
CA GLU A 43 9.69 -7.78 -13.64
C GLU A 43 8.78 -8.95 -14.01
N ASP A 44 7.70 -9.08 -13.26
CA ASP A 44 6.74 -10.15 -13.51
C ASP A 44 6.23 -10.05 -14.94
N VAL A 45 5.50 -11.08 -15.35
CA VAL A 45 4.95 -11.12 -16.70
C VAL A 45 3.44 -10.82 -16.63
N ALA A 46 2.90 -10.95 -15.43
CA ALA A 46 1.48 -10.70 -15.22
C ALA A 46 1.22 -10.55 -13.72
N ALA A 47 0.21 -9.75 -13.41
CA ALA A 47 -0.17 -9.50 -12.03
C ALA A 47 -0.95 -10.71 -11.50
N LEU A 48 -0.69 -11.03 -10.24
CA LEU A 48 -1.36 -12.15 -9.60
C LEU A 48 -2.84 -11.81 -9.42
N GLU A 49 -3.09 -10.56 -9.06
CA GLU A 49 -4.46 -10.11 -8.85
C GLU A 49 -4.56 -8.60 -9.12
N SER A 50 -5.79 -8.13 -9.21
CA SER A 50 -6.04 -6.72 -9.46
C SER A 50 -7.25 -6.25 -8.65
N GLN A 51 -7.00 -5.28 -7.79
CA GLN A 51 -8.06 -4.73 -6.96
C GLN A 51 -7.99 -3.20 -6.95
N PRO A 52 -9.18 -2.58 -7.17
CA PRO A 52 -9.27 -1.13 -7.18
C PRO A 52 -9.18 -0.56 -5.77
N LEU A 53 -8.31 0.42 -5.61
CA LEU A 53 -8.12 1.07 -4.33
C LEU A 53 -9.38 1.84 -3.95
N LEU A 54 -10.17 2.16 -4.97
CA LEU A 54 -11.41 2.89 -4.78
C LEU A 54 -12.32 2.09 -3.84
N GLY A 55 -12.77 2.76 -2.80
CA GLY A 55 -13.66 2.13 -1.82
C GLY A 55 -12.88 1.72 -0.57
N PHE A 56 -11.70 1.17 -0.79
CA PHE A 56 -10.86 0.73 0.30
C PHE A 56 -10.42 1.92 1.17
N THR A 57 -9.59 1.61 2.16
CA THR A 57 -9.08 2.65 3.06
C THR A 57 -7.75 2.22 3.65
N VAL A 58 -7.11 3.17 4.33
CA VAL A 58 -5.82 2.91 4.94
C VAL A 58 -5.69 3.74 6.22
N THR A 59 -4.81 3.30 7.09
CA THR A 59 -4.58 3.99 8.35
C THR A 59 -3.27 3.53 8.99
N LEU A 60 -2.57 4.49 9.59
CA LEU A 60 -1.30 4.19 10.23
C LEU A 60 -1.56 3.40 11.51
N VAL A 61 -0.70 2.41 11.73
CA VAL A 61 -0.82 1.56 12.91
C VAL A 61 0.49 1.61 13.70
N LYS A 62 0.35 1.70 15.01
CA LYS A 62 1.51 1.75 15.89
C LYS A 62 2.26 0.42 15.81
N ASP A 63 1.48 -0.66 15.84
CA ASP A 63 2.06 -2.00 15.77
C ASP A 63 3.14 -2.13 16.85
N GLU A 64 3.69 -3.33 16.94
CA GLU A 64 4.73 -3.61 17.92
C GLU A 64 6.07 -3.78 17.22
N ASN A 65 6.01 -4.03 15.92
CA ASN A 65 7.22 -4.21 15.13
C ASN A 65 7.83 -2.85 14.83
N SER A 66 6.97 -1.91 14.48
CA SER A 66 7.41 -0.56 14.15
C SER A 66 6.61 0.46 14.96
N GLU A 67 6.79 1.72 14.61
CA GLU A 67 6.10 2.80 15.30
C GLU A 67 5.18 3.54 14.31
N SER A 68 5.65 3.67 13.08
CA SER A 68 4.88 4.35 12.05
C SER A 68 5.45 4.00 10.67
N LYS A 69 6.00 2.79 10.58
CA LYS A 69 6.57 2.34 9.33
C LYS A 69 5.74 1.18 8.78
N VAL A 70 4.52 1.08 9.30
CA VAL A 70 3.61 0.03 8.87
C VAL A 70 2.18 0.55 8.90
N PHE A 71 1.39 0.10 7.93
CA PHE A 71 0.01 0.52 7.83
C PHE A 71 -0.91 -0.68 7.60
N GLN A 72 -2.21 -0.40 7.55
CA GLN A 72 -3.20 -1.44 7.34
C GLN A 72 -4.13 -1.06 6.19
N LEU A 73 -4.55 -2.08 5.45
CA LEU A 73 -5.44 -1.86 4.33
C LEU A 73 -6.90 -2.03 4.80
N LEU A 74 -7.50 -0.92 5.18
CA LEU A 74 -8.88 -0.94 5.64
C LEU A 74 -9.82 -1.01 4.45
N HIS A 75 -10.99 -1.58 4.69
CA HIS A 75 -11.98 -1.71 3.63
C HIS A 75 -13.37 -1.34 4.18
N LYS A 76 -13.82 -0.17 3.80
CA LYS A 76 -15.13 0.31 4.26
C LYS A 76 -15.03 0.77 5.71
N GLY A 77 -14.56 -0.16 6.55
CA GLY A 77 -14.42 0.13 7.96
C GLY A 77 -13.86 -1.08 8.72
N MET A 78 -12.98 -1.80 8.04
CA MET A 78 -12.36 -2.98 8.62
C MET A 78 -11.03 -3.30 7.95
N VAL A 79 -10.10 -3.82 8.76
CA VAL A 79 -8.79 -4.17 8.25
C VAL A 79 -8.91 -5.38 7.33
N PHE A 80 -8.15 -5.33 6.24
CA PHE A 80 -8.16 -6.41 5.27
C PHE A 80 -6.80 -7.09 5.19
N TYR A 81 -5.76 -6.28 5.34
CA TYR A 81 -4.40 -6.79 5.29
C TYR A 81 -3.41 -5.74 5.78
N VAL A 82 -2.25 -6.23 6.22
CA VAL A 82 -1.21 -5.34 6.72
C VAL A 82 -0.14 -5.16 5.63
N PHE A 83 0.63 -4.09 5.78
CA PHE A 83 1.69 -3.80 4.83
C PHE A 83 2.82 -3.02 5.50
N LYS A 84 4.02 -3.56 5.38
CA LYS A 84 5.19 -2.91 5.96
C LYS A 84 5.87 -2.03 4.91
N ALA A 85 6.65 -1.08 5.39
CA ALA A 85 7.35 -0.16 4.51
C ALA A 85 8.83 -0.12 4.90
N ASP A 86 9.67 0.13 3.90
CA ASP A 86 11.10 0.20 4.14
C ASP A 86 11.37 1.08 5.36
N ASP A 87 11.06 2.36 5.22
CA ASP A 87 11.26 3.30 6.29
C ASP A 87 9.97 4.08 6.54
N ALA A 88 10.04 5.00 7.49
CA ALA A 88 8.89 5.82 7.83
C ALA A 88 8.44 6.60 6.60
N HIS A 89 9.35 7.40 6.08
CA HIS A 89 9.07 8.21 4.91
C HIS A 89 8.26 7.38 3.91
N SER A 90 8.79 6.22 3.57
CA SER A 90 8.13 5.34 2.63
C SER A 90 6.68 5.12 3.05
N THR A 91 6.52 4.58 4.25
CA THR A 91 5.19 4.32 4.79
C THR A 91 4.24 5.45 4.41
N GLN A 92 4.59 6.65 4.84
CA GLN A 92 3.77 7.82 4.55
C GLN A 92 3.37 7.84 3.08
N ARG A 93 4.34 7.54 2.23
CA ARG A 93 4.10 7.52 0.80
C ARG A 93 3.03 6.49 0.45
N TRP A 94 3.27 5.26 0.90
CA TRP A 94 2.34 4.18 0.64
C TRP A 94 0.98 4.56 1.24
N ILE A 95 1.02 4.93 2.51
CA ILE A 95 -0.19 5.33 3.21
C ILE A 95 -1.00 6.29 2.32
N ASP A 96 -0.42 7.45 2.10
CA ASP A 96 -1.08 8.45 1.28
C ASP A 96 -1.44 7.84 -0.07
N ALA A 97 -0.48 7.14 -0.66
CA ALA A 97 -0.70 6.50 -1.94
C ALA A 97 -1.99 5.70 -1.89
N PHE A 98 -2.22 5.06 -0.75
CA PHE A 98 -3.41 4.25 -0.56
C PHE A 98 -4.62 5.14 -0.26
N GLN A 99 -4.38 6.20 0.48
CA GLN A 99 -5.43 7.14 0.84
C GLN A 99 -5.95 7.87 -0.40
N GLU A 100 -5.02 8.50 -1.09
CA GLU A 100 -5.37 9.23 -2.31
C GLU A 100 -5.99 8.29 -3.34
N GLY A 101 -5.54 7.05 -3.32
CA GLY A 101 -6.03 6.06 -4.24
C GLY A 101 -7.54 5.81 -4.04
N THR A 102 -7.87 5.42 -2.81
CA THR A 102 -9.25 5.15 -2.47
C THR A 102 -10.13 6.36 -2.80
N VAL A 103 -9.59 7.54 -2.47
CA VAL A 103 -10.32 8.78 -2.72
C VAL A 103 -9.99 9.27 -4.14
N SER A 104 -10.32 10.53 -4.38
CA SER A 104 -10.07 11.14 -5.67
C SER A 104 -9.28 12.44 -5.50
N GLY A 105 -8.73 12.61 -4.31
CA GLY A 105 -7.96 13.81 -4.01
C GLY A 105 -8.87 14.97 -3.62
N PRO A 106 -8.23 16.11 -3.25
CA PRO A 106 -8.97 17.30 -2.86
C PRO A 106 -9.59 17.98 -4.08
N SER A 107 -8.81 18.03 -5.14
CA SER A 107 -9.26 18.66 -6.37
C SER A 107 -8.50 18.09 -7.57
N SER A 108 -9.21 17.31 -8.37
CA SER A 108 -8.62 16.70 -9.55
C SER A 108 -8.59 17.70 -10.70
N GLY A 109 -9.62 18.55 -10.74
CA GLY A 109 -9.72 19.55 -11.78
C GLY A 109 -9.49 20.95 -11.21
N GLY A 1 6.76 12.75 2.04
CA GLY A 1 7.03 12.01 0.82
C GLY A 1 7.71 12.92 -0.22
N SER A 2 6.93 13.84 -0.75
CA SER A 2 7.45 14.76 -1.75
C SER A 2 7.90 13.99 -2.99
N SER A 3 6.94 13.66 -3.84
CA SER A 3 7.23 12.92 -5.06
C SER A 3 7.02 13.83 -6.27
N GLY A 4 8.08 13.99 -7.04
CA GLY A 4 8.02 14.82 -8.24
C GLY A 4 7.57 14.00 -9.45
N SER A 5 8.55 13.51 -10.19
CA SER A 5 8.26 12.72 -11.37
C SER A 5 9.52 11.97 -11.81
N SER A 6 9.39 10.65 -11.88
CA SER A 6 10.50 9.81 -12.29
C SER A 6 10.00 8.68 -13.20
N GLY A 7 9.08 7.89 -12.65
CA GLY A 7 8.51 6.78 -13.40
C GLY A 7 7.10 6.47 -12.93
N SER A 8 6.96 5.35 -12.23
CA SER A 8 5.66 4.94 -11.73
C SER A 8 5.30 5.77 -10.51
N THR A 9 4.03 5.68 -10.12
CA THR A 9 3.53 6.41 -8.97
C THR A 9 4.07 5.79 -7.68
N MET A 10 3.79 4.50 -7.52
CA MET A 10 4.23 3.79 -6.33
C MET A 10 4.41 2.30 -6.62
N SER A 11 5.50 1.76 -6.13
CA SER A 11 5.81 0.35 -6.32
C SER A 11 7.02 -0.06 -5.48
N GLY A 12 6.97 -1.29 -4.99
CA GLY A 12 8.05 -1.81 -4.17
C GLY A 12 7.58 -2.99 -3.33
N TYR A 13 8.52 -3.86 -3.00
CA TYR A 13 8.22 -5.03 -2.20
C TYR A 13 7.68 -4.64 -0.82
N LEU A 14 6.52 -5.22 -0.49
CA LEU A 14 5.89 -4.94 0.78
C LEU A 14 5.53 -6.25 1.47
N TYR A 15 5.46 -6.19 2.79
CA TYR A 15 5.13 -7.37 3.57
C TYR A 15 3.63 -7.39 3.92
N ARG A 16 2.93 -8.33 3.30
CA ARG A 16 1.50 -8.48 3.53
C ARG A 16 1.24 -9.45 4.69
N SER A 17 0.34 -9.05 5.56
CA SER A 17 -0.01 -9.89 6.70
C SER A 17 -1.51 -9.78 6.99
N LYS A 18 -2.02 -10.80 7.66
CA LYS A 18 -3.43 -10.84 8.00
C LYS A 18 -3.63 -10.30 9.42
N GLY A 19 -2.61 -9.59 9.89
CA GLY A 19 -2.66 -9.03 11.24
C GLY A 19 -1.35 -9.30 11.99
N SER A 20 -1.40 -9.09 13.29
CA SER A 20 -0.23 -9.30 14.14
C SER A 20 -0.07 -10.80 14.43
N LYS A 21 1.06 -11.14 15.03
CA LYS A 21 1.34 -12.51 15.36
C LYS A 21 1.17 -13.39 14.13
N LYS A 22 1.29 -12.75 12.97
CA LYS A 22 1.14 -13.46 11.71
C LYS A 22 2.43 -13.33 10.90
N PRO A 23 2.64 -14.31 9.98
CA PRO A 23 3.83 -14.32 9.15
C PRO A 23 3.72 -13.25 8.04
N TRP A 24 4.83 -12.57 7.82
CA TRP A 24 4.89 -11.53 6.81
C TRP A 24 5.06 -12.21 5.45
N LYS A 25 4.30 -11.72 4.47
CA LYS A 25 4.37 -12.27 3.14
C LYS A 25 5.05 -11.26 2.20
N HIS A 26 6.21 -11.66 1.71
CA HIS A 26 6.97 -10.80 0.81
C HIS A 26 6.37 -10.88 -0.60
N LEU A 27 5.70 -9.81 -0.97
CA LEU A 27 5.08 -9.73 -2.29
C LEU A 27 5.32 -8.35 -2.89
N TRP A 28 5.04 -8.23 -4.18
CA TRP A 28 5.22 -6.97 -4.88
C TRP A 28 3.84 -6.36 -5.12
N PHE A 29 3.77 -5.05 -5.01
CA PHE A 29 2.53 -4.34 -5.20
C PHE A 29 2.74 -3.05 -6.02
N VAL A 30 1.73 -2.69 -6.78
CA VAL A 30 1.79 -1.49 -7.60
C VAL A 30 0.45 -0.75 -7.53
N ILE A 31 0.53 0.55 -7.78
CA ILE A 31 -0.67 1.37 -7.75
C ILE A 31 -0.97 1.87 -9.16
N LYS A 32 -1.83 1.12 -9.86
CA LYS A 32 -2.21 1.47 -11.21
C LYS A 32 -3.73 1.63 -11.28
N ASN A 33 -4.15 2.74 -11.90
CA ASN A 33 -5.56 3.02 -12.04
C ASN A 33 -6.23 2.96 -10.66
N LYS A 34 -5.52 3.48 -9.67
CA LYS A 34 -6.02 3.49 -8.31
C LYS A 34 -6.36 2.06 -7.88
N VAL A 35 -5.70 1.11 -8.51
CA VAL A 35 -5.92 -0.29 -8.21
C VAL A 35 -4.63 -0.90 -7.65
N LEU A 36 -4.78 -1.59 -6.53
CA LEU A 36 -3.64 -2.23 -5.89
C LEU A 36 -3.46 -3.63 -6.46
N TYR A 37 -2.61 -3.72 -7.46
CA TYR A 37 -2.34 -5.00 -8.11
C TYR A 37 -1.35 -5.82 -7.28
N THR A 38 -1.49 -7.14 -7.38
CA THR A 38 -0.63 -8.05 -6.65
C THR A 38 0.47 -8.60 -7.56
N TYR A 39 1.65 -8.74 -7.00
CA TYR A 39 2.79 -9.26 -7.75
C TYR A 39 3.71 -10.08 -6.86
N ALA A 40 4.74 -10.63 -7.47
CA ALA A 40 5.71 -11.44 -6.75
C ALA A 40 7.12 -10.92 -7.03
N ALA A 41 7.38 -10.65 -8.30
CA ALA A 41 8.67 -10.15 -8.71
C ALA A 41 8.54 -8.68 -9.11
N SER A 42 9.63 -7.94 -8.92
CA SER A 42 9.65 -6.53 -9.26
C SER A 42 8.98 -6.31 -10.62
N GLU A 43 9.55 -6.93 -11.64
CA GLU A 43 9.01 -6.81 -12.98
C GLU A 43 8.39 -8.14 -13.43
N ASP A 44 7.49 -8.63 -12.59
CA ASP A 44 6.81 -9.89 -12.88
C ASP A 44 6.17 -9.80 -14.27
N VAL A 45 6.15 -10.95 -14.95
CA VAL A 45 5.57 -11.02 -16.28
C VAL A 45 4.14 -10.48 -16.23
N ALA A 46 3.48 -10.74 -15.12
CA ALA A 46 2.11 -10.30 -14.95
C ALA A 46 1.80 -10.19 -13.44
N ALA A 47 0.60 -9.71 -13.16
CA ALA A 47 0.17 -9.56 -11.78
C ALA A 47 -0.51 -10.85 -11.30
N LEU A 48 -0.32 -11.16 -10.03
CA LEU A 48 -0.90 -12.35 -9.45
C LEU A 48 -2.40 -12.12 -9.23
N GLU A 49 -2.73 -10.93 -8.80
CA GLU A 49 -4.11 -10.57 -8.55
C GLU A 49 -4.32 -9.07 -8.76
N SER A 50 -5.58 -8.67 -8.70
CA SER A 50 -5.94 -7.26 -8.88
C SER A 50 -7.04 -6.87 -7.90
N GLN A 51 -6.82 -5.74 -7.23
CA GLN A 51 -7.79 -5.25 -6.26
C GLN A 51 -7.83 -3.72 -6.30
N PRO A 52 -9.03 -3.19 -6.71
CA PRO A 52 -9.22 -1.76 -6.80
C PRO A 52 -9.38 -1.14 -5.41
N LEU A 53 -8.89 0.08 -5.28
CA LEU A 53 -8.97 0.79 -4.02
C LEU A 53 -10.24 1.65 -4.00
N LEU A 54 -11.31 1.08 -4.53
CA LEU A 54 -12.58 1.78 -4.58
C LEU A 54 -13.37 1.50 -3.29
N GLY A 55 -13.45 2.52 -2.46
CA GLY A 55 -14.16 2.39 -1.19
C GLY A 55 -13.22 1.99 -0.07
N PHE A 56 -12.14 1.32 -0.44
CA PHE A 56 -11.15 0.88 0.53
C PHE A 56 -10.59 2.07 1.31
N THR A 57 -9.69 1.75 2.23
CA THR A 57 -9.08 2.78 3.06
C THR A 57 -7.71 2.30 3.58
N VAL A 58 -6.98 3.24 4.16
CA VAL A 58 -5.67 2.93 4.69
C VAL A 58 -5.45 3.69 6.00
N THR A 59 -4.51 3.21 6.79
CA THR A 59 -4.20 3.83 8.06
C THR A 59 -2.95 3.21 8.68
N LEU A 60 -2.35 3.96 9.59
CA LEU A 60 -1.14 3.48 10.26
C LEU A 60 -1.54 2.47 11.35
N VAL A 61 -0.69 1.46 11.49
CA VAL A 61 -0.93 0.41 12.48
C VAL A 61 0.23 0.39 13.46
N LYS A 62 -0.08 -0.01 14.69
CA LYS A 62 0.92 -0.09 15.74
C LYS A 62 1.23 -1.56 16.03
N ASP A 63 2.37 -2.01 15.53
CA ASP A 63 2.79 -3.39 15.74
C ASP A 63 4.01 -3.42 16.66
N GLU A 64 4.23 -4.58 17.26
CA GLU A 64 5.36 -4.75 18.16
C GLU A 64 6.68 -4.63 17.40
N ASN A 65 6.59 -4.87 16.10
CA ASN A 65 7.77 -4.79 15.25
C ASN A 65 7.86 -3.39 14.64
N SER A 66 6.74 -2.95 14.07
CA SER A 66 6.68 -1.64 13.45
C SER A 66 5.45 -0.88 13.96
N GLU A 67 5.66 0.39 14.25
CA GLU A 67 4.59 1.23 14.74
C GLU A 67 4.70 2.65 14.15
N SER A 68 4.67 2.70 12.82
CA SER A 68 4.77 3.97 12.13
C SER A 68 5.23 3.75 10.69
N LYS A 69 5.94 2.64 10.49
CA LYS A 69 6.45 2.30 9.17
C LYS A 69 5.57 1.19 8.58
N VAL A 70 4.52 0.85 9.30
CA VAL A 70 3.61 -0.20 8.86
C VAL A 70 2.18 0.34 8.89
N PHE A 71 1.42 -0.04 7.86
CA PHE A 71 0.04 0.39 7.76
C PHE A 71 -0.89 -0.79 7.51
N GLN A 72 -2.18 -0.50 7.45
CA GLN A 72 -3.18 -1.53 7.22
C GLN A 72 -4.14 -1.10 6.12
N LEU A 73 -4.56 -2.08 5.33
CA LEU A 73 -5.47 -1.82 4.23
C LEU A 73 -6.92 -2.05 4.71
N LEU A 74 -7.58 -0.96 5.05
CA LEU A 74 -8.95 -1.03 5.52
C LEU A 74 -9.89 -1.11 4.31
N HIS A 75 -11.00 -1.82 4.51
CA HIS A 75 -11.98 -1.98 3.45
C HIS A 75 -13.39 -1.83 4.03
N LYS A 76 -13.92 -0.62 3.89
CA LYS A 76 -15.25 -0.33 4.40
C LYS A 76 -15.16 0.01 5.88
N GLY A 77 -13.95 -0.07 6.41
CA GLY A 77 -13.72 0.23 7.82
C GLY A 77 -12.96 -0.91 8.49
N MET A 78 -13.06 -2.09 7.91
CA MET A 78 -12.39 -3.26 8.45
C MET A 78 -11.03 -3.47 7.78
N VAL A 79 -10.10 -4.01 8.56
CA VAL A 79 -8.77 -4.27 8.05
C VAL A 79 -8.81 -5.47 7.12
N PHE A 80 -8.25 -5.27 5.93
CA PHE A 80 -8.22 -6.33 4.93
C PHE A 80 -6.86 -7.03 4.93
N TYR A 81 -5.82 -6.24 5.11
CA TYR A 81 -4.47 -6.77 5.13
C TYR A 81 -3.49 -5.77 5.74
N VAL A 82 -2.36 -6.29 6.20
CA VAL A 82 -1.34 -5.45 6.81
C VAL A 82 -0.23 -5.19 5.78
N PHE A 83 0.53 -4.13 6.04
CA PHE A 83 1.62 -3.77 5.15
C PHE A 83 2.72 -3.03 5.92
N LYS A 84 3.95 -3.52 5.76
CA LYS A 84 5.08 -2.91 6.43
C LYS A 84 6.01 -2.28 5.37
N ALA A 85 6.39 -1.04 5.64
CA ALA A 85 7.26 -0.32 4.73
C ALA A 85 8.69 -0.32 5.30
N ASP A 86 9.65 -0.19 4.39
CA ASP A 86 11.05 -0.18 4.78
C ASP A 86 11.28 0.93 5.81
N ASP A 87 11.29 2.15 5.32
CA ASP A 87 11.50 3.30 6.19
C ASP A 87 10.15 3.94 6.52
N ALA A 88 10.21 5.01 7.30
CA ALA A 88 9.00 5.71 7.69
C ALA A 88 8.53 6.60 6.53
N HIS A 89 9.45 7.43 6.05
CA HIS A 89 9.15 8.32 4.95
C HIS A 89 8.40 7.56 3.86
N SER A 90 8.81 6.32 3.66
CA SER A 90 8.20 5.48 2.65
C SER A 90 6.74 5.21 3.02
N THR A 91 6.55 4.71 4.22
CA THR A 91 5.20 4.41 4.70
C THR A 91 4.23 5.52 4.29
N GLN A 92 4.61 6.74 4.60
CA GLN A 92 3.78 7.89 4.27
C GLN A 92 3.45 7.90 2.77
N ARG A 93 4.49 7.67 1.98
CA ARG A 93 4.32 7.64 0.54
C ARG A 93 3.27 6.61 0.14
N TRP A 94 3.34 5.45 0.77
CA TRP A 94 2.40 4.38 0.50
C TRP A 94 1.04 4.80 1.05
N ILE A 95 1.05 5.24 2.30
CA ILE A 95 -0.18 5.66 2.96
C ILE A 95 -0.90 6.67 2.05
N ASP A 96 -0.29 7.84 1.92
CA ASP A 96 -0.88 8.89 1.10
C ASP A 96 -1.23 8.31 -0.27
N ALA A 97 -0.33 7.50 -0.79
CA ALA A 97 -0.52 6.88 -2.09
C ALA A 97 -1.85 6.12 -2.09
N PHE A 98 -2.09 5.40 -0.98
CA PHE A 98 -3.30 4.63 -0.84
C PHE A 98 -4.49 5.53 -0.49
N GLN A 99 -4.22 6.50 0.36
CA GLN A 99 -5.25 7.44 0.80
C GLN A 99 -5.78 8.23 -0.40
N GLU A 100 -4.84 8.75 -1.18
CA GLU A 100 -5.19 9.54 -2.36
C GLU A 100 -5.81 8.63 -3.43
N GLY A 101 -5.73 7.33 -3.18
CA GLY A 101 -6.28 6.36 -4.11
C GLY A 101 -7.77 6.15 -3.87
N THR A 102 -8.13 6.08 -2.59
CA THR A 102 -9.52 5.88 -2.21
C THR A 102 -10.32 7.17 -2.43
N VAL A 103 -9.64 8.30 -2.23
CA VAL A 103 -10.27 9.59 -2.39
C VAL A 103 -10.09 10.06 -3.84
N SER A 104 -10.33 11.34 -4.05
CA SER A 104 -10.21 11.92 -5.37
C SER A 104 -9.39 13.21 -5.30
N GLY A 105 -8.76 13.41 -4.16
CA GLY A 105 -7.95 14.60 -3.95
C GLY A 105 -8.67 15.62 -3.06
N PRO A 106 -7.86 16.50 -2.42
CA PRO A 106 -8.41 17.52 -1.54
C PRO A 106 -9.05 18.65 -2.35
N SER A 107 -8.24 19.25 -3.22
CA SER A 107 -8.72 20.33 -4.05
C SER A 107 -9.84 19.84 -4.96
N SER A 108 -10.72 20.78 -5.31
CA SER A 108 -11.85 20.46 -6.18
C SER A 108 -11.58 20.96 -7.60
N GLY A 109 -11.03 20.06 -8.42
CA GLY A 109 -10.72 20.40 -9.80
C GLY A 109 -11.04 19.24 -10.74
N GLY A 1 6.12 12.05 3.08
CA GLY A 1 7.37 11.86 2.36
C GLY A 1 7.15 11.97 0.85
N SER A 2 8.26 12.17 0.14
CA SER A 2 8.20 12.30 -1.31
C SER A 2 9.61 12.55 -1.86
N SER A 3 10.00 11.69 -2.78
CA SER A 3 11.32 11.81 -3.40
C SER A 3 11.17 12.04 -4.91
N GLY A 4 10.51 11.11 -5.56
CA GLY A 4 10.29 11.21 -6.99
C GLY A 4 9.60 9.95 -7.53
N SER A 5 8.40 10.13 -8.03
CA SER A 5 7.62 9.02 -8.58
C SER A 5 7.29 9.30 -10.04
N SER A 6 7.67 8.35 -10.88
CA SER A 6 7.40 8.48 -12.31
C SER A 6 6.91 7.14 -12.87
N GLY A 7 5.85 7.23 -13.67
CA GLY A 7 5.26 6.04 -14.27
C GLY A 7 4.07 5.54 -13.45
N SER A 8 4.39 4.68 -12.48
CA SER A 8 3.36 4.12 -11.63
C SER A 8 3.30 4.89 -10.31
N THR A 9 2.09 5.02 -9.79
CA THR A 9 1.88 5.73 -8.53
C THR A 9 2.86 5.23 -7.47
N MET A 10 2.92 3.92 -7.34
CA MET A 10 3.81 3.30 -6.36
C MET A 10 4.10 1.85 -6.74
N SER A 11 5.26 1.37 -6.29
CA SER A 11 5.68 0.01 -6.56
C SER A 11 6.95 -0.31 -5.78
N GLY A 12 6.86 -1.40 -5.02
CA GLY A 12 8.00 -1.83 -4.20
C GLY A 12 7.60 -2.99 -3.28
N TYR A 13 8.58 -3.84 -3.00
CA TYR A 13 8.34 -4.98 -2.14
C TYR A 13 7.87 -4.53 -0.75
N LEU A 14 6.76 -5.11 -0.32
CA LEU A 14 6.18 -4.79 0.97
C LEU A 14 5.71 -6.07 1.66
N TYR A 15 5.95 -6.13 2.96
CA TYR A 15 5.55 -7.30 3.73
C TYR A 15 4.08 -7.20 4.15
N ARG A 16 3.29 -8.12 3.61
CA ARG A 16 1.87 -8.16 3.92
C ARG A 16 1.57 -9.25 4.95
N SER A 17 0.62 -8.96 5.82
CA SER A 17 0.23 -9.91 6.85
C SER A 17 -1.28 -9.88 7.04
N LYS A 18 -1.77 -10.83 7.83
CA LYS A 18 -3.19 -10.91 8.10
C LYS A 18 -3.49 -10.31 9.48
N GLY A 19 -2.51 -9.55 9.98
CA GLY A 19 -2.65 -8.91 11.27
C GLY A 19 -1.40 -9.12 12.13
N SER A 20 -1.57 -8.96 13.43
CA SER A 20 -0.47 -9.12 14.35
C SER A 20 -0.34 -10.60 14.75
N LYS A 21 0.89 -10.99 15.06
CA LYS A 21 1.18 -12.35 15.44
C LYS A 21 1.29 -13.22 14.19
N LYS A 22 1.03 -12.60 13.05
CA LYS A 22 1.10 -13.29 11.78
C LYS A 22 2.47 -13.05 11.14
N PRO A 23 2.87 -14.00 10.25
CA PRO A 23 4.14 -13.90 9.57
C PRO A 23 4.10 -12.84 8.47
N TRP A 24 5.26 -12.27 8.19
CA TRP A 24 5.37 -11.25 7.16
C TRP A 24 5.70 -11.94 5.84
N LYS A 25 5.10 -11.42 4.78
CA LYS A 25 5.33 -11.97 3.46
C LYS A 25 5.46 -10.83 2.44
N HIS A 26 6.67 -10.63 1.97
CA HIS A 26 6.95 -9.58 1.01
C HIS A 26 6.36 -9.98 -0.36
N LEU A 27 5.85 -8.98 -1.06
CA LEU A 27 5.27 -9.21 -2.37
C LEU A 27 5.45 -7.95 -3.23
N TRP A 28 5.19 -8.11 -4.52
CA TRP A 28 5.31 -7.01 -5.45
C TRP A 28 3.92 -6.39 -5.64
N PHE A 29 3.86 -5.08 -5.43
CA PHE A 29 2.61 -4.36 -5.57
C PHE A 29 2.78 -3.17 -6.52
N VAL A 30 1.71 -2.91 -7.27
CA VAL A 30 1.72 -1.81 -8.22
C VAL A 30 0.35 -1.12 -8.21
N ILE A 31 0.37 0.17 -7.91
CA ILE A 31 -0.87 0.94 -7.87
C ILE A 31 -1.14 1.52 -9.25
N LYS A 32 -1.87 0.75 -10.05
CA LYS A 32 -2.21 1.18 -11.39
C LYS A 32 -3.32 2.23 -11.33
N ASN A 33 -2.90 3.49 -11.37
CA ASN A 33 -3.85 4.59 -11.32
C ASN A 33 -4.50 4.63 -9.94
N LYS A 34 -5.44 3.74 -9.75
CA LYS A 34 -6.15 3.65 -8.48
C LYS A 34 -6.46 2.19 -8.15
N VAL A 35 -5.74 1.30 -8.84
CA VAL A 35 -5.92 -0.11 -8.63
C VAL A 35 -4.63 -0.72 -8.07
N LEU A 36 -4.79 -1.54 -7.05
CA LEU A 36 -3.66 -2.18 -6.41
C LEU A 36 -3.53 -3.62 -6.93
N TYR A 37 -2.67 -3.77 -7.92
CA TYR A 37 -2.44 -5.08 -8.51
C TYR A 37 -1.37 -5.86 -7.74
N THR A 38 -1.62 -7.15 -7.60
CA THR A 38 -0.70 -8.02 -6.89
C THR A 38 0.27 -8.69 -7.87
N TYR A 39 1.47 -8.98 -7.37
CA TYR A 39 2.48 -9.62 -8.19
C TYR A 39 3.38 -10.53 -7.34
N ALA A 40 4.45 -11.00 -7.96
CA ALA A 40 5.38 -11.87 -7.27
C ALA A 40 6.80 -11.30 -7.41
N ALA A 41 7.11 -10.87 -8.62
CA ALA A 41 8.42 -10.29 -8.90
C ALA A 41 8.25 -8.86 -9.41
N SER A 42 9.37 -8.19 -9.57
CA SER A 42 9.37 -6.81 -10.05
C SER A 42 8.80 -6.77 -11.47
N GLU A 43 9.46 -7.50 -12.36
CA GLU A 43 9.04 -7.54 -13.75
C GLU A 43 8.32 -8.86 -14.04
N ASP A 44 7.34 -9.17 -13.19
CA ASP A 44 6.57 -10.39 -13.36
C ASP A 44 6.02 -10.47 -14.78
N VAL A 45 5.39 -11.59 -15.08
CA VAL A 45 4.82 -11.80 -16.40
C VAL A 45 3.31 -11.58 -16.33
N ALA A 46 2.78 -11.59 -15.12
CA ALA A 46 1.35 -11.39 -14.92
C ALA A 46 1.09 -11.14 -13.43
N ALA A 47 0.12 -10.29 -13.17
CA ALA A 47 -0.25 -9.97 -11.79
C ALA A 47 -0.95 -11.17 -11.16
N LEU A 48 -0.63 -11.38 -9.88
CA LEU A 48 -1.22 -12.49 -9.15
C LEU A 48 -2.70 -12.20 -8.90
N GLU A 49 -2.99 -10.95 -8.60
CA GLU A 49 -4.35 -10.53 -8.33
C GLU A 49 -4.52 -9.04 -8.65
N SER A 50 -5.78 -8.62 -8.66
CA SER A 50 -6.09 -7.22 -8.94
C SER A 50 -7.25 -6.76 -8.06
N GLN A 51 -7.03 -5.65 -7.37
CA GLN A 51 -8.04 -5.10 -6.49
C GLN A 51 -7.99 -3.57 -6.52
N PRO A 52 -9.15 -2.95 -6.85
CA PRO A 52 -9.24 -1.50 -6.91
C PRO A 52 -9.27 -0.89 -5.51
N LEU A 53 -8.72 0.31 -5.40
CA LEU A 53 -8.68 1.01 -4.14
C LEU A 53 -9.89 1.92 -4.02
N LEU A 54 -10.98 1.49 -4.65
CA LEU A 54 -12.22 2.26 -4.62
C LEU A 54 -13.03 1.86 -3.39
N GLY A 55 -13.18 2.80 -2.49
CA GLY A 55 -13.93 2.57 -1.26
C GLY A 55 -13.00 2.17 -0.12
N PHE A 56 -11.95 1.45 -0.47
CA PHE A 56 -10.98 1.00 0.52
C PHE A 56 -10.48 2.17 1.36
N THR A 57 -9.59 1.86 2.29
CA THR A 57 -9.03 2.88 3.16
C THR A 57 -7.65 2.44 3.67
N VAL A 58 -6.97 3.37 4.33
CA VAL A 58 -5.66 3.09 4.87
C VAL A 58 -5.48 3.83 6.19
N THR A 59 -4.66 3.25 7.06
CA THR A 59 -4.41 3.85 8.36
C THR A 59 -3.09 3.33 8.93
N LEU A 60 -2.51 4.13 9.82
CA LEU A 60 -1.25 3.76 10.45
C LEU A 60 -1.53 2.90 11.69
N VAL A 61 -0.65 1.93 11.90
CA VAL A 61 -0.79 1.04 13.04
C VAL A 61 0.49 1.11 13.89
N LYS A 62 0.29 1.08 15.21
CA LYS A 62 1.41 1.14 16.13
C LYS A 62 2.18 -0.17 16.06
N ASP A 63 1.45 -1.25 15.85
CA ASP A 63 2.06 -2.57 15.77
C ASP A 63 2.96 -2.79 16.99
N GLU A 64 3.53 -3.99 17.04
CA GLU A 64 4.41 -4.35 18.14
C GLU A 64 5.86 -4.40 17.66
N ASN A 65 6.02 -4.49 16.34
CA ASN A 65 7.34 -4.55 15.75
C ASN A 65 7.84 -3.13 15.47
N SER A 66 7.03 -2.39 14.74
CA SER A 66 7.37 -1.02 14.39
C SER A 66 6.53 -0.05 15.21
N GLU A 67 6.60 1.22 14.81
CA GLU A 67 5.85 2.26 15.51
C GLU A 67 5.07 3.11 14.50
N SER A 68 5.76 3.46 13.41
CA SER A 68 5.14 4.26 12.38
C SER A 68 5.70 3.86 11.01
N LYS A 69 6.06 2.60 10.90
CA LYS A 69 6.61 2.09 9.65
C LYS A 69 5.76 0.89 9.18
N VAL A 70 4.51 0.89 9.61
CA VAL A 70 3.60 -0.19 9.25
C VAL A 70 2.18 0.37 9.19
N PHE A 71 1.43 -0.10 8.19
CA PHE A 71 0.06 0.33 8.01
C PHE A 71 -0.86 -0.85 7.71
N GLN A 72 -2.14 -0.54 7.57
CA GLN A 72 -3.13 -1.58 7.29
C GLN A 72 -4.05 -1.12 6.17
N LEU A 73 -4.49 -2.08 5.37
CA LEU A 73 -5.38 -1.79 4.25
C LEU A 73 -6.82 -2.00 4.70
N LEU A 74 -7.47 -0.89 5.03
CA LEU A 74 -8.85 -0.93 5.48
C LEU A 74 -9.77 -1.00 4.26
N HIS A 75 -10.89 -1.69 4.45
CA HIS A 75 -11.86 -1.85 3.38
C HIS A 75 -13.28 -1.66 3.94
N LYS A 76 -13.88 -0.54 3.56
CA LYS A 76 -15.23 -0.24 4.02
C LYS A 76 -15.20 0.04 5.51
N GLY A 77 -14.00 0.13 6.05
CA GLY A 77 -13.82 0.39 7.47
C GLY A 77 -13.19 -0.82 8.17
N MET A 78 -13.27 -1.95 7.51
CA MET A 78 -12.72 -3.19 8.06
C MET A 78 -11.35 -3.48 7.46
N VAL A 79 -10.41 -3.83 8.34
CA VAL A 79 -9.06 -4.14 7.92
C VAL A 79 -9.10 -5.29 6.91
N PHE A 80 -8.29 -5.15 5.87
CA PHE A 80 -8.21 -6.16 4.83
C PHE A 80 -6.89 -6.92 4.90
N TYR A 81 -5.83 -6.18 5.18
CA TYR A 81 -4.51 -6.77 5.27
C TYR A 81 -3.49 -5.76 5.83
N VAL A 82 -2.33 -6.28 6.19
CA VAL A 82 -1.28 -5.44 6.75
C VAL A 82 -0.22 -5.21 5.67
N PHE A 83 0.59 -4.18 5.89
CA PHE A 83 1.65 -3.85 4.96
C PHE A 83 2.79 -3.11 5.67
N LYS A 84 3.99 -3.64 5.49
CA LYS A 84 5.17 -3.04 6.10
C LYS A 84 6.00 -2.36 5.02
N ALA A 85 6.54 -1.20 5.38
CA ALA A 85 7.36 -0.44 4.46
C ALA A 85 8.82 -0.53 4.89
N ASP A 86 9.71 -0.31 3.93
CA ASP A 86 11.14 -0.37 4.19
C ASP A 86 11.47 0.56 5.36
N ASP A 87 11.17 1.83 5.17
CA ASP A 87 11.43 2.83 6.19
C ASP A 87 10.12 3.53 6.55
N ALA A 88 10.24 4.51 7.44
CA ALA A 88 9.08 5.27 7.87
C ALA A 88 8.57 6.14 6.73
N HIS A 89 9.45 7.02 6.27
CA HIS A 89 9.11 7.92 5.18
C HIS A 89 8.29 7.16 4.12
N SER A 90 8.71 5.93 3.88
CA SER A 90 8.03 5.08 2.91
C SER A 90 6.58 4.86 3.34
N THR A 91 6.44 4.35 4.55
CA THR A 91 5.11 4.08 5.09
C THR A 91 4.13 5.17 4.66
N GLN A 92 4.50 6.41 4.95
CA GLN A 92 3.66 7.54 4.61
C GLN A 92 3.41 7.56 3.09
N ARG A 93 4.48 7.42 2.34
CA ARG A 93 4.39 7.42 0.89
C ARG A 93 3.34 6.42 0.42
N TRP A 94 3.44 5.20 0.95
CA TRP A 94 2.51 4.15 0.61
C TRP A 94 1.12 4.56 1.12
N ILE A 95 1.08 4.93 2.39
CA ILE A 95 -0.17 5.34 3.00
C ILE A 95 -0.85 6.40 2.12
N ASP A 96 -0.20 7.55 2.04
CA ASP A 96 -0.72 8.64 1.23
C ASP A 96 -1.01 8.15 -0.18
N ALA A 97 -0.13 7.28 -0.67
CA ALA A 97 -0.29 6.72 -2.00
C ALA A 97 -1.60 5.91 -2.05
N PHE A 98 -1.96 5.35 -0.92
CA PHE A 98 -3.17 4.55 -0.83
C PHE A 98 -4.38 5.43 -0.55
N GLN A 99 -4.14 6.51 0.19
CA GLN A 99 -5.21 7.43 0.53
C GLN A 99 -5.65 8.20 -0.71
N GLU A 100 -4.69 8.85 -1.35
CA GLU A 100 -4.97 9.62 -2.55
C GLU A 100 -5.90 8.83 -3.48
N GLY A 101 -5.64 7.53 -3.56
CA GLY A 101 -6.45 6.66 -4.40
C GLY A 101 -7.91 6.68 -3.98
N THR A 102 -8.16 6.17 -2.78
CA THR A 102 -9.50 6.12 -2.24
C THR A 102 -10.17 7.49 -2.35
N VAL A 103 -9.41 8.52 -2.00
CA VAL A 103 -9.91 9.88 -2.05
C VAL A 103 -9.78 10.41 -3.48
N SER A 104 -9.84 11.73 -3.60
CA SER A 104 -9.72 12.37 -4.89
C SER A 104 -8.65 13.46 -4.85
N GLY A 105 -7.87 13.43 -3.79
CA GLY A 105 -6.79 14.39 -3.60
C GLY A 105 -7.35 15.72 -3.06
N PRO A 106 -6.53 16.79 -3.24
CA PRO A 106 -6.92 18.12 -2.78
C PRO A 106 -7.98 18.72 -3.70
N SER A 107 -8.63 19.76 -3.19
CA SER A 107 -9.66 20.44 -3.96
C SER A 107 -9.13 21.80 -4.45
N SER A 108 -8.86 21.87 -5.74
CA SER A 108 -8.36 23.09 -6.34
C SER A 108 -9.52 23.95 -6.81
N GLY A 109 -10.35 23.38 -7.68
CA GLY A 109 -11.49 24.10 -8.20
C GLY A 109 -12.23 24.84 -7.09
N GLY A 1 1.87 17.54 0.57
CA GLY A 1 3.21 17.58 0.00
C GLY A 1 4.16 16.67 0.77
N SER A 2 4.97 15.93 0.02
CA SER A 2 5.93 15.02 0.61
C SER A 2 7.15 14.88 -0.29
N SER A 3 6.89 14.47 -1.52
CA SER A 3 7.96 14.29 -2.49
C SER A 3 7.37 13.89 -3.84
N GLY A 4 8.22 13.93 -4.86
CA GLY A 4 7.80 13.58 -6.21
C GLY A 4 7.95 12.08 -6.45
N SER A 5 7.77 11.69 -7.71
CA SER A 5 7.88 10.29 -8.08
C SER A 5 8.69 10.16 -9.38
N SER A 6 9.71 9.34 -9.31
CA SER A 6 10.57 9.12 -10.46
C SER A 6 10.16 7.83 -11.17
N GLY A 7 9.15 7.95 -12.02
CA GLY A 7 8.65 6.81 -12.77
C GLY A 7 7.24 6.43 -12.31
N SER A 8 7.10 5.16 -11.96
CA SER A 8 5.81 4.65 -11.51
C SER A 8 5.33 5.45 -10.30
N THR A 9 4.02 5.54 -10.17
CA THR A 9 3.41 6.27 -9.07
C THR A 9 3.84 5.66 -7.73
N MET A 10 3.53 4.38 -7.57
CA MET A 10 3.87 3.68 -6.35
C MET A 10 4.13 2.19 -6.63
N SER A 11 5.31 1.75 -6.23
CA SER A 11 5.70 0.37 -6.44
C SER A 11 6.86 0.01 -5.51
N GLY A 12 7.04 -1.28 -5.31
CA GLY A 12 8.11 -1.78 -4.45
C GLY A 12 7.65 -2.97 -3.63
N TYR A 13 8.61 -3.65 -3.03
CA TYR A 13 8.32 -4.82 -2.20
C TYR A 13 7.73 -4.40 -0.86
N LEU A 14 6.63 -5.05 -0.51
CA LEU A 14 5.95 -4.76 0.75
C LEU A 14 5.64 -6.06 1.46
N TYR A 15 5.58 -5.99 2.78
CA TYR A 15 5.29 -7.16 3.59
C TYR A 15 3.81 -7.19 3.98
N ARG A 16 3.12 -8.20 3.49
CA ARG A 16 1.70 -8.37 3.78
C ARG A 16 1.50 -9.41 4.87
N SER A 17 1.04 -8.93 6.03
CA SER A 17 0.80 -9.81 7.16
C SER A 17 -0.70 -10.00 7.36
N LYS A 18 -1.03 -10.98 8.20
CA LYS A 18 -2.43 -11.27 8.49
C LYS A 18 -2.73 -10.87 9.94
N GLY A 19 -2.03 -9.86 10.40
CA GLY A 19 -2.20 -9.38 11.77
C GLY A 19 -0.95 -8.66 12.26
N SER A 20 -0.61 -8.94 13.51
CA SER A 20 0.57 -8.33 14.12
C SER A 20 1.70 -9.35 14.22
N LYS A 21 1.52 -10.30 15.12
CA LYS A 21 2.52 -11.33 15.33
C LYS A 21 2.41 -12.36 14.20
N LYS A 22 1.51 -12.08 13.27
CA LYS A 22 1.30 -12.97 12.14
C LYS A 22 2.52 -12.91 11.21
N PRO A 23 2.71 -14.01 10.44
CA PRO A 23 3.82 -14.09 9.50
C PRO A 23 3.58 -13.21 8.28
N TRP A 24 4.54 -12.34 8.02
CA TRP A 24 4.44 -11.44 6.88
C TRP A 24 4.59 -12.27 5.60
N LYS A 25 4.25 -11.65 4.49
CA LYS A 25 4.34 -12.33 3.20
C LYS A 25 4.96 -11.37 2.17
N HIS A 26 6.20 -11.65 1.81
CA HIS A 26 6.91 -10.82 0.84
C HIS A 26 6.24 -10.95 -0.52
N LEU A 27 5.60 -9.85 -0.93
CA LEU A 27 4.92 -9.83 -2.22
C LEU A 27 5.21 -8.50 -2.92
N TRP A 28 4.86 -8.45 -4.19
CA TRP A 28 5.07 -7.25 -4.98
C TRP A 28 3.72 -6.59 -5.22
N PHE A 29 3.71 -5.26 -5.13
CA PHE A 29 2.50 -4.50 -5.34
C PHE A 29 2.76 -3.27 -6.21
N VAL A 30 1.70 -2.83 -6.88
CA VAL A 30 1.80 -1.66 -7.75
C VAL A 30 0.46 -0.94 -7.78
N ILE A 31 0.54 0.39 -7.79
CA ILE A 31 -0.67 1.20 -7.82
C ILE A 31 -0.85 1.77 -9.23
N LYS A 32 -1.70 1.10 -10.00
CA LYS A 32 -1.97 1.52 -11.36
C LYS A 32 -3.48 1.76 -11.52
N ASN A 33 -3.81 2.86 -12.19
CA ASN A 33 -5.20 3.20 -12.41
C ASN A 33 -5.94 3.25 -11.08
N LYS A 34 -5.22 3.68 -10.06
CA LYS A 34 -5.79 3.77 -8.72
C LYS A 34 -6.19 2.38 -8.24
N VAL A 35 -5.58 1.38 -8.85
CA VAL A 35 -5.86 0.00 -8.49
C VAL A 35 -4.60 -0.64 -7.90
N LEU A 36 -4.79 -1.29 -6.75
CA LEU A 36 -3.69 -1.94 -6.07
C LEU A 36 -3.54 -3.37 -6.61
N TYR A 37 -2.70 -3.50 -7.62
CA TYR A 37 -2.46 -4.80 -8.22
C TYR A 37 -1.48 -5.63 -7.38
N THR A 38 -1.71 -6.93 -7.38
CA THR A 38 -0.87 -7.84 -6.62
C THR A 38 0.14 -8.52 -7.54
N TYR A 39 1.25 -8.95 -6.95
CA TYR A 39 2.29 -9.62 -7.71
C TYR A 39 3.16 -10.49 -6.79
N ALA A 40 4.18 -11.09 -7.38
CA ALA A 40 5.08 -11.95 -6.64
C ALA A 40 6.52 -11.45 -6.82
N ALA A 41 6.85 -11.14 -8.06
CA ALA A 41 8.18 -10.65 -8.38
C ALA A 41 8.07 -9.34 -9.16
N SER A 42 9.13 -8.55 -9.10
CA SER A 42 9.16 -7.28 -9.79
C SER A 42 9.07 -7.50 -11.31
N GLU A 43 9.80 -8.52 -11.76
CA GLU A 43 9.80 -8.84 -13.18
C GLU A 43 8.70 -9.86 -13.49
N ASP A 44 7.63 -9.79 -12.72
CA ASP A 44 6.51 -10.70 -12.91
C ASP A 44 6.03 -10.61 -14.36
N VAL A 45 5.22 -11.60 -14.73
CA VAL A 45 4.68 -11.65 -16.08
C VAL A 45 3.21 -11.25 -16.05
N ALA A 46 2.63 -11.33 -14.86
CA ALA A 46 1.23 -10.98 -14.68
C ALA A 46 0.95 -10.78 -13.20
N ALA A 47 -0.07 -9.97 -12.92
CA ALA A 47 -0.46 -9.70 -11.55
C ALA A 47 -1.26 -10.88 -10.99
N LEU A 48 -0.96 -11.23 -9.76
CA LEU A 48 -1.64 -12.33 -9.09
C LEU A 48 -3.11 -11.96 -8.89
N GLU A 49 -3.32 -10.71 -8.51
CA GLU A 49 -4.67 -10.22 -8.28
C GLU A 49 -4.76 -8.73 -8.60
N SER A 50 -5.99 -8.24 -8.68
CA SER A 50 -6.22 -6.84 -8.98
C SER A 50 -7.41 -6.32 -8.16
N GLN A 51 -7.12 -5.30 -7.36
CA GLN A 51 -8.14 -4.70 -6.52
C GLN A 51 -8.07 -3.17 -6.61
N PRO A 52 -9.24 -2.56 -6.95
CA PRO A 52 -9.32 -1.11 -7.07
C PRO A 52 -9.34 -0.45 -5.69
N LEU A 53 -8.38 0.43 -5.48
CA LEU A 53 -8.27 1.13 -4.21
C LEU A 53 -9.59 1.85 -3.92
N LEU A 54 -10.31 2.14 -4.99
CA LEU A 54 -11.59 2.83 -4.86
C LEU A 54 -12.51 2.02 -3.96
N GLY A 55 -12.84 2.61 -2.82
CA GLY A 55 -13.71 1.96 -1.86
C GLY A 55 -12.93 1.55 -0.61
N PHE A 56 -11.68 1.15 -0.82
CA PHE A 56 -10.83 0.74 0.26
C PHE A 56 -10.31 1.95 1.05
N THR A 57 -9.50 1.66 2.06
CA THR A 57 -8.94 2.70 2.89
C THR A 57 -7.60 2.25 3.48
N VAL A 58 -6.96 3.18 4.18
CA VAL A 58 -5.67 2.89 4.79
C VAL A 58 -5.55 3.68 6.10
N THR A 59 -4.68 3.18 6.97
CA THR A 59 -4.46 3.81 8.26
C THR A 59 -3.14 3.34 8.87
N LEU A 60 -2.57 4.20 9.69
CA LEU A 60 -1.30 3.88 10.35
C LEU A 60 -1.57 2.93 11.52
N VAL A 61 -0.65 2.01 11.72
CA VAL A 61 -0.77 1.04 12.79
C VAL A 61 0.48 1.11 13.68
N LYS A 62 0.26 0.93 14.97
CA LYS A 62 1.35 0.96 15.93
C LYS A 62 2.13 -0.35 15.85
N ASP A 63 1.42 -1.44 16.10
CA ASP A 63 2.04 -2.76 16.07
C ASP A 63 3.06 -2.87 17.18
N GLU A 64 3.52 -4.08 17.41
CA GLU A 64 4.50 -4.34 18.45
C GLU A 64 5.91 -4.35 17.86
N ASN A 65 5.97 -4.59 16.56
CA ASN A 65 7.24 -4.64 15.86
C ASN A 65 7.61 -3.22 15.38
N SER A 66 6.70 -2.64 14.61
CA SER A 66 6.92 -1.30 14.08
C SER A 66 6.25 -0.28 14.99
N GLU A 67 6.32 0.98 14.57
CA GLU A 67 5.73 2.07 15.33
C GLU A 67 4.94 2.99 14.41
N SER A 68 5.55 3.32 13.29
CA SER A 68 4.92 4.19 12.31
C SER A 68 5.52 3.95 10.92
N LYS A 69 5.91 2.70 10.68
CA LYS A 69 6.49 2.33 9.42
C LYS A 69 5.69 1.17 8.80
N VAL A 70 4.42 1.11 9.20
CA VAL A 70 3.54 0.07 8.71
C VAL A 70 2.09 0.57 8.75
N PHE A 71 1.31 0.08 7.80
CA PHE A 71 -0.09 0.47 7.72
C PHE A 71 -0.98 -0.74 7.41
N GLN A 72 -2.28 -0.50 7.45
CA GLN A 72 -3.24 -1.55 7.18
C GLN A 72 -4.21 -1.12 6.07
N LEU A 73 -4.60 -2.10 5.27
CA LEU A 73 -5.52 -1.83 4.17
C LEU A 73 -6.95 -2.12 4.62
N LEU A 74 -7.64 -1.04 5.00
CA LEU A 74 -9.01 -1.16 5.45
C LEU A 74 -9.94 -1.27 4.24
N HIS A 75 -11.01 -2.03 4.42
CA HIS A 75 -11.97 -2.23 3.35
C HIS A 75 -13.40 -2.14 3.92
N LYS A 76 -13.97 -0.95 3.83
CA LYS A 76 -15.31 -0.73 4.33
C LYS A 76 -15.25 -0.48 5.84
N GLY A 77 -14.05 -0.24 6.32
CA GLY A 77 -13.84 0.01 7.74
C GLY A 77 -13.09 -1.15 8.39
N MET A 78 -13.21 -2.32 7.79
CA MET A 78 -12.55 -3.50 8.31
C MET A 78 -11.14 -3.64 7.72
N VAL A 79 -10.24 -4.13 8.56
CA VAL A 79 -8.86 -4.32 8.14
C VAL A 79 -8.76 -5.54 7.23
N PHE A 80 -8.04 -5.37 6.12
CA PHE A 80 -7.87 -6.44 5.16
C PHE A 80 -6.53 -7.14 5.36
N TYR A 81 -5.48 -6.32 5.48
CA TYR A 81 -4.15 -6.84 5.67
C TYR A 81 -3.22 -5.78 6.28
N VAL A 82 -2.01 -6.21 6.60
CA VAL A 82 -1.04 -5.31 7.18
C VAL A 82 0.15 -5.14 6.22
N PHE A 83 0.38 -3.89 5.84
CA PHE A 83 1.46 -3.59 4.93
C PHE A 83 2.56 -2.77 5.62
N LYS A 84 3.76 -3.30 5.60
CA LYS A 84 4.89 -2.62 6.21
C LYS A 84 5.75 -1.96 5.14
N ALA A 85 6.23 -0.78 5.45
CA ALA A 85 7.07 -0.03 4.52
C ALA A 85 8.52 -0.08 5.00
N ASP A 86 9.43 -0.02 4.03
CA ASP A 86 10.85 -0.05 4.33
C ASP A 86 11.13 0.84 5.53
N ASP A 87 11.04 2.15 5.30
CA ASP A 87 11.28 3.11 6.36
C ASP A 87 10.00 3.90 6.62
N ALA A 88 10.11 4.88 7.50
CA ALA A 88 8.97 5.71 7.85
C ALA A 88 8.47 6.44 6.61
N HIS A 89 9.40 7.13 5.96
CA HIS A 89 9.06 7.87 4.76
C HIS A 89 8.20 7.00 3.84
N SER A 90 8.75 5.86 3.47
CA SER A 90 8.05 4.94 2.60
C SER A 90 6.60 4.78 3.07
N THR A 91 6.46 4.39 4.33
CA THR A 91 5.14 4.20 4.91
C THR A 91 4.21 5.35 4.53
N GLN A 92 4.59 6.54 4.98
CA GLN A 92 3.81 7.74 4.68
C GLN A 92 3.38 7.74 3.22
N ARG A 93 4.38 7.69 2.34
CA ARG A 93 4.11 7.70 0.91
C ARG A 93 3.03 6.69 0.57
N TRP A 94 3.34 5.42 0.81
CA TRP A 94 2.40 4.34 0.52
C TRP A 94 1.04 4.74 1.12
N ILE A 95 1.08 5.08 2.41
CA ILE A 95 -0.14 5.48 3.10
C ILE A 95 -0.91 6.47 2.24
N ASP A 96 -0.26 7.59 1.95
CA ASP A 96 -0.88 8.63 1.14
C ASP A 96 -1.29 8.04 -0.21
N ALA A 97 -0.38 7.29 -0.80
CA ALA A 97 -0.63 6.66 -2.09
C ALA A 97 -1.90 5.81 -1.99
N PHE A 98 -2.09 5.21 -0.82
CA PHE A 98 -3.25 4.38 -0.58
C PHE A 98 -4.48 5.22 -0.24
N GLN A 99 -4.22 6.39 0.34
CA GLN A 99 -5.28 7.30 0.72
C GLN A 99 -5.80 8.06 -0.51
N GLU A 100 -4.86 8.71 -1.19
CA GLU A 100 -5.19 9.48 -2.38
C GLU A 100 -5.84 8.57 -3.43
N GLY A 101 -5.36 7.34 -3.47
CA GLY A 101 -5.88 6.37 -4.42
C GLY A 101 -7.33 6.03 -4.13
N THR A 102 -7.61 5.75 -2.86
CA THR A 102 -8.95 5.41 -2.43
C THR A 102 -9.89 6.61 -2.65
N VAL A 103 -9.37 7.79 -2.33
CA VAL A 103 -10.15 9.01 -2.48
C VAL A 103 -10.01 9.52 -3.92
N SER A 104 -10.36 10.79 -4.10
CA SER A 104 -10.29 11.40 -5.41
C SER A 104 -9.87 12.88 -5.27
N GLY A 105 -9.33 13.19 -4.10
CA GLY A 105 -8.89 14.55 -3.83
C GLY A 105 -7.88 15.03 -4.87
N PRO A 106 -7.33 16.24 -4.62
CA PRO A 106 -6.35 16.81 -5.54
C PRO A 106 -4.99 16.12 -5.40
N SER A 107 -4.66 15.32 -6.41
CA SER A 107 -3.41 14.59 -6.40
C SER A 107 -2.33 15.43 -7.09
N SER A 108 -2.58 15.76 -8.35
CA SER A 108 -1.65 16.55 -9.13
C SER A 108 -0.36 15.75 -9.37
N GLY A 109 -0.39 14.95 -10.42
CA GLY A 109 0.76 14.14 -10.76
C GLY A 109 0.34 12.68 -11.02
N GLY A 1 8.12 17.37 4.48
CA GLY A 1 7.83 17.21 3.07
C GLY A 1 9.10 16.87 2.29
N SER A 2 8.97 15.89 1.41
CA SER A 2 10.08 15.45 0.59
C SER A 2 9.58 14.70 -0.64
N SER A 3 10.43 14.64 -1.65
CA SER A 3 10.08 13.95 -2.88
C SER A 3 11.30 13.23 -3.45
N GLY A 4 11.05 12.38 -4.42
CA GLY A 4 12.13 11.62 -5.06
C GLY A 4 11.72 11.16 -6.46
N SER A 5 12.69 10.59 -7.16
CA SER A 5 12.45 10.11 -8.51
C SER A 5 11.82 8.71 -8.46
N SER A 6 10.87 8.49 -9.36
CA SER A 6 10.19 7.21 -9.43
C SER A 6 9.24 7.19 -10.63
N GLY A 7 9.34 6.14 -11.41
CA GLY A 7 8.51 5.99 -12.59
C GLY A 7 7.06 5.69 -12.19
N SER A 8 6.76 4.41 -12.02
CA SER A 8 5.43 3.98 -11.65
C SER A 8 4.93 4.81 -10.46
N THR A 9 3.63 5.03 -10.43
CA THR A 9 3.02 5.79 -9.35
C THR A 9 3.65 5.42 -8.01
N MET A 10 3.50 4.15 -7.66
CA MET A 10 4.05 3.65 -6.41
C MET A 10 4.29 2.14 -6.48
N SER A 11 5.54 1.77 -6.30
CA SER A 11 5.93 0.37 -6.34
C SER A 11 7.05 0.10 -5.33
N GLY A 12 7.12 -1.15 -4.90
CA GLY A 12 8.14 -1.54 -3.94
C GLY A 12 7.67 -2.72 -3.09
N TYR A 13 8.57 -3.68 -2.90
CA TYR A 13 8.26 -4.85 -2.11
C TYR A 13 7.66 -4.47 -0.76
N LEU A 14 6.59 -5.15 -0.39
CA LEU A 14 5.92 -4.89 0.87
C LEU A 14 5.57 -6.21 1.54
N TYR A 15 5.42 -6.16 2.86
CA TYR A 15 5.09 -7.34 3.63
C TYR A 15 3.59 -7.39 3.94
N ARG A 16 2.94 -8.39 3.37
CA ARG A 16 1.51 -8.57 3.58
C ARG A 16 1.25 -9.50 4.76
N SER A 17 0.28 -9.12 5.57
CA SER A 17 -0.08 -9.92 6.74
C SER A 17 -1.59 -9.87 6.96
N LYS A 18 -2.08 -10.84 7.72
CA LYS A 18 -3.50 -10.92 8.02
C LYS A 18 -3.71 -10.70 9.52
N GLY A 19 -2.97 -9.74 10.05
CA GLY A 19 -3.07 -9.42 11.47
C GLY A 19 -1.68 -9.24 12.08
N SER A 20 -1.67 -9.07 13.41
CA SER A 20 -0.43 -8.88 14.13
C SER A 20 0.31 -10.23 14.26
N LYS A 21 -0.39 -11.19 14.84
CA LYS A 21 0.17 -12.51 15.04
C LYS A 21 0.07 -13.29 13.74
N LYS A 22 0.54 -12.66 12.66
CA LYS A 22 0.51 -13.29 11.36
C LYS A 22 1.89 -13.16 10.70
N PRO A 23 2.17 -14.10 9.76
CA PRO A 23 3.44 -14.09 9.06
C PRO A 23 3.50 -12.98 8.01
N TRP A 24 4.70 -12.53 7.74
CA TRP A 24 4.90 -11.46 6.77
C TRP A 24 5.18 -12.11 5.41
N LYS A 25 4.48 -11.63 4.40
CA LYS A 25 4.64 -12.15 3.05
C LYS A 25 5.30 -11.08 2.17
N HIS A 26 6.52 -11.40 1.75
CA HIS A 26 7.26 -10.48 0.90
C HIS A 26 6.77 -10.59 -0.55
N LEU A 27 6.05 -9.57 -0.96
CA LEU A 27 5.51 -9.52 -2.31
C LEU A 27 5.69 -8.12 -2.89
N TRP A 28 5.43 -8.01 -4.19
CA TRP A 28 5.56 -6.74 -4.87
C TRP A 28 4.15 -6.20 -5.13
N PHE A 29 4.02 -4.89 -5.01
CA PHE A 29 2.74 -4.24 -5.23
C PHE A 29 2.92 -2.95 -6.03
N VAL A 30 1.85 -2.58 -6.73
CA VAL A 30 1.87 -1.37 -7.54
C VAL A 30 0.50 -0.69 -7.47
N ILE A 31 0.47 0.54 -7.95
CA ILE A 31 -0.77 1.30 -7.95
C ILE A 31 -1.01 1.88 -9.34
N LYS A 32 -1.70 1.10 -10.17
CA LYS A 32 -2.00 1.53 -11.52
C LYS A 32 -3.50 1.74 -11.66
N ASN A 33 -3.86 2.91 -12.18
CA ASN A 33 -5.27 3.25 -12.37
C ASN A 33 -5.96 3.30 -11.01
N LYS A 34 -5.16 3.55 -9.98
CA LYS A 34 -5.69 3.63 -8.63
C LYS A 34 -5.98 2.23 -8.12
N VAL A 35 -5.58 1.24 -8.92
CA VAL A 35 -5.79 -0.15 -8.56
C VAL A 35 -4.51 -0.72 -7.96
N LEU A 36 -4.66 -1.38 -6.82
CA LEU A 36 -3.53 -1.97 -6.13
C LEU A 36 -3.25 -3.36 -6.72
N TYR A 37 -2.33 -3.39 -7.68
CA TYR A 37 -1.97 -4.63 -8.34
C TYR A 37 -0.96 -5.41 -7.49
N THR A 38 -1.13 -6.72 -7.50
CA THR A 38 -0.24 -7.60 -6.75
C THR A 38 0.85 -8.17 -7.65
N TYR A 39 2.00 -8.42 -7.04
CA TYR A 39 3.12 -8.96 -7.78
C TYR A 39 4.04 -9.79 -6.87
N ALA A 40 5.06 -10.37 -7.48
CA ALA A 40 6.00 -11.19 -6.73
C ALA A 40 7.42 -10.67 -6.97
N ALA A 41 7.71 -10.38 -8.23
CA ALA A 41 9.02 -9.87 -8.60
C ALA A 41 8.89 -8.41 -9.05
N SER A 42 9.97 -7.68 -8.87
CA SER A 42 9.99 -6.27 -9.26
C SER A 42 9.37 -6.10 -10.64
N GLU A 43 9.89 -6.87 -11.59
CA GLU A 43 9.40 -6.81 -12.95
C GLU A 43 8.74 -8.14 -13.33
N ASP A 44 7.77 -8.54 -12.52
CA ASP A 44 7.06 -9.77 -12.75
C ASP A 44 6.42 -9.72 -14.14
N VAL A 45 6.36 -10.89 -14.77
CA VAL A 45 5.78 -11.01 -16.10
C VAL A 45 4.38 -10.39 -16.09
N ALA A 46 3.70 -10.54 -14.96
CA ALA A 46 2.37 -10.01 -14.81
C ALA A 46 2.02 -9.91 -13.32
N ALA A 47 0.84 -9.35 -13.05
CA ALA A 47 0.39 -9.19 -11.68
C ALA A 47 -0.30 -10.48 -11.22
N LEU A 48 -0.03 -10.85 -9.98
CA LEU A 48 -0.62 -12.05 -9.41
C LEU A 48 -2.12 -11.83 -9.20
N GLU A 49 -2.46 -10.64 -8.72
CA GLU A 49 -3.84 -10.30 -8.48
C GLU A 49 -4.07 -8.80 -8.70
N SER A 50 -5.33 -8.43 -8.72
CA SER A 50 -5.70 -7.03 -8.93
C SER A 50 -6.88 -6.66 -8.05
N GLN A 51 -6.77 -5.50 -7.42
CA GLN A 51 -7.82 -5.02 -6.54
C GLN A 51 -7.81 -3.49 -6.48
N PRO A 52 -8.98 -2.89 -6.84
CA PRO A 52 -9.11 -1.44 -6.83
C PRO A 52 -9.23 -0.90 -5.40
N LEU A 53 -8.64 0.27 -5.20
CA LEU A 53 -8.68 0.90 -3.89
C LEU A 53 -9.89 1.81 -3.79
N LEU A 54 -11.01 1.33 -4.33
CA LEU A 54 -12.25 2.08 -4.30
C LEU A 54 -13.10 1.63 -3.12
N GLY A 55 -13.45 2.59 -2.29
CA GLY A 55 -14.26 2.31 -1.11
C GLY A 55 -13.40 1.85 0.06
N PHE A 56 -12.14 1.55 -0.25
CA PHE A 56 -11.21 1.11 0.76
C PHE A 56 -10.66 2.28 1.57
N THR A 57 -9.79 1.95 2.52
CA THR A 57 -9.20 2.97 3.36
C THR A 57 -7.83 2.51 3.87
N VAL A 58 -7.12 3.45 4.49
CA VAL A 58 -5.80 3.15 5.02
C VAL A 58 -5.59 3.94 6.32
N THR A 59 -4.77 3.37 7.18
CA THR A 59 -4.46 4.01 8.45
C THR A 59 -3.18 3.43 9.06
N LEU A 60 -2.48 4.28 9.79
CA LEU A 60 -1.23 3.87 10.42
C LEU A 60 -1.55 2.95 11.60
N VAL A 61 -0.69 1.96 11.78
CA VAL A 61 -0.87 1.01 12.88
C VAL A 61 0.40 0.99 13.73
N LYS A 62 0.19 1.00 15.04
CA LYS A 62 1.31 0.98 15.98
C LYS A 62 1.72 -0.47 16.25
N ASP A 63 2.81 -0.87 15.62
CA ASP A 63 3.32 -2.22 15.78
C ASP A 63 4.40 -2.23 16.86
N GLU A 64 4.77 -3.43 17.26
CA GLU A 64 5.79 -3.59 18.29
C GLU A 64 7.20 -3.47 17.67
N ASN A 65 7.39 -4.22 16.60
CA ASN A 65 8.68 -4.21 15.90
C ASN A 65 8.90 -2.83 15.27
N SER A 66 7.92 -2.42 14.48
CA SER A 66 7.99 -1.12 13.82
C SER A 66 6.97 -0.16 14.42
N GLU A 67 7.13 1.11 14.07
CA GLU A 67 6.24 2.14 14.58
C GLU A 67 5.27 2.58 13.49
N SER A 68 5.62 3.68 12.83
CA SER A 68 4.79 4.22 11.76
C SER A 68 5.39 3.85 10.41
N LYS A 69 5.97 2.66 10.35
CA LYS A 69 6.57 2.16 9.13
C LYS A 69 5.68 1.08 8.52
N VAL A 70 4.58 0.82 9.20
CA VAL A 70 3.64 -0.19 8.74
C VAL A 70 2.23 0.37 8.80
N PHE A 71 1.40 -0.06 7.85
CA PHE A 71 0.03 0.39 7.79
C PHE A 71 -0.92 -0.77 7.53
N GLN A 72 -2.21 -0.45 7.50
CA GLN A 72 -3.22 -1.46 7.27
C GLN A 72 -4.21 -0.99 6.19
N LEU A 73 -4.63 -1.93 5.36
CA LEU A 73 -5.56 -1.62 4.29
C LEU A 73 -6.99 -1.89 4.78
N LEU A 74 -7.64 -0.83 5.23
CA LEU A 74 -9.00 -0.93 5.72
C LEU A 74 -9.97 -0.96 4.54
N HIS A 75 -11.06 -1.69 4.71
CA HIS A 75 -12.07 -1.80 3.67
C HIS A 75 -13.46 -1.68 4.29
N LYS A 76 -13.99 -0.46 4.23
CA LYS A 76 -15.31 -0.19 4.77
C LYS A 76 -15.21 0.01 6.29
N GLY A 77 -13.97 -0.04 6.77
CA GLY A 77 -13.71 0.13 8.19
C GLY A 77 -12.95 -1.06 8.75
N MET A 78 -13.12 -2.20 8.10
CA MET A 78 -12.45 -3.42 8.53
C MET A 78 -11.07 -3.54 7.88
N VAL A 79 -10.15 -4.12 8.64
CA VAL A 79 -8.79 -4.30 8.16
C VAL A 79 -8.76 -5.46 7.16
N PHE A 80 -8.17 -5.18 6.00
CA PHE A 80 -8.08 -6.18 4.96
C PHE A 80 -6.72 -6.89 5.00
N TYR A 81 -5.68 -6.10 5.25
CA TYR A 81 -4.33 -6.63 5.33
C TYR A 81 -3.39 -5.66 6.03
N VAL A 82 -2.21 -6.16 6.38
CA VAL A 82 -1.23 -5.35 7.06
C VAL A 82 0.02 -5.23 6.18
N PHE A 83 0.31 -4.00 5.78
CA PHE A 83 1.46 -3.74 4.95
C PHE A 83 2.56 -3.02 5.74
N LYS A 84 3.74 -3.64 5.74
CA LYS A 84 4.87 -3.06 6.45
C LYS A 84 5.91 -2.59 5.44
N ALA A 85 6.41 -1.38 5.67
CA ALA A 85 7.41 -0.80 4.80
C ALA A 85 8.76 -0.78 5.51
N ASP A 86 9.82 -0.92 4.72
CA ASP A 86 11.16 -0.92 5.27
C ASP A 86 11.42 0.42 5.98
N ASP A 87 11.44 1.48 5.19
CA ASP A 87 11.67 2.81 5.72
C ASP A 87 10.32 3.43 6.13
N ALA A 88 10.41 4.53 6.85
CA ALA A 88 9.23 5.23 7.31
C ALA A 88 8.61 6.00 6.14
N HIS A 89 9.43 6.85 5.53
CA HIS A 89 8.98 7.65 4.41
C HIS A 89 8.09 6.81 3.50
N SER A 90 8.62 5.68 3.08
CA SER A 90 7.88 4.77 2.21
C SER A 90 6.47 4.57 2.75
N THR A 91 6.41 4.18 4.01
CA THR A 91 5.13 3.95 4.66
C THR A 91 4.14 5.07 4.31
N GLN A 92 4.52 6.29 4.69
CA GLN A 92 3.68 7.44 4.42
C GLN A 92 3.33 7.51 2.94
N ARG A 93 4.33 7.30 2.10
CA ARG A 93 4.13 7.33 0.67
C ARG A 93 3.04 6.34 0.26
N TRP A 94 3.18 5.12 0.75
CA TRP A 94 2.21 4.07 0.45
C TRP A 94 0.87 4.48 1.05
N ILE A 95 0.92 4.87 2.32
CA ILE A 95 -0.28 5.29 3.02
C ILE A 95 -0.99 6.38 2.22
N ASP A 96 -0.32 7.51 2.11
CA ASP A 96 -0.88 8.64 1.38
C ASP A 96 -1.27 8.17 -0.03
N ALA A 97 -0.46 7.30 -0.57
CA ALA A 97 -0.71 6.77 -1.91
C ALA A 97 -2.01 5.96 -1.88
N PHE A 98 -2.22 5.25 -0.78
CA PHE A 98 -3.41 4.44 -0.63
C PHE A 98 -4.60 5.28 -0.18
N GLN A 99 -4.29 6.43 0.42
CA GLN A 99 -5.32 7.33 0.89
C GLN A 99 -5.83 8.21 -0.26
N GLU A 100 -4.90 8.62 -1.10
CA GLU A 100 -5.23 9.46 -2.24
C GLU A 100 -5.84 8.61 -3.36
N GLY A 101 -5.69 7.30 -3.21
CA GLY A 101 -6.21 6.38 -4.20
C GLY A 101 -7.74 6.34 -4.17
N THR A 102 -8.27 5.96 -3.02
CA THR A 102 -9.71 5.88 -2.84
C THR A 102 -10.37 7.18 -3.28
N VAL A 103 -9.68 8.29 -3.01
CA VAL A 103 -10.19 9.60 -3.36
C VAL A 103 -9.76 9.93 -4.79
N SER A 104 -9.84 11.21 -5.12
CA SER A 104 -9.47 11.67 -6.44
C SER A 104 -9.32 13.19 -6.45
N GLY A 105 -8.08 13.63 -6.28
CA GLY A 105 -7.79 15.06 -6.26
C GLY A 105 -8.59 15.80 -7.33
N PRO A 106 -8.77 17.13 -7.10
CA PRO A 106 -9.51 17.95 -8.03
C PRO A 106 -8.69 18.24 -9.28
N SER A 107 -8.45 17.20 -10.05
CA SER A 107 -7.68 17.33 -11.28
C SER A 107 -8.41 18.24 -12.26
N SER A 108 -7.65 19.13 -12.88
CA SER A 108 -8.21 20.06 -13.85
C SER A 108 -7.32 20.12 -15.10
N GLY A 109 -6.08 20.49 -14.89
CA GLY A 109 -5.12 20.60 -15.97
C GLY A 109 -4.10 21.71 -15.71
N GLY A 1 1.70 18.81 3.26
CA GLY A 1 2.57 19.59 2.40
C GLY A 1 3.73 18.74 1.88
N SER A 2 3.47 18.02 0.80
CA SER A 2 4.48 17.17 0.21
C SER A 2 4.08 16.80 -1.22
N SER A 3 5.09 16.59 -2.05
CA SER A 3 4.86 16.23 -3.44
C SER A 3 6.20 15.96 -4.14
N GLY A 4 6.31 14.76 -4.69
CA GLY A 4 7.52 14.36 -5.38
C GLY A 4 7.20 13.81 -6.77
N SER A 5 8.22 13.28 -7.42
CA SER A 5 8.06 12.72 -8.75
C SER A 5 8.79 11.39 -8.85
N SER A 6 8.11 10.41 -9.42
CA SER A 6 8.68 9.09 -9.59
C SER A 6 7.80 8.25 -10.52
N GLY A 7 8.46 7.43 -11.33
CA GLY A 7 7.75 6.57 -12.27
C GLY A 7 6.57 5.87 -11.59
N SER A 8 5.40 6.01 -12.20
CA SER A 8 4.20 5.40 -11.66
C SER A 8 3.88 6.00 -10.29
N THR A 9 2.69 5.66 -9.80
CA THR A 9 2.25 6.16 -8.51
C THR A 9 3.15 5.61 -7.39
N MET A 10 3.25 4.29 -7.36
CA MET A 10 4.06 3.62 -6.35
C MET A 10 4.32 2.17 -6.74
N SER A 11 5.46 1.67 -6.27
CA SER A 11 5.84 0.29 -6.55
C SER A 11 7.02 -0.11 -5.67
N GLY A 12 7.00 -1.37 -5.23
CA GLY A 12 8.06 -1.89 -4.39
C GLY A 12 7.56 -3.08 -3.55
N TYR A 13 8.51 -3.84 -3.05
CA TYR A 13 8.19 -5.01 -2.25
C TYR A 13 7.75 -4.59 -0.84
N LEU A 14 6.61 -5.12 -0.42
CA LEU A 14 6.08 -4.82 0.90
C LEU A 14 5.61 -6.11 1.57
N TYR A 15 5.79 -6.15 2.88
CA TYR A 15 5.38 -7.32 3.65
C TYR A 15 3.89 -7.27 3.98
N ARG A 16 3.17 -8.25 3.45
CA ARG A 16 1.74 -8.33 3.69
C ARG A 16 1.42 -9.40 4.74
N SER A 17 0.73 -8.97 5.79
CA SER A 17 0.37 -9.87 6.87
C SER A 17 -1.15 -9.94 7.00
N LYS A 18 -1.59 -10.76 7.94
CA LYS A 18 -3.02 -10.93 8.18
C LYS A 18 -3.34 -10.52 9.62
N GLY A 19 -2.51 -9.62 10.14
CA GLY A 19 -2.69 -9.15 11.50
C GLY A 19 -1.35 -8.83 12.16
N SER A 20 -1.29 -9.09 13.46
CA SER A 20 -0.08 -8.84 14.21
C SER A 20 0.75 -10.13 14.31
N LYS A 21 0.22 -11.09 15.03
CA LYS A 21 0.88 -12.36 15.22
C LYS A 21 0.75 -13.19 13.93
N LYS A 22 1.15 -12.59 12.83
CA LYS A 22 1.07 -13.25 11.54
C LYS A 22 2.42 -13.11 10.82
N PRO A 23 2.67 -14.07 9.88
CA PRO A 23 3.91 -14.07 9.13
C PRO A 23 3.89 -12.98 8.05
N TRP A 24 5.02 -12.28 7.94
CA TRP A 24 5.14 -11.22 6.96
C TRP A 24 5.52 -11.86 5.62
N LYS A 25 5.00 -11.26 4.55
CA LYS A 25 5.27 -11.75 3.22
C LYS A 25 5.54 -10.56 2.29
N HIS A 26 6.80 -10.40 1.92
CA HIS A 26 7.19 -9.32 1.04
C HIS A 26 6.72 -9.63 -0.39
N LEU A 27 5.60 -9.02 -0.74
CA LEU A 27 5.04 -9.21 -2.07
C LEU A 27 5.24 -7.94 -2.90
N TRP A 28 4.97 -8.06 -4.19
CA TRP A 28 5.12 -6.93 -5.09
C TRP A 28 3.72 -6.36 -5.36
N PHE A 29 3.66 -5.03 -5.34
CA PHE A 29 2.39 -4.35 -5.58
C PHE A 29 2.60 -3.13 -6.48
N VAL A 30 1.59 -2.87 -7.30
CA VAL A 30 1.64 -1.74 -8.22
C VAL A 30 0.28 -1.04 -8.23
N ILE A 31 0.32 0.25 -7.93
CA ILE A 31 -0.90 1.05 -7.90
C ILE A 31 -1.16 1.62 -9.30
N LYS A 32 -1.94 0.88 -10.06
CA LYS A 32 -2.28 1.31 -11.41
C LYS A 32 -3.79 1.53 -11.51
N ASN A 33 -4.15 2.63 -12.17
CA ASN A 33 -5.55 2.97 -12.34
C ASN A 33 -6.23 3.00 -10.97
N LYS A 34 -5.44 3.36 -9.96
CA LYS A 34 -5.97 3.43 -8.60
C LYS A 34 -6.35 2.02 -8.14
N VAL A 35 -5.75 1.03 -8.78
CA VAL A 35 -6.02 -0.35 -8.44
C VAL A 35 -4.75 -1.00 -7.90
N LEU A 36 -4.87 -1.60 -6.72
CA LEU A 36 -3.75 -2.25 -6.08
C LEU A 36 -3.58 -3.65 -6.68
N TYR A 37 -2.68 -3.75 -7.65
CA TYR A 37 -2.41 -5.02 -8.30
C TYR A 37 -1.38 -5.83 -7.52
N THR A 38 -1.69 -7.10 -7.33
CA THR A 38 -0.80 -8.00 -6.60
C THR A 38 0.19 -8.65 -7.56
N TYR A 39 1.37 -8.95 -7.03
CA TYR A 39 2.41 -9.58 -7.82
C TYR A 39 3.30 -10.47 -6.95
N ALA A 40 4.36 -10.96 -7.56
CA ALA A 40 5.29 -11.83 -6.86
C ALA A 40 6.72 -11.33 -7.09
N ALA A 41 7.01 -11.02 -8.35
CA ALA A 41 8.33 -10.54 -8.72
C ALA A 41 8.22 -9.10 -9.23
N SER A 42 9.37 -8.50 -9.44
CA SER A 42 9.42 -7.12 -9.92
C SER A 42 8.79 -7.04 -11.32
N GLU A 43 9.23 -7.95 -12.19
CA GLU A 43 8.72 -8.00 -13.54
C GLU A 43 7.98 -9.31 -13.79
N ASP A 44 6.91 -9.50 -13.03
CA ASP A 44 6.11 -10.70 -13.16
C ASP A 44 5.36 -10.67 -14.49
N VAL A 45 5.24 -11.85 -15.09
CA VAL A 45 4.56 -11.97 -16.37
C VAL A 45 3.17 -11.33 -16.26
N ALA A 46 2.63 -11.36 -15.05
CA ALA A 46 1.32 -10.79 -14.81
C ALA A 46 1.13 -10.61 -13.30
N ALA A 47 -0.01 -10.02 -12.94
CA ALA A 47 -0.32 -9.77 -11.54
C ALA A 47 -1.01 -11.02 -10.97
N LEU A 48 -0.74 -11.25 -9.69
CA LEU A 48 -1.33 -12.40 -9.01
C LEU A 48 -2.82 -12.14 -8.77
N GLU A 49 -3.12 -10.89 -8.45
CA GLU A 49 -4.49 -10.50 -8.20
C GLU A 49 -4.70 -9.02 -8.53
N SER A 50 -5.96 -8.61 -8.57
CA SER A 50 -6.30 -7.23 -8.88
C SER A 50 -7.43 -6.76 -7.96
N GLN A 51 -7.27 -5.55 -7.45
CA GLN A 51 -8.26 -4.96 -6.57
C GLN A 51 -8.19 -3.44 -6.62
N PRO A 52 -9.38 -2.81 -6.85
CA PRO A 52 -9.45 -1.36 -6.92
C PRO A 52 -9.35 -0.74 -5.52
N LEU A 53 -8.45 0.21 -5.39
CA LEU A 53 -8.25 0.88 -4.12
C LEU A 53 -9.49 1.72 -3.79
N LEU A 54 -10.34 1.89 -4.81
CA LEU A 54 -11.56 2.66 -4.65
C LEU A 54 -12.48 1.95 -3.65
N GLY A 55 -12.95 2.72 -2.69
CA GLY A 55 -13.85 2.17 -1.68
C GLY A 55 -13.07 1.74 -0.43
N PHE A 56 -11.81 1.40 -0.65
CA PHE A 56 -10.95 0.97 0.43
C PHE A 56 -10.36 2.16 1.18
N THR A 57 -9.52 1.87 2.16
CA THR A 57 -8.89 2.90 2.95
C THR A 57 -7.56 2.40 3.52
N VAL A 58 -6.87 3.30 4.20
CA VAL A 58 -5.58 2.97 4.80
C VAL A 58 -5.42 3.72 6.12
N THR A 59 -4.59 3.17 6.99
CA THR A 59 -4.35 3.78 8.29
C THR A 59 -3.07 3.22 8.90
N LEU A 60 -2.50 4.01 9.80
CA LEU A 60 -1.27 3.60 10.48
C LEU A 60 -1.61 2.69 11.66
N VAL A 61 -0.75 1.72 11.88
CA VAL A 61 -0.95 0.78 12.97
C VAL A 61 0.25 0.84 13.93
N LYS A 62 -0.05 0.66 15.20
CA LYS A 62 0.99 0.69 16.22
C LYS A 62 1.54 -0.72 16.44
N ASP A 63 2.32 -1.17 15.48
CA ASP A 63 2.90 -2.50 15.55
C ASP A 63 3.64 -2.65 16.88
N GLU A 64 4.22 -3.83 17.07
CA GLU A 64 4.96 -4.11 18.29
C GLU A 64 5.73 -2.87 18.74
N ASN A 65 6.79 -2.58 18.00
CA ASN A 65 7.62 -1.42 18.31
C ASN A 65 7.61 -0.45 17.14
N SER A 66 7.67 -1.02 15.94
CA SER A 66 7.67 -0.23 14.73
C SER A 66 6.69 0.95 14.87
N GLU A 67 7.25 2.13 15.12
CA GLU A 67 6.45 3.32 15.28
C GLU A 67 5.40 3.41 14.17
N SER A 68 5.73 4.15 13.13
CA SER A 68 4.84 4.32 12.01
C SER A 68 5.54 3.91 10.72
N LYS A 69 5.72 2.61 10.57
CA LYS A 69 6.37 2.07 9.38
C LYS A 69 5.51 0.93 8.80
N VAL A 70 4.34 0.78 9.39
CA VAL A 70 3.42 -0.27 8.95
C VAL A 70 2.00 0.29 8.93
N PHE A 71 1.24 -0.12 7.92
CA PHE A 71 -0.13 0.32 7.77
C PHE A 71 -1.05 -0.84 7.42
N GLN A 72 -2.34 -0.58 7.48
CA GLN A 72 -3.34 -1.59 7.18
C GLN A 72 -4.27 -1.10 6.05
N LEU A 73 -4.76 -2.06 5.29
CA LEU A 73 -5.66 -1.75 4.19
C LEU A 73 -7.11 -1.95 4.63
N LEU A 74 -7.72 -0.85 5.04
CA LEU A 74 -9.10 -0.89 5.49
C LEU A 74 -10.04 -0.93 4.28
N HIS A 75 -11.16 -1.61 4.47
CA HIS A 75 -12.14 -1.73 3.40
C HIS A 75 -13.55 -1.52 3.97
N LYS A 76 -14.01 -0.29 3.86
CA LYS A 76 -15.34 0.07 4.36
C LYS A 76 -15.25 0.35 5.85
N GLY A 77 -14.07 0.12 6.40
CA GLY A 77 -13.85 0.35 7.83
C GLY A 77 -13.12 -0.83 8.46
N MET A 78 -13.24 -1.98 7.81
CA MET A 78 -12.61 -3.19 8.29
C MET A 78 -11.24 -3.40 7.64
N VAL A 79 -10.29 -3.88 8.44
CA VAL A 79 -8.95 -4.13 7.94
C VAL A 79 -8.97 -5.31 6.97
N PHE A 80 -8.24 -5.15 5.88
CA PHE A 80 -8.17 -6.19 4.87
C PHE A 80 -6.81 -6.89 4.90
N TYR A 81 -5.76 -6.09 5.05
CA TYR A 81 -4.41 -6.63 5.09
C TYR A 81 -3.43 -5.59 5.66
N VAL A 82 -2.34 -6.10 6.20
CA VAL A 82 -1.32 -5.24 6.78
C VAL A 82 -0.17 -5.07 5.78
N PHE A 83 0.54 -3.96 5.93
CA PHE A 83 1.66 -3.67 5.06
C PHE A 83 2.75 -2.89 5.81
N LYS A 84 3.98 -3.36 5.63
CA LYS A 84 5.11 -2.72 6.28
C LYS A 84 5.99 -2.04 5.23
N ALA A 85 6.56 -0.91 5.61
CA ALA A 85 7.42 -0.16 4.71
C ALA A 85 8.84 -0.16 5.25
N ASP A 86 9.79 0.01 4.34
CA ASP A 86 11.20 0.02 4.70
C ASP A 86 11.38 0.92 5.93
N ASP A 87 11.17 2.21 5.72
CA ASP A 87 11.32 3.17 6.80
C ASP A 87 9.99 3.90 7.02
N ALA A 88 10.03 4.95 7.81
CA ALA A 88 8.84 5.73 8.10
C ALA A 88 8.44 6.53 6.87
N HIS A 89 9.45 7.13 6.24
CA HIS A 89 9.21 7.93 5.04
C HIS A 89 8.42 7.10 4.03
N SER A 90 8.95 5.93 3.72
CA SER A 90 8.30 5.04 2.76
C SER A 90 6.83 4.83 3.17
N THR A 91 6.65 4.33 4.37
CA THR A 91 5.32 4.07 4.89
C THR A 91 4.36 5.21 4.48
N GLN A 92 4.73 6.41 4.89
CA GLN A 92 3.92 7.58 4.58
C GLN A 92 3.56 7.59 3.09
N ARG A 93 4.60 7.46 2.27
CA ARG A 93 4.41 7.45 0.83
C ARG A 93 3.33 6.44 0.43
N TRP A 94 3.54 5.21 0.88
CA TRP A 94 2.60 4.14 0.58
C TRP A 94 1.24 4.54 1.15
N ILE A 95 1.25 4.91 2.42
CA ILE A 95 0.03 5.30 3.10
C ILE A 95 -0.74 6.30 2.22
N ASP A 96 -0.15 7.47 2.06
CA ASP A 96 -0.76 8.51 1.24
C ASP A 96 -1.09 7.95 -0.13
N ALA A 97 -0.13 7.21 -0.68
CA ALA A 97 -0.31 6.61 -1.99
C ALA A 97 -1.56 5.72 -1.98
N PHE A 98 -1.84 5.17 -0.81
CA PHE A 98 -3.00 4.31 -0.66
C PHE A 98 -4.25 5.13 -0.33
N GLN A 99 -4.02 6.27 0.30
CA GLN A 99 -5.11 7.14 0.69
C GLN A 99 -5.61 7.92 -0.54
N GLU A 100 -4.68 8.59 -1.20
CA GLU A 100 -5.00 9.37 -2.38
C GLU A 100 -5.70 8.50 -3.42
N GLY A 101 -5.31 7.23 -3.44
CA GLY A 101 -5.88 6.28 -4.38
C GLY A 101 -7.37 6.04 -4.08
N THR A 102 -7.63 5.73 -2.81
CA THR A 102 -9.00 5.48 -2.39
C THR A 102 -9.87 6.70 -2.62
N VAL A 103 -9.29 7.87 -2.34
CA VAL A 103 -10.00 9.12 -2.52
C VAL A 103 -9.82 9.60 -3.96
N SER A 104 -10.14 10.88 -4.16
CA SER A 104 -10.02 11.47 -5.48
C SER A 104 -9.65 12.94 -5.36
N GLY A 105 -9.13 13.30 -4.19
CA GLY A 105 -8.71 14.67 -3.93
C GLY A 105 -9.82 15.43 -3.20
N PRO A 106 -9.62 16.78 -3.12
CA PRO A 106 -10.60 17.64 -2.46
C PRO A 106 -11.85 17.83 -3.32
N SER A 107 -12.90 17.11 -2.94
CA SER A 107 -14.16 17.19 -3.66
C SER A 107 -14.49 18.65 -3.97
N SER A 108 -14.67 19.42 -2.91
CA SER A 108 -15.00 20.83 -3.05
C SER A 108 -14.14 21.66 -2.10
N GLY A 109 -14.12 22.96 -2.36
CA GLY A 109 -13.34 23.87 -1.54
C GLY A 109 -13.01 25.15 -2.32
N GLY A 1 0.98 16.67 -1.50
CA GLY A 1 1.96 16.35 -2.51
C GLY A 1 2.88 15.20 -2.04
N SER A 2 2.80 14.09 -2.75
CA SER A 2 3.61 12.93 -2.42
C SER A 2 5.10 13.29 -2.52
N SER A 3 5.48 13.76 -3.70
CA SER A 3 6.87 14.14 -3.93
C SER A 3 7.05 14.57 -5.39
N GLY A 4 6.71 13.65 -6.29
CA GLY A 4 6.83 13.92 -7.71
C GLY A 4 7.96 13.08 -8.33
N SER A 5 7.76 11.77 -8.31
CA SER A 5 8.74 10.86 -8.86
C SER A 5 8.26 10.32 -10.20
N SER A 6 9.22 9.90 -11.02
CA SER A 6 8.90 9.35 -12.33
C SER A 6 8.51 7.88 -12.20
N GLY A 7 7.66 7.44 -13.11
CA GLY A 7 7.21 6.06 -13.12
C GLY A 7 5.78 5.95 -12.58
N SER A 8 5.49 4.79 -11.99
CA SER A 8 4.17 4.55 -11.43
C SER A 8 4.00 5.34 -10.14
N THR A 9 2.75 5.51 -9.74
CA THR A 9 2.43 6.24 -8.53
C THR A 9 3.31 5.77 -7.37
N MET A 10 3.31 4.46 -7.18
CA MET A 10 4.10 3.86 -6.10
C MET A 10 4.36 2.38 -6.37
N SER A 11 5.59 1.97 -6.13
CA SER A 11 5.98 0.58 -6.33
C SER A 11 7.07 0.19 -5.34
N GLY A 12 7.36 -1.10 -5.31
CA GLY A 12 8.38 -1.62 -4.42
C GLY A 12 7.83 -2.77 -3.57
N TYR A 13 8.70 -3.75 -3.33
CA TYR A 13 8.32 -4.91 -2.54
C TYR A 13 7.63 -4.49 -1.24
N LEU A 14 6.59 -5.24 -0.89
CA LEU A 14 5.83 -4.96 0.31
C LEU A 14 5.70 -6.24 1.14
N TYR A 15 5.18 -6.07 2.35
CA TYR A 15 4.99 -7.21 3.24
C TYR A 15 3.55 -7.29 3.72
N ARG A 16 2.82 -8.25 3.16
CA ARG A 16 1.43 -8.44 3.53
C ARG A 16 1.32 -9.47 4.66
N SER A 17 0.47 -9.14 5.63
CA SER A 17 0.25 -10.02 6.77
C SER A 17 -1.23 -10.09 7.11
N LYS A 18 -1.54 -10.88 8.12
CA LYS A 18 -2.91 -11.04 8.56
C LYS A 18 -3.03 -10.62 10.03
N GLY A 19 -2.12 -9.74 10.42
CA GLY A 19 -2.12 -9.24 11.79
C GLY A 19 -0.69 -8.91 12.25
N SER A 20 -0.55 -8.72 13.55
CA SER A 20 0.75 -8.40 14.13
C SER A 20 1.52 -9.68 14.43
N LYS A 21 0.83 -10.61 15.07
CA LYS A 21 1.43 -11.88 15.43
C LYS A 21 1.31 -12.85 14.24
N LYS A 22 1.52 -12.31 13.05
CA LYS A 22 1.44 -13.10 11.84
C LYS A 22 2.72 -12.92 11.02
N PRO A 23 3.01 -13.94 10.18
CA PRO A 23 4.19 -13.90 9.34
C PRO A 23 4.00 -12.94 8.16
N TRP A 24 5.08 -12.27 7.80
CA TRP A 24 5.04 -11.32 6.70
C TRP A 24 5.28 -12.09 5.40
N LYS A 25 4.50 -11.75 4.38
CA LYS A 25 4.63 -12.40 3.09
C LYS A 25 5.26 -11.43 2.09
N HIS A 26 6.54 -11.64 1.83
CA HIS A 26 7.28 -10.80 0.91
C HIS A 26 6.67 -10.93 -0.49
N LEU A 27 5.89 -9.92 -0.86
CA LEU A 27 5.25 -9.91 -2.16
C LEU A 27 5.51 -8.55 -2.84
N TRP A 28 5.14 -8.49 -4.11
CA TRP A 28 5.32 -7.27 -4.88
C TRP A 28 3.94 -6.67 -5.15
N PHE A 29 3.88 -5.35 -5.06
CA PHE A 29 2.64 -4.64 -5.29
C PHE A 29 2.87 -3.34 -6.07
N VAL A 30 1.92 -3.02 -6.93
CA VAL A 30 2.03 -1.82 -7.74
C VAL A 30 0.68 -1.09 -7.73
N ILE A 31 0.75 0.23 -7.66
CA ILE A 31 -0.45 1.05 -7.64
C ILE A 31 -0.65 1.67 -9.02
N LYS A 32 -1.37 0.94 -9.87
CA LYS A 32 -1.65 1.42 -11.21
C LYS A 32 -2.76 2.46 -11.17
N ASN A 33 -2.35 3.72 -11.23
CA ASN A 33 -3.29 4.83 -11.20
C ASN A 33 -4.02 4.83 -9.86
N LYS A 34 -5.01 3.95 -9.75
CA LYS A 34 -5.78 3.84 -8.52
C LYS A 34 -6.14 2.37 -8.27
N VAL A 35 -5.41 1.50 -8.96
CA VAL A 35 -5.63 0.07 -8.81
C VAL A 35 -4.39 -0.57 -8.20
N LEU A 36 -4.62 -1.25 -7.07
CA LEU A 36 -3.53 -1.91 -6.37
C LEU A 36 -3.41 -3.35 -6.87
N TYR A 37 -2.52 -3.53 -7.83
CA TYR A 37 -2.30 -4.85 -8.41
C TYR A 37 -1.35 -5.68 -7.54
N THR A 38 -1.42 -6.99 -7.73
CA THR A 38 -0.57 -7.89 -6.96
C THR A 38 0.53 -8.47 -7.86
N TYR A 39 1.60 -8.92 -7.21
CA TYR A 39 2.72 -9.49 -7.93
C TYR A 39 3.54 -10.41 -7.03
N ALA A 40 4.60 -10.96 -7.60
CA ALA A 40 5.47 -11.86 -6.87
C ALA A 40 6.91 -11.34 -6.93
N ALA A 41 7.30 -10.93 -8.13
CA ALA A 41 8.65 -10.42 -8.34
C ALA A 41 8.55 -8.95 -8.79
N SER A 42 9.72 -8.35 -8.95
CA SER A 42 9.80 -6.96 -9.37
C SER A 42 9.22 -6.81 -10.78
N GLU A 43 9.77 -7.59 -11.69
CA GLU A 43 9.32 -7.56 -13.07
C GLU A 43 8.63 -8.87 -13.44
N ASP A 44 7.56 -9.16 -12.74
CA ASP A 44 6.81 -10.38 -12.98
C ASP A 44 6.19 -10.33 -14.37
N VAL A 45 6.15 -11.48 -15.02
CA VAL A 45 5.59 -11.58 -16.35
C VAL A 45 4.19 -10.97 -16.35
N ALA A 46 3.53 -11.06 -15.20
CA ALA A 46 2.19 -10.53 -15.06
C ALA A 46 1.82 -10.46 -13.58
N ALA A 47 0.77 -9.71 -13.29
CA ALA A 47 0.31 -9.56 -11.92
C ALA A 47 -0.42 -10.83 -11.49
N LEU A 48 -0.32 -11.12 -10.21
CA LEU A 48 -0.97 -12.31 -9.66
C LEU A 48 -2.47 -12.03 -9.50
N GLU A 49 -2.78 -10.82 -9.10
CA GLU A 49 -4.16 -10.41 -8.92
C GLU A 49 -4.32 -8.91 -9.12
N SER A 50 -5.58 -8.48 -9.17
CA SER A 50 -5.87 -7.07 -9.36
C SER A 50 -7.03 -6.66 -8.46
N GLN A 51 -6.82 -5.56 -7.74
CA GLN A 51 -7.84 -5.05 -6.84
C GLN A 51 -7.72 -3.53 -6.71
N PRO A 52 -8.85 -2.83 -7.03
CA PRO A 52 -8.89 -1.39 -6.97
C PRO A 52 -8.96 -0.91 -5.51
N LEU A 53 -8.51 0.33 -5.30
CA LEU A 53 -8.52 0.91 -3.97
C LEU A 53 -9.77 1.78 -3.82
N LEU A 54 -10.83 1.38 -4.51
CA LEU A 54 -12.08 2.11 -4.45
C LEU A 54 -12.92 1.57 -3.29
N GLY A 55 -13.29 2.48 -2.41
CA GLY A 55 -14.10 2.12 -1.26
C GLY A 55 -13.22 1.71 -0.07
N PHE A 56 -12.04 1.20 -0.40
CA PHE A 56 -11.10 0.77 0.61
C PHE A 56 -10.59 1.96 1.43
N THR A 57 -9.69 1.66 2.35
CA THR A 57 -9.11 2.69 3.20
C THR A 57 -7.73 2.27 3.69
N VAL A 58 -7.04 3.21 4.33
CA VAL A 58 -5.72 2.94 4.85
C VAL A 58 -5.51 3.76 6.13
N THR A 59 -4.64 3.25 6.99
CA THR A 59 -4.34 3.92 8.25
C THR A 59 -3.00 3.44 8.80
N LEU A 60 -2.32 4.34 9.49
CA LEU A 60 -1.03 4.01 10.09
C LEU A 60 -1.25 3.44 11.49
N VAL A 61 -0.50 2.40 11.78
CA VAL A 61 -0.59 1.76 13.09
C VAL A 61 0.77 1.82 13.78
N LYS A 62 0.73 2.27 15.04
CA LYS A 62 1.95 2.39 15.82
C LYS A 62 2.52 0.99 16.08
N ASP A 63 1.61 0.05 16.31
CA ASP A 63 2.01 -1.33 16.58
C ASP A 63 3.03 -1.35 17.72
N GLU A 64 3.39 -2.56 18.12
CA GLU A 64 4.35 -2.72 19.19
C GLU A 64 5.62 -3.39 18.67
N ASN A 65 5.51 -3.96 17.48
CA ASN A 65 6.64 -4.62 16.85
C ASN A 65 7.51 -3.58 16.15
N SER A 66 6.86 -2.62 15.53
CA SER A 66 7.56 -1.56 14.83
C SER A 66 6.78 -0.25 14.94
N GLU A 67 7.53 0.84 15.07
CA GLU A 67 6.93 2.15 15.20
C GLU A 67 6.37 2.61 13.84
N SER A 68 5.91 3.85 13.81
CA SER A 68 5.36 4.42 12.60
C SER A 68 6.17 3.95 11.38
N LYS A 69 5.54 3.10 10.58
CA LYS A 69 6.19 2.57 9.39
C LYS A 69 5.28 1.53 8.75
N VAL A 70 4.58 0.78 9.60
CA VAL A 70 3.67 -0.25 9.12
C VAL A 70 2.24 0.28 9.15
N PHE A 71 1.47 -0.12 8.15
CA PHE A 71 0.08 0.31 8.06
C PHE A 71 -0.84 -0.88 7.80
N GLN A 72 -2.13 -0.59 7.75
CA GLN A 72 -3.12 -1.62 7.50
C GLN A 72 -4.07 -1.19 6.38
N LEU A 73 -4.52 -2.18 5.61
CA LEU A 73 -5.42 -1.91 4.51
C LEU A 73 -6.87 -2.09 4.98
N LEU A 74 -7.49 -0.97 5.29
CA LEU A 74 -8.88 -0.99 5.76
C LEU A 74 -9.82 -1.08 4.55
N HIS A 75 -10.94 -1.74 4.77
CA HIS A 75 -11.93 -1.91 3.71
C HIS A 75 -13.33 -1.68 4.28
N LYS A 76 -13.91 -0.55 3.91
CA LYS A 76 -15.24 -0.20 4.38
C LYS A 76 -15.20 0.09 5.87
N GLY A 77 -13.98 0.16 6.39
CA GLY A 77 -13.78 0.44 7.81
C GLY A 77 -13.13 -0.76 8.51
N MET A 78 -13.33 -1.94 7.92
CA MET A 78 -12.78 -3.15 8.47
C MET A 78 -11.40 -3.46 7.86
N VAL A 79 -10.47 -3.82 8.73
CA VAL A 79 -9.12 -4.14 8.29
C VAL A 79 -9.17 -5.33 7.33
N PHE A 80 -8.43 -5.21 6.24
CA PHE A 80 -8.38 -6.26 5.25
C PHE A 80 -7.02 -6.98 5.27
N TYR A 81 -5.99 -6.20 5.50
CA TYR A 81 -4.64 -6.75 5.55
C TYR A 81 -3.65 -5.73 6.14
N VAL A 82 -2.43 -6.19 6.37
CA VAL A 82 -1.40 -5.33 6.93
C VAL A 82 -0.29 -5.14 5.89
N PHE A 83 0.43 -4.03 6.05
CA PHE A 83 1.52 -3.72 5.13
C PHE A 83 2.64 -2.97 5.86
N LYS A 84 3.86 -3.40 5.59
CA LYS A 84 5.03 -2.79 6.22
C LYS A 84 5.98 -2.32 5.12
N ALA A 85 6.61 -1.17 5.37
CA ALA A 85 7.54 -0.60 4.43
C ALA A 85 8.96 -0.63 5.03
N ASP A 86 9.93 -0.77 4.14
CA ASP A 86 11.32 -0.81 4.57
C ASP A 86 11.57 0.31 5.58
N ASP A 87 11.40 1.54 5.13
CA ASP A 87 11.60 2.70 5.97
C ASP A 87 10.24 3.30 6.33
N ALA A 88 10.29 4.35 7.15
CA ALA A 88 9.08 5.03 7.57
C ALA A 88 8.67 6.06 6.51
N HIS A 89 9.66 6.81 6.05
CA HIS A 89 9.43 7.83 5.04
C HIS A 89 8.62 7.23 3.89
N SER A 90 8.82 5.93 3.68
CA SER A 90 8.12 5.23 2.62
C SER A 90 6.65 5.03 3.00
N THR A 91 6.44 4.68 4.27
CA THR A 91 5.10 4.46 4.78
C THR A 91 4.16 5.56 4.31
N GLN A 92 4.43 6.77 4.79
CA GLN A 92 3.62 7.92 4.43
C GLN A 92 3.22 7.85 2.95
N ARG A 93 4.23 7.69 2.11
CA ARG A 93 4.00 7.60 0.68
C ARG A 93 2.92 6.57 0.37
N TRP A 94 3.22 5.32 0.70
CA TRP A 94 2.29 4.24 0.47
C TRP A 94 0.93 4.65 1.04
N ILE A 95 0.96 5.07 2.30
CA ILE A 95 -0.27 5.50 2.96
C ILE A 95 -1.01 6.49 2.07
N ASP A 96 -0.35 7.61 1.81
CA ASP A 96 -0.94 8.64 0.97
C ASP A 96 -1.39 8.02 -0.36
N ALA A 97 -0.50 7.21 -0.92
CA ALA A 97 -0.80 6.55 -2.18
C ALA A 97 -2.09 5.74 -2.05
N PHE A 98 -2.17 4.98 -0.96
CA PHE A 98 -3.35 4.17 -0.71
C PHE A 98 -4.53 5.03 -0.26
N GLN A 99 -4.21 6.26 0.10
CA GLN A 99 -5.24 7.20 0.54
C GLN A 99 -5.81 7.97 -0.65
N GLU A 100 -4.94 8.72 -1.31
CA GLU A 100 -5.33 9.51 -2.46
C GLU A 100 -6.21 8.67 -3.39
N GLY A 101 -5.90 7.39 -3.45
CA GLY A 101 -6.65 6.48 -4.29
C GLY A 101 -8.12 6.42 -3.88
N THR A 102 -8.34 5.80 -2.72
CA THR A 102 -9.69 5.67 -2.19
C THR A 102 -10.46 6.99 -2.34
N VAL A 103 -9.75 8.07 -2.07
CA VAL A 103 -10.34 9.40 -2.16
C VAL A 103 -10.19 9.92 -3.60
N SER A 104 -10.38 11.22 -3.74
CA SER A 104 -10.27 11.86 -5.05
C SER A 104 -9.83 13.31 -4.88
N GLY A 105 -9.24 13.59 -3.73
CA GLY A 105 -8.76 14.93 -3.44
C GLY A 105 -7.76 15.41 -4.49
N PRO A 106 -7.56 16.75 -4.54
CA PRO A 106 -6.62 17.33 -5.49
C PRO A 106 -5.18 17.10 -5.05
N SER A 107 -4.26 17.31 -5.99
CA SER A 107 -2.85 17.12 -5.71
C SER A 107 -2.03 17.50 -6.94
N SER A 108 -2.29 16.80 -8.03
CA SER A 108 -1.58 17.05 -9.28
C SER A 108 -2.28 18.14 -10.07
N GLY A 109 -1.55 19.23 -10.30
CA GLY A 109 -2.09 20.35 -11.04
C GLY A 109 -0.97 21.31 -11.48
N GLY A 1 15.54 16.00 -0.35
CA GLY A 1 15.03 17.16 -1.07
C GLY A 1 14.66 16.79 -2.51
N SER A 2 15.69 16.64 -3.32
CA SER A 2 15.49 16.30 -4.73
C SER A 2 14.50 15.14 -4.84
N SER A 3 13.41 15.41 -5.54
CA SER A 3 12.37 14.41 -5.73
C SER A 3 12.10 14.22 -7.23
N GLY A 4 11.72 13.01 -7.57
CA GLY A 4 11.42 12.68 -8.96
C GLY A 4 12.09 11.37 -9.37
N SER A 5 12.25 11.21 -10.68
CA SER A 5 12.87 10.01 -11.21
C SER A 5 12.22 8.76 -10.61
N SER A 6 11.18 8.29 -11.28
CA SER A 6 10.45 7.12 -10.83
C SER A 6 9.50 6.65 -11.92
N GLY A 7 9.35 5.34 -12.01
CA GLY A 7 8.46 4.74 -12.99
C GLY A 7 7.00 4.95 -12.61
N SER A 8 6.40 3.88 -12.09
CA SER A 8 5.00 3.93 -11.68
C SER A 8 4.86 4.83 -10.44
N THR A 9 3.61 5.16 -10.14
CA THR A 9 3.31 6.00 -9.00
C THR A 9 4.00 5.45 -7.75
N MET A 10 3.65 4.22 -7.41
CA MET A 10 4.22 3.57 -6.24
C MET A 10 4.44 2.07 -6.49
N SER A 11 5.59 1.60 -6.05
CA SER A 11 5.92 0.18 -6.22
C SER A 11 7.15 -0.16 -5.38
N GLY A 12 7.18 -1.41 -4.94
CA GLY A 12 8.29 -1.88 -4.12
C GLY A 12 7.83 -2.98 -3.16
N TYR A 13 8.66 -4.01 -3.04
CA TYR A 13 8.35 -5.12 -2.17
C TYR A 13 7.76 -4.63 -0.84
N LEU A 14 6.70 -5.31 -0.42
CA LEU A 14 6.04 -4.95 0.83
C LEU A 14 5.83 -6.21 1.66
N TYR A 15 5.38 -6.00 2.89
CA TYR A 15 5.13 -7.10 3.80
C TYR A 15 3.64 -7.18 4.17
N ARG A 16 2.95 -8.11 3.51
CA ARG A 16 1.54 -8.30 3.77
C ARG A 16 1.32 -9.35 4.86
N SER A 17 0.59 -8.96 5.88
CA SER A 17 0.31 -9.86 7.00
C SER A 17 -1.19 -9.81 7.33
N LYS A 18 -1.61 -10.79 8.13
CA LYS A 18 -3.00 -10.88 8.54
C LYS A 18 -3.12 -10.49 10.02
N GLY A 19 -2.20 -9.65 10.45
CA GLY A 19 -2.19 -9.20 11.83
C GLY A 19 -0.77 -8.90 12.30
N SER A 20 -0.64 -8.65 13.60
CA SER A 20 0.65 -8.34 14.18
C SER A 20 1.40 -9.64 14.50
N LYS A 21 0.69 -10.57 15.10
CA LYS A 21 1.27 -11.85 15.45
C LYS A 21 1.14 -12.82 14.27
N LYS A 22 0.88 -12.24 13.10
CA LYS A 22 0.72 -13.03 11.89
C LYS A 22 2.01 -12.95 11.07
N PRO A 23 2.22 -14.00 10.23
CA PRO A 23 3.40 -14.06 9.38
C PRO A 23 3.28 -13.09 8.21
N TRP A 24 4.35 -12.32 8.00
CA TRP A 24 4.37 -11.35 6.92
C TRP A 24 4.52 -12.12 5.60
N LYS A 25 4.11 -11.47 4.53
CA LYS A 25 4.20 -12.07 3.21
C LYS A 25 4.89 -11.09 2.24
N HIS A 26 6.11 -11.43 1.90
CA HIS A 26 6.89 -10.60 0.99
C HIS A 26 6.32 -10.72 -0.43
N LEU A 27 5.70 -9.62 -0.88
CA LEU A 27 5.11 -9.60 -2.20
C LEU A 27 5.36 -8.22 -2.83
N TRP A 28 5.05 -8.13 -4.11
CA TRP A 28 5.22 -6.89 -4.84
C TRP A 28 3.84 -6.32 -5.16
N PHE A 29 3.73 -5.00 -5.04
CA PHE A 29 2.47 -4.33 -5.32
C PHE A 29 2.71 -3.01 -6.06
N VAL A 30 1.72 -2.65 -6.87
CA VAL A 30 1.81 -1.42 -7.64
C VAL A 30 0.48 -0.66 -7.55
N ILE A 31 0.54 0.62 -7.83
CA ILE A 31 -0.65 1.46 -7.79
C ILE A 31 -0.89 2.07 -9.16
N LYS A 32 -1.75 1.42 -9.94
CA LYS A 32 -2.08 1.89 -11.27
C LYS A 32 -3.59 2.03 -11.40
N ASN A 33 -4.00 3.15 -11.97
CA ASN A 33 -5.42 3.43 -12.16
C ASN A 33 -6.12 3.43 -10.80
N LYS A 34 -5.34 3.72 -9.76
CA LYS A 34 -5.86 3.77 -8.41
C LYS A 34 -6.23 2.35 -7.97
N VAL A 35 -5.63 1.38 -8.64
CA VAL A 35 -5.88 -0.02 -8.31
C VAL A 35 -4.63 -0.63 -7.68
N LEU A 36 -4.86 -1.41 -6.64
CA LEU A 36 -3.77 -2.06 -5.94
C LEU A 36 -3.53 -3.44 -6.55
N TYR A 37 -2.64 -3.47 -7.53
CA TYR A 37 -2.31 -4.72 -8.20
C TYR A 37 -1.32 -5.55 -7.37
N THR A 38 -1.36 -6.85 -7.58
CA THR A 38 -0.48 -7.76 -6.86
C THR A 38 0.62 -8.26 -7.79
N TYR A 39 1.75 -8.60 -7.18
CA TYR A 39 2.89 -9.10 -7.93
C TYR A 39 3.80 -9.96 -7.04
N ALA A 40 4.85 -10.48 -7.67
CA ALA A 40 5.79 -11.32 -6.95
C ALA A 40 7.20 -10.75 -7.12
N ALA A 41 7.52 -10.41 -8.36
CA ALA A 41 8.83 -9.85 -8.67
C ALA A 41 8.67 -8.39 -9.09
N SER A 42 9.80 -7.69 -9.10
CA SER A 42 9.80 -6.29 -9.46
C SER A 42 9.16 -6.11 -10.86
N GLU A 43 9.71 -6.83 -11.82
CA GLU A 43 9.22 -6.77 -13.18
C GLU A 43 8.61 -8.10 -13.59
N ASP A 44 7.58 -8.51 -12.84
CA ASP A 44 6.90 -9.77 -13.11
C ASP A 44 6.23 -9.69 -14.48
N VAL A 45 6.18 -10.83 -15.14
CA VAL A 45 5.57 -10.91 -16.46
C VAL A 45 4.20 -10.24 -16.41
N ALA A 46 3.55 -10.37 -15.27
CA ALA A 46 2.23 -9.78 -15.08
C ALA A 46 1.89 -9.76 -13.60
N ALA A 47 0.72 -9.22 -13.29
CA ALA A 47 0.27 -9.13 -11.92
C ALA A 47 -0.39 -10.45 -11.52
N LEU A 48 -0.16 -10.85 -10.27
CA LEU A 48 -0.73 -12.08 -9.76
C LEU A 48 -2.23 -11.90 -9.57
N GLU A 49 -2.60 -10.72 -9.10
CA GLU A 49 -4.01 -10.42 -8.86
C GLU A 49 -4.26 -8.92 -9.03
N SER A 50 -5.53 -8.56 -9.03
CA SER A 50 -5.92 -7.18 -9.16
C SER A 50 -7.01 -6.82 -8.15
N GLN A 51 -6.90 -5.63 -7.59
CA GLN A 51 -7.86 -5.17 -6.60
C GLN A 51 -7.89 -3.65 -6.55
N PRO A 52 -9.06 -3.08 -6.96
CA PRO A 52 -9.22 -1.63 -6.97
C PRO A 52 -9.41 -1.09 -5.55
N LEU A 53 -8.93 0.13 -5.35
CA LEU A 53 -9.05 0.77 -4.05
C LEU A 53 -10.35 1.58 -3.99
N LEU A 54 -11.39 0.99 -4.57
CA LEU A 54 -12.69 1.64 -4.59
C LEU A 54 -13.46 1.27 -3.31
N GLY A 55 -13.51 2.23 -2.39
CA GLY A 55 -14.20 2.01 -1.13
C GLY A 55 -13.22 1.68 -0.01
N PHE A 56 -12.10 1.08 -0.41
CA PHE A 56 -11.08 0.71 0.55
C PHE A 56 -10.61 1.92 1.37
N THR A 57 -9.74 1.65 2.32
CA THR A 57 -9.23 2.71 3.18
C THR A 57 -7.86 2.31 3.74
N VAL A 58 -7.19 3.29 4.35
CA VAL A 58 -5.88 3.05 4.93
C VAL A 58 -5.78 3.81 6.26
N THR A 59 -4.92 3.31 7.13
CA THR A 59 -4.71 3.93 8.42
C THR A 59 -3.40 3.46 9.04
N LEU A 60 -2.56 4.42 9.38
CA LEU A 60 -1.27 4.12 9.98
C LEU A 60 -1.49 3.40 11.31
N VAL A 61 -0.62 2.43 11.57
CA VAL A 61 -0.70 1.67 12.80
C VAL A 61 0.63 1.75 13.54
N LYS A 62 0.54 2.01 14.84
CA LYS A 62 1.73 2.13 15.67
C LYS A 62 1.90 0.83 16.48
N ASP A 63 3.02 0.17 16.23
CA ASP A 63 3.31 -1.07 16.93
C ASP A 63 4.46 -0.83 17.93
N GLU A 64 4.67 -1.81 18.78
CA GLU A 64 5.71 -1.72 19.79
C GLU A 64 7.09 -1.78 19.11
N ASN A 65 7.14 -2.46 17.98
CA ASN A 65 8.38 -2.59 17.24
C ASN A 65 8.38 -1.60 16.07
N SER A 66 7.38 -1.74 15.22
CA SER A 66 7.25 -0.87 14.07
C SER A 66 6.38 0.33 14.41
N GLU A 67 6.85 1.51 14.01
CA GLU A 67 6.13 2.74 14.28
C GLU A 67 6.07 3.61 13.01
N SER A 68 4.86 4.03 12.68
CA SER A 68 4.66 4.86 11.51
C SER A 68 5.51 4.34 10.35
N LYS A 69 5.68 3.03 10.33
CA LYS A 69 6.46 2.39 9.28
C LYS A 69 5.66 1.20 8.71
N VAL A 70 4.42 1.11 9.14
CA VAL A 70 3.55 0.03 8.68
C VAL A 70 2.09 0.50 8.75
N PHE A 71 1.36 0.22 7.68
CA PHE A 71 -0.03 0.61 7.61
C PHE A 71 -0.91 -0.60 7.30
N GLN A 72 -2.22 -0.36 7.30
CA GLN A 72 -3.18 -1.41 7.03
C GLN A 72 -4.14 -1.00 5.91
N LEU A 73 -4.65 -1.98 5.20
CA LEU A 73 -5.57 -1.73 4.12
C LEU A 73 -6.99 -2.06 4.56
N LEU A 74 -7.71 -1.03 4.99
CA LEU A 74 -9.07 -1.21 5.45
C LEU A 74 -10.00 -1.32 4.23
N HIS A 75 -11.05 -2.11 4.41
CA HIS A 75 -12.02 -2.31 3.34
C HIS A 75 -13.43 -2.26 3.91
N LYS A 76 -14.07 -1.11 3.76
CA LYS A 76 -15.42 -0.92 4.25
C LYS A 76 -15.38 -0.67 5.77
N GLY A 77 -14.16 -0.60 6.28
CA GLY A 77 -13.96 -0.37 7.70
C GLY A 77 -13.14 -1.50 8.33
N MET A 78 -13.24 -2.67 7.72
CA MET A 78 -12.51 -3.83 8.21
C MET A 78 -11.12 -3.91 7.58
N VAL A 79 -10.16 -4.34 8.40
CA VAL A 79 -8.79 -4.45 7.94
C VAL A 79 -8.69 -5.62 6.95
N PHE A 80 -8.01 -5.37 5.84
CA PHE A 80 -7.83 -6.38 4.82
C PHE A 80 -6.46 -7.05 4.93
N TYR A 81 -5.45 -6.22 5.17
CA TYR A 81 -4.09 -6.72 5.31
C TYR A 81 -3.19 -5.65 5.92
N VAL A 82 -2.06 -6.11 6.46
CA VAL A 82 -1.11 -5.21 7.07
C VAL A 82 0.11 -5.05 6.15
N PHE A 83 0.27 -3.84 5.65
CA PHE A 83 1.37 -3.53 4.75
C PHE A 83 2.46 -2.73 5.47
N LYS A 84 3.70 -3.17 5.30
CA LYS A 84 4.83 -2.50 5.92
C LYS A 84 5.88 -2.19 4.85
N ALA A 85 6.22 -0.92 4.75
CA ALA A 85 7.21 -0.48 3.79
C ALA A 85 8.60 -0.65 4.37
N ASP A 86 9.56 -0.90 3.50
CA ASP A 86 10.93 -1.10 3.91
C ASP A 86 11.28 -0.09 5.01
N ASP A 87 11.32 1.17 4.61
CA ASP A 87 11.63 2.24 5.54
C ASP A 87 10.33 2.91 6.01
N ALA A 88 10.49 3.90 6.87
CA ALA A 88 9.35 4.61 7.39
C ALA A 88 8.95 5.73 6.42
N HIS A 89 9.96 6.40 5.90
CA HIS A 89 9.73 7.48 4.96
C HIS A 89 8.86 6.98 3.80
N SER A 90 9.02 5.70 3.49
CA SER A 90 8.26 5.09 2.42
C SER A 90 6.80 4.90 2.85
N THR A 91 6.64 4.45 4.09
CA THR A 91 5.31 4.23 4.63
C THR A 91 4.39 5.40 4.28
N GLN A 92 4.76 6.57 4.77
CA GLN A 92 3.98 7.77 4.53
C GLN A 92 3.47 7.78 3.09
N ARG A 93 4.41 7.76 2.15
CA ARG A 93 4.06 7.77 0.74
C ARG A 93 2.99 6.71 0.45
N TRP A 94 3.36 5.47 0.72
CA TRP A 94 2.44 4.36 0.49
C TRP A 94 1.09 4.73 1.10
N ILE A 95 1.13 5.05 2.38
CA ILE A 95 -0.08 5.43 3.10
C ILE A 95 -0.91 6.37 2.22
N ASP A 96 -0.35 7.54 1.97
CA ASP A 96 -1.02 8.54 1.14
C ASP A 96 -1.42 7.91 -0.19
N ALA A 97 -0.48 7.15 -0.75
CA ALA A 97 -0.72 6.49 -2.02
C ALA A 97 -2.06 5.76 -1.96
N PHE A 98 -2.36 5.23 -0.79
CA PHE A 98 -3.60 4.50 -0.60
C PHE A 98 -4.75 5.45 -0.25
N GLN A 99 -4.44 6.41 0.61
CA GLN A 99 -5.42 7.39 1.03
C GLN A 99 -5.91 8.20 -0.17
N GLU A 100 -4.95 8.72 -0.92
CA GLU A 100 -5.25 9.52 -2.10
C GLU A 100 -5.83 8.63 -3.20
N GLY A 101 -5.75 7.33 -2.98
CA GLY A 101 -6.27 6.37 -3.94
C GLY A 101 -7.78 6.21 -3.80
N THR A 102 -8.19 5.84 -2.60
CA THR A 102 -9.61 5.66 -2.32
C THR A 102 -10.38 6.96 -2.56
N VAL A 103 -9.75 8.06 -2.18
CA VAL A 103 -10.36 9.37 -2.35
C VAL A 103 -10.09 9.87 -3.77
N SER A 104 -10.28 11.17 -3.94
CA SER A 104 -10.06 11.79 -5.23
C SER A 104 -9.56 13.22 -5.05
N GLY A 105 -9.05 13.50 -3.85
CA GLY A 105 -8.55 14.82 -3.54
C GLY A 105 -7.51 15.27 -4.58
N PRO A 106 -6.84 16.41 -4.26
CA PRO A 106 -5.84 16.95 -5.15
C PRO A 106 -4.54 16.13 -5.08
N SER A 107 -3.56 16.56 -5.87
CA SER A 107 -2.28 15.88 -5.90
C SER A 107 -2.47 14.47 -6.46
N SER A 108 -1.36 13.90 -6.92
CA SER A 108 -1.38 12.56 -7.48
C SER A 108 -0.12 11.79 -7.06
N GLY A 109 -0.34 10.63 -6.47
CA GLY A 109 0.77 9.80 -6.03
C GLY A 109 1.10 10.07 -4.56
N GLY A 1 0.25 14.97 -4.26
CA GLY A 1 0.50 15.40 -5.62
C GLY A 1 1.81 16.18 -5.70
N SER A 2 2.79 15.58 -6.38
CA SER A 2 4.08 16.21 -6.55
C SER A 2 4.14 16.97 -7.88
N SER A 3 5.19 17.75 -8.04
CA SER A 3 5.37 18.52 -9.25
C SER A 3 6.19 17.73 -10.27
N GLY A 4 5.79 17.81 -11.52
CA GLY A 4 6.48 17.11 -12.58
C GLY A 4 5.76 15.80 -12.93
N SER A 5 6.53 14.87 -13.46
CA SER A 5 5.99 13.57 -13.83
C SER A 5 7.11 12.63 -14.28
N SER A 6 7.60 11.85 -13.33
CA SER A 6 8.68 10.92 -13.61
C SER A 6 8.47 9.63 -12.81
N GLY A 7 8.80 8.51 -13.44
CA GLY A 7 8.66 7.21 -12.80
C GLY A 7 7.20 6.79 -12.74
N SER A 8 6.88 5.99 -11.73
CA SER A 8 5.52 5.51 -11.56
C SER A 8 4.93 6.09 -10.28
N THR A 9 3.61 5.93 -10.15
CA THR A 9 2.90 6.43 -8.98
C THR A 9 3.55 5.91 -7.70
N MET A 10 3.48 4.60 -7.53
CA MET A 10 4.05 3.96 -6.35
C MET A 10 4.39 2.49 -6.63
N SER A 11 5.36 1.99 -5.87
CA SER A 11 5.79 0.61 -6.03
C SER A 11 6.88 0.29 -5.02
N GLY A 12 7.18 -1.00 -4.91
CA GLY A 12 8.21 -1.45 -3.98
C GLY A 12 7.72 -2.67 -3.19
N TYR A 13 8.68 -3.52 -2.85
CA TYR A 13 8.37 -4.73 -2.09
C TYR A 13 7.75 -4.38 -0.75
N LEU A 14 6.66 -5.08 -0.43
CA LEU A 14 5.96 -4.85 0.82
C LEU A 14 5.68 -6.19 1.50
N TYR A 15 5.10 -6.12 2.68
CA TYR A 15 4.78 -7.32 3.44
C TYR A 15 3.29 -7.37 3.79
N ARG A 16 2.58 -8.25 3.10
CA ARG A 16 1.15 -8.40 3.33
C ARG A 16 0.90 -9.47 4.39
N SER A 17 0.49 -9.00 5.57
CA SER A 17 0.21 -9.91 6.67
C SER A 17 -1.29 -9.98 6.91
N LYS A 18 -1.67 -10.82 7.87
CA LYS A 18 -3.08 -10.99 8.21
C LYS A 18 -3.30 -10.54 9.66
N GLY A 19 -2.25 -10.01 10.26
CA GLY A 19 -2.32 -9.55 11.63
C GLY A 19 -0.95 -9.07 12.12
N SER A 20 -0.74 -9.21 13.42
CA SER A 20 0.52 -8.80 14.02
C SER A 20 1.42 -10.01 14.22
N LYS A 21 0.89 -11.00 14.94
CA LYS A 21 1.65 -12.22 15.19
C LYS A 21 1.57 -13.13 13.97
N LYS A 22 0.96 -12.61 12.91
CA LYS A 22 0.82 -13.36 11.68
C LYS A 22 2.10 -13.27 10.87
N PRO A 23 2.31 -14.27 9.98
CA PRO A 23 3.50 -14.30 9.15
C PRO A 23 3.38 -13.29 8.01
N TRP A 24 4.49 -12.60 7.77
CA TRP A 24 4.53 -11.60 6.71
C TRP A 24 4.70 -12.33 5.37
N LYS A 25 4.19 -11.71 4.33
CA LYS A 25 4.27 -12.28 3.00
C LYS A 25 4.98 -11.29 2.06
N HIS A 26 6.24 -11.58 1.79
CA HIS A 26 7.03 -10.74 0.91
C HIS A 26 6.49 -10.82 -0.51
N LEU A 27 5.75 -9.78 -0.89
CA LEU A 27 5.17 -9.72 -2.22
C LEU A 27 5.43 -8.34 -2.83
N TRP A 28 5.14 -8.23 -4.12
CA TRP A 28 5.34 -6.97 -4.83
C TRP A 28 3.97 -6.39 -5.15
N PHE A 29 3.89 -5.06 -5.12
CA PHE A 29 2.65 -4.38 -5.40
C PHE A 29 2.91 -3.10 -6.21
N VAL A 30 1.86 -2.65 -6.89
CA VAL A 30 1.96 -1.45 -7.71
C VAL A 30 0.60 -0.77 -7.77
N ILE A 31 0.63 0.55 -7.88
CA ILE A 31 -0.61 1.33 -7.95
C ILE A 31 -0.66 2.06 -9.29
N LYS A 32 -1.25 1.38 -10.27
CA LYS A 32 -1.39 1.95 -11.60
C LYS A 32 -1.96 3.36 -11.49
N ASN A 33 -2.90 3.52 -10.58
CA ASN A 33 -3.54 4.80 -10.37
C ASN A 33 -4.43 4.74 -9.12
N LYS A 34 -5.30 3.75 -9.11
CA LYS A 34 -6.22 3.56 -8.00
C LYS A 34 -6.53 2.07 -7.85
N VAL A 35 -5.63 1.25 -8.38
CA VAL A 35 -5.81 -0.19 -8.32
C VAL A 35 -4.55 -0.82 -7.72
N LEU A 36 -4.74 -1.49 -6.59
CA LEU A 36 -3.63 -2.14 -5.91
C LEU A 36 -3.36 -3.50 -6.56
N TYR A 37 -2.44 -3.49 -7.51
CA TYR A 37 -2.07 -4.72 -8.22
C TYR A 37 -1.02 -5.51 -7.44
N THR A 38 -1.24 -6.81 -7.40
CA THR A 38 -0.32 -7.69 -6.69
C THR A 38 0.76 -8.21 -7.65
N TYR A 39 1.87 -8.64 -7.05
CA TYR A 39 2.98 -9.16 -7.84
C TYR A 39 3.86 -10.09 -6.99
N ALA A 40 4.96 -10.51 -7.59
CA ALA A 40 5.89 -11.39 -6.91
C ALA A 40 7.30 -10.81 -7.02
N ALA A 41 7.65 -10.40 -8.23
CA ALA A 41 8.97 -9.84 -8.48
C ALA A 41 8.81 -8.36 -8.84
N SER A 42 9.95 -7.75 -9.16
CA SER A 42 9.96 -6.34 -9.53
C SER A 42 9.12 -6.12 -10.80
N GLU A 43 9.69 -6.53 -11.92
CA GLU A 43 9.02 -6.40 -13.19
C GLU A 43 8.41 -7.73 -13.63
N ASP A 44 7.63 -8.30 -12.73
CA ASP A 44 6.98 -9.58 -13.00
C ASP A 44 6.33 -9.53 -14.38
N VAL A 45 6.27 -10.69 -15.03
CA VAL A 45 5.68 -10.78 -16.34
C VAL A 45 4.24 -10.25 -16.29
N ALA A 46 3.62 -10.42 -15.14
CA ALA A 46 2.26 -9.97 -14.94
C ALA A 46 1.94 -9.95 -13.44
N ALA A 47 0.86 -9.27 -13.11
CA ALA A 47 0.43 -9.18 -11.73
C ALA A 47 -0.24 -10.48 -11.31
N LEU A 48 -0.03 -10.85 -10.05
CA LEU A 48 -0.61 -12.08 -9.52
C LEU A 48 -2.11 -11.89 -9.34
N GLU A 49 -2.47 -10.75 -8.76
CA GLU A 49 -3.86 -10.43 -8.52
C GLU A 49 -4.11 -8.94 -8.74
N SER A 50 -5.39 -8.59 -8.77
CA SER A 50 -5.78 -7.20 -8.97
C SER A 50 -6.98 -6.87 -8.09
N GLN A 51 -6.81 -5.85 -7.26
CA GLN A 51 -7.87 -5.41 -6.36
C GLN A 51 -7.84 -3.90 -6.20
N PRO A 52 -8.95 -3.25 -6.64
CA PRO A 52 -9.06 -1.80 -6.55
C PRO A 52 -9.34 -1.37 -5.11
N LEU A 53 -9.00 -0.12 -4.82
CA LEU A 53 -9.19 0.43 -3.49
C LEU A 53 -10.45 1.29 -3.49
N LEU A 54 -11.40 0.91 -4.35
CA LEU A 54 -12.65 1.64 -4.45
C LEU A 54 -13.47 1.44 -3.18
N GLY A 55 -13.49 2.48 -2.35
CA GLY A 55 -14.22 2.42 -1.11
C GLY A 55 -13.30 2.04 0.05
N PHE A 56 -12.25 1.33 -0.28
CA PHE A 56 -11.29 0.89 0.73
C PHE A 56 -10.69 2.08 1.46
N THR A 57 -9.79 1.79 2.39
CA THR A 57 -9.15 2.82 3.18
C THR A 57 -7.79 2.33 3.69
N VAL A 58 -7.03 3.26 4.25
CA VAL A 58 -5.73 2.94 4.79
C VAL A 58 -5.49 3.75 6.07
N THR A 59 -4.62 3.21 6.91
CA THR A 59 -4.30 3.87 8.18
C THR A 59 -3.03 3.26 8.78
N LEU A 60 -2.37 4.07 9.60
CA LEU A 60 -1.14 3.63 10.25
C LEU A 60 -1.49 2.81 11.49
N VAL A 61 -0.66 1.82 11.76
CA VAL A 61 -0.87 0.96 12.91
C VAL A 61 0.38 0.98 13.79
N LYS A 62 0.15 0.83 15.09
CA LYS A 62 1.24 0.83 16.05
C LYS A 62 2.24 -0.27 15.68
N ASP A 63 1.99 -1.45 16.21
CA ASP A 63 2.85 -2.59 15.95
C ASP A 63 4.05 -2.55 16.90
N GLU A 64 4.09 -1.49 17.70
CA GLU A 64 5.17 -1.31 18.65
C GLU A 64 6.48 -1.01 17.92
N ASN A 65 7.05 0.14 18.23
CA ASN A 65 8.30 0.55 17.61
C ASN A 65 7.99 1.28 16.30
N SER A 66 7.09 0.70 15.53
CA SER A 66 6.70 1.29 14.25
C SER A 66 5.71 2.43 14.48
N GLU A 67 6.22 3.65 14.31
CA GLU A 67 5.39 4.83 14.49
C GLU A 67 4.64 5.16 13.20
N SER A 68 5.26 4.80 12.09
CA SER A 68 4.67 5.05 10.79
C SER A 68 5.44 4.28 9.70
N LYS A 69 5.71 3.02 10.00
CA LYS A 69 6.44 2.18 9.06
C LYS A 69 5.50 1.10 8.52
N VAL A 70 4.61 0.64 9.40
CA VAL A 70 3.65 -0.38 9.03
C VAL A 70 2.24 0.21 9.05
N PHE A 71 1.45 -0.20 8.06
CA PHE A 71 0.08 0.29 7.95
C PHE A 71 -0.88 -0.87 7.67
N GLN A 72 -2.15 -0.52 7.59
CA GLN A 72 -3.18 -1.50 7.34
C GLN A 72 -4.12 -1.04 6.22
N LEU A 73 -4.69 -2.00 5.52
CA LEU A 73 -5.60 -1.70 4.42
C LEU A 73 -7.04 -1.93 4.89
N LEU A 74 -7.68 -0.85 5.29
CA LEU A 74 -9.06 -0.92 5.75
C LEU A 74 -9.99 -1.01 4.54
N HIS A 75 -11.10 -1.71 4.74
CA HIS A 75 -12.08 -1.88 3.68
C HIS A 75 -13.49 -1.71 4.25
N LYS A 76 -14.00 -0.49 4.14
CA LYS A 76 -15.33 -0.19 4.62
C LYS A 76 -15.26 0.07 6.14
N GLY A 77 -14.04 0.03 6.65
CA GLY A 77 -13.82 0.25 8.08
C GLY A 77 -13.07 -0.93 8.71
N MET A 78 -13.22 -2.08 8.08
CA MET A 78 -12.57 -3.29 8.57
C MET A 78 -11.20 -3.48 7.90
N VAL A 79 -10.23 -3.89 8.71
CA VAL A 79 -8.89 -4.10 8.20
C VAL A 79 -8.90 -5.30 7.24
N PHE A 80 -8.17 -5.13 6.14
CA PHE A 80 -8.09 -6.17 5.13
C PHE A 80 -6.75 -6.90 5.21
N TYR A 81 -5.70 -6.13 5.41
CA TYR A 81 -4.36 -6.69 5.50
C TYR A 81 -3.41 -5.72 6.20
N VAL A 82 -2.20 -6.21 6.47
CA VAL A 82 -1.19 -5.39 7.13
C VAL A 82 0.01 -5.25 6.20
N PHE A 83 0.33 -4.00 5.88
CA PHE A 83 1.47 -3.72 5.01
C PHE A 83 2.60 -3.05 5.80
N LYS A 84 3.75 -3.69 5.75
CA LYS A 84 4.93 -3.17 6.45
C LYS A 84 5.98 -2.76 5.42
N ALA A 85 6.56 -1.59 5.66
CA ALA A 85 7.58 -1.07 4.78
C ALA A 85 8.95 -1.12 5.47
N ASP A 86 9.99 -1.21 4.66
CA ASP A 86 11.34 -1.28 5.19
C ASP A 86 11.67 0.03 5.91
N ASP A 87 11.30 1.13 5.28
CA ASP A 87 11.56 2.44 5.85
C ASP A 87 10.22 3.06 6.31
N ALA A 88 10.34 4.18 7.00
CA ALA A 88 9.15 4.87 7.50
C ALA A 88 8.71 5.91 6.47
N HIS A 89 9.66 6.73 6.06
CA HIS A 89 9.37 7.78 5.09
C HIS A 89 8.62 7.18 3.90
N SER A 90 9.03 5.98 3.52
CA SER A 90 8.41 5.29 2.40
C SER A 90 6.93 5.01 2.72
N THR A 91 6.68 4.67 3.98
CA THR A 91 5.33 4.39 4.41
C THR A 91 4.39 5.54 4.03
N GLN A 92 4.73 6.73 4.50
CA GLN A 92 3.94 7.90 4.22
C GLN A 92 3.42 7.86 2.78
N ARG A 93 4.36 7.66 1.85
CA ARG A 93 4.01 7.60 0.45
C ARG A 93 2.94 6.54 0.21
N TRP A 94 3.29 5.30 0.51
CA TRP A 94 2.36 4.19 0.33
C TRP A 94 0.99 4.64 0.86
N ILE A 95 1.01 5.14 2.08
CA ILE A 95 -0.23 5.61 2.71
C ILE A 95 -0.97 6.54 1.74
N ASP A 96 -0.39 7.71 1.55
CA ASP A 96 -0.98 8.70 0.66
C ASP A 96 -1.41 8.02 -0.64
N ALA A 97 -0.54 7.14 -1.11
CA ALA A 97 -0.81 6.41 -2.35
C ALA A 97 -2.14 5.69 -2.22
N PHE A 98 -2.32 5.03 -1.08
CA PHE A 98 -3.55 4.29 -0.83
C PHE A 98 -4.71 5.24 -0.54
N GLN A 99 -4.43 6.23 0.30
CA GLN A 99 -5.44 7.21 0.67
C GLN A 99 -5.91 7.97 -0.57
N GLU A 100 -4.96 8.58 -1.26
CA GLU A 100 -5.26 9.35 -2.46
C GLU A 100 -6.08 8.50 -3.43
N GLY A 101 -5.82 7.20 -3.40
CA GLY A 101 -6.52 6.27 -4.27
C GLY A 101 -8.01 6.22 -3.92
N THR A 102 -8.29 5.76 -2.71
CA THR A 102 -9.65 5.65 -2.24
C THR A 102 -10.39 6.97 -2.44
N VAL A 103 -9.68 8.05 -2.16
CA VAL A 103 -10.26 9.38 -2.31
C VAL A 103 -10.07 9.86 -3.75
N SER A 104 -10.23 11.16 -3.94
CA SER A 104 -10.08 11.75 -5.25
C SER A 104 -8.85 12.67 -5.28
N GLY A 105 -7.99 12.48 -4.29
CA GLY A 105 -6.78 13.28 -4.19
C GLY A 105 -6.94 14.39 -3.13
N PRO A 106 -6.10 15.45 -3.28
CA PRO A 106 -6.15 16.56 -2.35
C PRO A 106 -7.37 17.44 -2.60
N SER A 107 -7.65 17.66 -3.89
CA SER A 107 -8.78 18.48 -4.28
C SER A 107 -8.93 18.48 -5.80
N SER A 108 -9.66 17.48 -6.28
CA SER A 108 -9.88 17.35 -7.71
C SER A 108 -8.55 17.10 -8.44
N GLY A 109 -8.66 16.73 -9.70
CA GLY A 109 -7.49 16.46 -10.50
C GLY A 109 -7.61 17.09 -11.89
N GLY A 1 -1.80 15.82 -10.93
CA GLY A 1 -0.59 15.33 -11.57
C GLY A 1 0.47 16.44 -11.67
N SER A 2 0.94 16.85 -10.51
CA SER A 2 1.95 17.91 -10.45
C SER A 2 3.32 17.32 -10.11
N SER A 3 4.35 18.07 -10.42
CA SER A 3 5.71 17.63 -10.15
C SER A 3 6.05 16.41 -11.01
N GLY A 4 7.35 16.21 -11.18
CA GLY A 4 7.82 15.09 -11.98
C GLY A 4 7.38 13.75 -11.38
N SER A 5 7.63 12.69 -12.12
CA SER A 5 7.25 11.35 -11.68
C SER A 5 8.40 10.38 -11.94
N SER A 6 9.21 10.18 -10.90
CA SER A 6 10.34 9.27 -11.00
C SER A 6 9.87 7.82 -10.92
N GLY A 7 9.65 7.24 -12.10
CA GLY A 7 9.19 5.86 -12.18
C GLY A 7 7.73 5.75 -11.76
N SER A 8 7.25 4.51 -11.71
CA SER A 8 5.88 4.25 -11.33
C SER A 8 5.51 5.09 -10.10
N THR A 9 4.23 5.41 -10.00
CA THR A 9 3.73 6.20 -8.89
C THR A 9 4.13 5.55 -7.56
N MET A 10 3.93 4.25 -7.49
CA MET A 10 4.26 3.50 -6.29
C MET A 10 4.12 1.99 -6.53
N SER A 11 5.22 1.28 -6.28
CA SER A 11 5.25 -0.16 -6.47
C SER A 11 6.18 -0.80 -5.43
N GLY A 12 7.47 -0.63 -5.66
CA GLY A 12 8.46 -1.19 -4.76
C GLY A 12 7.99 -2.52 -4.18
N TYR A 13 8.41 -2.78 -2.94
CA TYR A 13 8.04 -4.01 -2.27
C TYR A 13 7.36 -3.71 -0.93
N LEU A 14 6.48 -4.61 -0.53
CA LEU A 14 5.75 -4.46 0.72
C LEU A 14 5.53 -5.84 1.33
N TYR A 15 5.03 -5.83 2.56
CA TYR A 15 4.76 -7.06 3.28
C TYR A 15 3.30 -7.15 3.70
N ARG A 16 2.61 -8.13 3.15
CA ARG A 16 1.21 -8.33 3.46
C ARG A 16 1.05 -9.30 4.65
N SER A 17 0.18 -8.92 5.56
CA SER A 17 -0.07 -9.73 6.74
C SER A 17 -1.56 -9.71 7.09
N LYS A 18 -1.98 -10.73 7.84
CA LYS A 18 -3.37 -10.83 8.23
C LYS A 18 -3.52 -10.33 9.68
N GLY A 19 -2.48 -9.65 10.14
CA GLY A 19 -2.49 -9.11 11.49
C GLY A 19 -1.09 -9.21 12.12
N SER A 20 -1.05 -8.97 13.42
CA SER A 20 0.20 -9.02 14.16
C SER A 20 0.55 -10.47 14.50
N LYS A 21 1.78 -10.67 14.96
CA LYS A 21 2.24 -11.99 15.33
C LYS A 21 2.01 -12.95 14.15
N LYS A 22 1.88 -12.37 12.97
CA LYS A 22 1.65 -13.15 11.77
C LYS A 22 2.90 -13.08 10.87
N PRO A 23 3.05 -14.11 10.02
CA PRO A 23 4.19 -14.18 9.12
C PRO A 23 4.02 -13.20 7.95
N TRP A 24 5.07 -12.41 7.74
CA TRP A 24 5.05 -11.42 6.66
C TRP A 24 5.32 -12.15 5.35
N LYS A 25 4.52 -11.83 4.35
CA LYS A 25 4.67 -12.44 3.04
C LYS A 25 5.25 -11.42 2.06
N HIS A 26 6.53 -11.58 1.78
CA HIS A 26 7.21 -10.67 0.87
C HIS A 26 6.58 -10.77 -0.53
N LEU A 27 5.74 -9.79 -0.82
CA LEU A 27 5.06 -9.75 -2.11
C LEU A 27 5.30 -8.40 -2.77
N TRP A 28 5.06 -8.36 -4.08
CA TRP A 28 5.25 -7.14 -4.83
C TRP A 28 3.87 -6.53 -5.08
N PHE A 29 3.82 -5.21 -5.01
CA PHE A 29 2.58 -4.49 -5.23
C PHE A 29 2.79 -3.25 -6.10
N VAL A 30 1.78 -2.93 -6.89
CA VAL A 30 1.86 -1.78 -7.78
C VAL A 30 0.52 -1.02 -7.72
N ILE A 31 0.61 0.27 -8.03
CA ILE A 31 -0.57 1.11 -8.02
C ILE A 31 -0.77 1.71 -9.41
N LYS A 32 -1.73 1.16 -10.14
CA LYS A 32 -2.04 1.63 -11.47
C LYS A 32 -3.55 1.76 -11.64
N ASN A 33 -3.94 2.78 -12.39
CA ASN A 33 -5.35 3.03 -12.64
C ASN A 33 -6.10 3.07 -11.30
N LYS A 34 -5.37 3.47 -10.27
CA LYS A 34 -5.95 3.57 -8.94
C LYS A 34 -6.36 2.17 -8.47
N VAL A 35 -5.56 1.19 -8.85
CA VAL A 35 -5.83 -0.19 -8.48
C VAL A 35 -4.58 -0.81 -7.86
N LEU A 36 -4.78 -1.52 -6.77
CA LEU A 36 -3.68 -2.16 -6.07
C LEU A 36 -3.46 -3.55 -6.66
N TYR A 37 -2.55 -3.61 -7.63
CA TYR A 37 -2.23 -4.87 -8.27
C TYR A 37 -1.28 -5.71 -7.41
N THR A 38 -1.46 -7.02 -7.49
CA THR A 38 -0.63 -7.93 -6.73
C THR A 38 0.46 -8.52 -7.61
N TYR A 39 1.56 -8.89 -6.97
CA TYR A 39 2.68 -9.46 -7.70
C TYR A 39 3.57 -10.29 -6.75
N ALA A 40 4.60 -10.88 -7.33
CA ALA A 40 5.52 -11.70 -6.56
C ALA A 40 6.94 -11.11 -6.68
N ALA A 41 7.28 -10.71 -7.89
CA ALA A 41 8.59 -10.13 -8.13
C ALA A 41 8.45 -8.98 -9.13
N SER A 42 9.52 -8.21 -9.26
CA SER A 42 9.53 -7.08 -10.17
C SER A 42 9.71 -7.57 -11.61
N GLU A 43 10.29 -8.75 -11.73
CA GLU A 43 10.53 -9.34 -13.04
C GLU A 43 9.32 -10.19 -13.47
N ASP A 44 8.18 -9.88 -12.87
CA ASP A 44 6.95 -10.59 -13.18
C ASP A 44 6.48 -10.21 -14.58
N VAL A 45 5.68 -11.09 -15.17
CA VAL A 45 5.16 -10.85 -16.50
C VAL A 45 3.68 -10.51 -16.40
N ALA A 46 3.10 -10.82 -15.25
CA ALA A 46 1.69 -10.55 -15.02
C ALA A 46 1.42 -10.52 -13.51
N ALA A 47 0.48 -9.68 -13.13
CA ALA A 47 0.11 -9.55 -11.72
C ALA A 47 -0.62 -10.81 -11.27
N LEU A 48 -0.35 -11.21 -10.04
CA LEU A 48 -0.96 -12.39 -9.48
C LEU A 48 -2.46 -12.14 -9.29
N GLU A 49 -2.77 -10.92 -8.86
CA GLU A 49 -4.15 -10.54 -8.63
C GLU A 49 -4.34 -9.04 -8.89
N SER A 50 -5.59 -8.64 -9.00
CA SER A 50 -5.92 -7.24 -9.24
C SER A 50 -7.12 -6.83 -8.41
N GLN A 51 -6.98 -5.68 -7.76
CA GLN A 51 -8.05 -5.17 -6.92
C GLN A 51 -8.03 -3.64 -6.92
N PRO A 52 -9.23 -3.05 -7.23
CA PRO A 52 -9.37 -1.61 -7.27
C PRO A 52 -9.39 -1.01 -5.85
N LEU A 53 -8.52 -0.02 -5.65
CA LEU A 53 -8.44 0.64 -4.36
C LEU A 53 -9.73 1.41 -4.10
N LEU A 54 -10.31 1.91 -5.18
CA LEU A 54 -11.54 2.68 -5.08
C LEU A 54 -12.56 1.90 -4.25
N GLY A 55 -12.71 2.33 -3.00
CA GLY A 55 -13.63 1.68 -2.09
C GLY A 55 -12.89 1.05 -0.92
N PHE A 56 -11.77 1.66 -0.55
CA PHE A 56 -10.96 1.16 0.54
C PHE A 56 -10.43 2.31 1.40
N THR A 57 -9.55 1.96 2.32
CA THR A 57 -8.96 2.95 3.20
C THR A 57 -7.61 2.46 3.74
N VAL A 58 -6.91 3.36 4.41
CA VAL A 58 -5.61 3.03 4.97
C VAL A 58 -5.42 3.79 6.28
N THR A 59 -4.49 3.29 7.09
CA THR A 59 -4.21 3.92 8.37
C THR A 59 -2.93 3.32 8.98
N LEU A 60 -2.37 4.05 9.94
CA LEU A 60 -1.16 3.61 10.60
C LEU A 60 -1.53 2.67 11.75
N VAL A 61 -0.71 1.63 11.91
CA VAL A 61 -0.94 0.66 12.95
C VAL A 61 0.29 0.59 13.86
N LYS A 62 0.03 0.54 15.16
CA LYS A 62 1.10 0.47 16.13
C LYS A 62 2.07 -0.65 15.74
N ASP A 63 1.53 -1.85 15.59
CA ASP A 63 2.34 -2.99 15.21
C ASP A 63 3.32 -3.30 16.33
N GLU A 64 4.24 -4.21 16.04
CA GLU A 64 5.26 -4.60 17.02
C GLU A 64 5.91 -3.36 17.62
N ASN A 65 6.77 -2.73 16.82
CA ASN A 65 7.46 -1.54 17.27
C ASN A 65 7.21 -0.40 16.27
N SER A 66 7.27 -0.76 14.99
CA SER A 66 7.05 0.22 13.93
C SER A 66 5.98 1.22 14.36
N GLU A 67 6.44 2.39 14.78
CA GLU A 67 5.54 3.44 15.22
C GLU A 67 4.87 4.10 14.01
N SER A 68 5.52 3.96 12.87
CA SER A 68 5.00 4.53 11.63
C SER A 68 5.76 3.98 10.44
N LYS A 69 6.17 2.72 10.56
CA LYS A 69 6.91 2.06 9.50
C LYS A 69 6.05 0.95 8.89
N VAL A 70 4.77 0.96 9.27
CA VAL A 70 3.83 -0.04 8.78
C VAL A 70 2.41 0.51 8.87
N PHE A 71 1.55 -0.02 8.01
CA PHE A 71 0.17 0.42 7.98
C PHE A 71 -0.76 -0.75 7.63
N GLN A 72 -2.05 -0.45 7.64
CA GLN A 72 -3.05 -1.45 7.31
C GLN A 72 -3.98 -0.95 6.21
N LEU A 73 -4.56 -1.89 5.49
CA LEU A 73 -5.48 -1.55 4.41
C LEU A 73 -6.91 -1.80 4.87
N LEU A 74 -7.55 -0.73 5.33
CA LEU A 74 -8.92 -0.81 5.81
C LEU A 74 -9.87 -0.82 4.61
N HIS A 75 -10.98 -1.53 4.78
CA HIS A 75 -11.97 -1.62 3.72
C HIS A 75 -13.37 -1.45 4.31
N LYS A 76 -13.85 -0.22 4.24
CA LYS A 76 -15.18 0.10 4.76
C LYS A 76 -15.08 0.28 6.29
N GLY A 77 -13.87 0.18 6.79
CA GLY A 77 -13.63 0.34 8.21
C GLY A 77 -12.92 -0.89 8.79
N MET A 78 -13.08 -2.01 8.10
CA MET A 78 -12.46 -3.25 8.52
C MET A 78 -11.09 -3.43 7.88
N VAL A 79 -10.17 -3.95 8.67
CA VAL A 79 -8.81 -4.18 8.19
C VAL A 79 -8.82 -5.30 7.15
N PHE A 80 -8.05 -5.10 6.09
CA PHE A 80 -7.97 -6.08 5.02
C PHE A 80 -6.61 -6.78 5.04
N TYR A 81 -5.58 -6.01 5.33
CA TYR A 81 -4.24 -6.55 5.38
C TYR A 81 -3.28 -5.57 6.06
N VAL A 82 -2.09 -6.07 6.38
CA VAL A 82 -1.09 -5.25 7.02
C VAL A 82 0.10 -5.06 6.08
N PHE A 83 0.26 -3.82 5.62
CA PHE A 83 1.33 -3.49 4.71
C PHE A 83 2.45 -2.74 5.44
N LYS A 84 3.65 -3.28 5.32
CA LYS A 84 4.81 -2.67 5.96
C LYS A 84 5.77 -2.14 4.89
N ALA A 85 6.23 -0.92 5.11
CA ALA A 85 7.15 -0.29 4.16
C ALA A 85 8.59 -0.47 4.65
N ASP A 86 9.50 -0.53 3.70
CA ASP A 86 10.91 -0.70 4.03
C ASP A 86 11.30 0.29 5.12
N ASP A 87 11.21 1.57 4.78
CA ASP A 87 11.55 2.62 5.72
C ASP A 87 10.26 3.27 6.25
N ALA A 88 10.44 4.27 7.09
CA ALA A 88 9.32 4.98 7.67
C ALA A 88 8.78 6.00 6.66
N HIS A 89 9.71 6.77 6.11
CA HIS A 89 9.35 7.78 5.13
C HIS A 89 8.45 7.16 4.06
N SER A 90 8.76 5.93 3.70
CA SER A 90 7.98 5.22 2.70
C SER A 90 6.54 5.04 3.19
N THR A 91 6.41 4.57 4.42
CA THR A 91 5.11 4.35 5.01
C THR A 91 4.15 5.47 4.62
N GLN A 92 4.47 6.67 5.08
CA GLN A 92 3.64 7.83 4.78
C GLN A 92 3.24 7.84 3.31
N ARG A 93 4.26 7.74 2.45
CA ARG A 93 4.03 7.73 1.02
C ARG A 93 2.96 6.70 0.66
N TRP A 94 3.26 5.45 0.98
CA TRP A 94 2.33 4.37 0.69
C TRP A 94 0.95 4.75 1.23
N ILE A 95 0.93 5.10 2.51
CA ILE A 95 -0.31 5.51 3.15
C ILE A 95 -1.06 6.48 2.24
N ASP A 96 -0.44 7.64 2.03
CA ASP A 96 -1.03 8.66 1.18
C ASP A 96 -1.38 8.05 -0.17
N ALA A 97 -0.45 7.28 -0.70
CA ALA A 97 -0.65 6.63 -1.98
C ALA A 97 -1.97 5.87 -1.97
N PHE A 98 -2.16 5.10 -0.91
CA PHE A 98 -3.37 4.31 -0.77
C PHE A 98 -4.58 5.21 -0.48
N GLN A 99 -4.35 6.21 0.36
CA GLN A 99 -5.40 7.14 0.73
C GLN A 99 -5.95 7.84 -0.53
N GLU A 100 -5.05 8.50 -1.23
CA GLU A 100 -5.43 9.20 -2.44
C GLU A 100 -6.02 8.24 -3.46
N GLY A 101 -5.50 7.02 -3.46
CA GLY A 101 -5.97 5.99 -4.37
C GLY A 101 -7.45 5.69 -4.13
N THR A 102 -7.74 5.26 -2.91
CA THR A 102 -9.11 4.93 -2.54
C THR A 102 -10.05 6.10 -2.87
N VAL A 103 -9.57 7.30 -2.55
CA VAL A 103 -10.35 8.50 -2.79
C VAL A 103 -10.06 9.00 -4.20
N SER A 104 -10.46 10.24 -4.45
CA SER A 104 -10.25 10.86 -5.75
C SER A 104 -9.79 12.31 -5.58
N GLY A 105 -9.42 12.64 -4.35
CA GLY A 105 -8.95 13.98 -4.04
C GLY A 105 -9.77 14.59 -2.89
N PRO A 106 -9.13 15.56 -2.20
CA PRO A 106 -9.78 16.23 -1.08
C PRO A 106 -10.84 17.21 -1.57
N SER A 107 -11.81 16.68 -2.31
CA SER A 107 -12.88 17.50 -2.84
C SER A 107 -13.85 16.63 -3.63
N SER A 108 -14.99 17.22 -3.98
CA SER A 108 -16.01 16.52 -4.73
C SER A 108 -16.02 17.01 -6.18
N GLY A 109 -15.94 16.06 -7.10
CA GLY A 109 -15.94 16.38 -8.52
C GLY A 109 -15.07 15.39 -9.31
N GLY A 1 3.98 19.07 -1.64
CA GLY A 1 3.35 17.96 -2.34
C GLY A 1 4.39 16.92 -2.77
N SER A 2 3.95 15.67 -2.80
CA SER A 2 4.82 14.58 -3.19
C SER A 2 4.83 14.42 -4.71
N SER A 3 5.63 15.26 -5.36
CA SER A 3 5.74 15.22 -6.80
C SER A 3 6.99 14.43 -7.22
N GLY A 4 6.93 13.92 -8.44
CA GLY A 4 8.05 13.13 -8.96
C GLY A 4 8.21 13.37 -10.47
N SER A 5 9.28 12.81 -11.00
CA SER A 5 9.57 12.95 -12.42
C SER A 5 10.05 11.61 -12.99
N SER A 6 9.26 11.07 -13.91
CA SER A 6 9.59 9.81 -14.53
C SER A 6 9.68 8.70 -13.48
N GLY A 7 8.62 7.89 -13.43
CA GLY A 7 8.57 6.80 -12.47
C GLY A 7 7.13 6.46 -12.10
N SER A 8 6.90 5.18 -11.86
CA SER A 8 5.58 4.71 -11.50
C SER A 8 5.12 5.37 -10.21
N THR A 9 3.82 5.66 -10.15
CA THR A 9 3.25 6.29 -8.96
C THR A 9 3.85 5.69 -7.69
N MET A 10 3.56 4.41 -7.49
CA MET A 10 4.07 3.71 -6.32
C MET A 10 4.43 2.26 -6.66
N SER A 11 5.63 1.88 -6.27
CA SER A 11 6.10 0.52 -6.53
C SER A 11 7.25 0.18 -5.58
N GLY A 12 7.27 -1.08 -5.16
CA GLY A 12 8.30 -1.54 -4.25
C GLY A 12 7.82 -2.76 -3.46
N TYR A 13 8.78 -3.55 -3.00
CA TYR A 13 8.47 -4.74 -2.23
C TYR A 13 7.90 -4.37 -0.86
N LEU A 14 6.82 -5.06 -0.50
CA LEU A 14 6.17 -4.81 0.77
C LEU A 14 5.86 -6.15 1.45
N TYR A 15 5.49 -6.07 2.72
CA TYR A 15 5.16 -7.27 3.49
C TYR A 15 3.68 -7.30 3.84
N ARG A 16 3.00 -8.31 3.31
CA ARG A 16 1.57 -8.47 3.56
C ARG A 16 1.35 -9.47 4.69
N SER A 17 0.56 -9.05 5.67
CA SER A 17 0.26 -9.90 6.81
C SER A 17 -1.26 -10.04 6.97
N LYS A 18 -1.65 -10.90 7.90
CA LYS A 18 -3.06 -11.13 8.16
C LYS A 18 -3.37 -10.79 9.62
N GLY A 19 -2.60 -9.84 10.14
CA GLY A 19 -2.78 -9.41 11.52
C GLY A 19 -1.48 -8.84 12.09
N SER A 20 -1.37 -8.92 13.41
CA SER A 20 -0.18 -8.41 14.09
C SER A 20 0.76 -9.57 14.43
N LYS A 21 0.21 -10.56 15.09
CA LYS A 21 0.98 -11.73 15.48
C LYS A 21 1.11 -12.67 14.28
N LYS A 22 0.55 -12.23 13.16
CA LYS A 22 0.59 -13.03 11.95
C LYS A 22 1.94 -12.83 11.25
N PRO A 23 2.32 -13.84 10.42
CA PRO A 23 3.58 -13.78 9.70
C PRO A 23 3.48 -12.82 8.52
N TRP A 24 4.63 -12.22 8.19
CA TRP A 24 4.69 -11.28 7.09
C TRP A 24 4.94 -12.07 5.80
N LYS A 25 4.48 -11.49 4.71
CA LYS A 25 4.65 -12.13 3.40
C LYS A 25 5.18 -11.10 2.41
N HIS A 26 6.44 -11.30 2.02
CA HIS A 26 7.08 -10.40 1.07
C HIS A 26 6.40 -10.53 -0.29
N LEU A 27 5.82 -9.41 -0.74
CA LEU A 27 5.14 -9.37 -2.02
C LEU A 27 5.39 -8.02 -2.69
N TRP A 28 5.11 -7.99 -3.98
CA TRP A 28 5.30 -6.77 -4.76
C TRP A 28 3.92 -6.23 -5.13
N PHE A 29 3.80 -4.91 -5.05
CA PHE A 29 2.54 -4.25 -5.38
C PHE A 29 2.79 -2.96 -6.17
N VAL A 30 1.76 -2.55 -6.91
CA VAL A 30 1.85 -1.34 -7.70
C VAL A 30 0.49 -0.64 -7.71
N ILE A 31 0.54 0.68 -7.88
CA ILE A 31 -0.66 1.48 -7.90
C ILE A 31 -0.90 1.98 -9.33
N LYS A 32 -1.82 1.31 -10.02
CA LYS A 32 -2.16 1.69 -11.38
C LYS A 32 -3.68 1.79 -11.52
N ASN A 33 -4.10 2.89 -12.13
CA ASN A 33 -5.53 3.12 -12.33
C ASN A 33 -6.24 3.12 -10.98
N LYS A 34 -5.47 3.43 -9.94
CA LYS A 34 -6.01 3.47 -8.60
C LYS A 34 -6.37 2.05 -8.15
N VAL A 35 -5.57 1.11 -8.62
CA VAL A 35 -5.80 -0.29 -8.28
C VAL A 35 -4.51 -0.88 -7.69
N LEU A 36 -4.67 -1.57 -6.58
CA LEU A 36 -3.53 -2.19 -5.91
C LEU A 36 -3.30 -3.58 -6.50
N TYR A 37 -2.46 -3.63 -7.54
CA TYR A 37 -2.14 -4.88 -8.19
C TYR A 37 -1.11 -5.68 -7.39
N THR A 38 -1.24 -6.99 -7.46
CA THR A 38 -0.34 -7.87 -6.74
C THR A 38 0.78 -8.34 -7.68
N TYR A 39 1.86 -8.81 -7.07
CA TYR A 39 3.00 -9.29 -7.83
C TYR A 39 3.92 -10.14 -6.95
N ALA A 40 4.88 -10.77 -7.60
CA ALA A 40 5.84 -11.62 -6.89
C ALA A 40 7.25 -11.03 -7.06
N ALA A 41 7.52 -10.55 -8.26
CA ALA A 41 8.81 -9.96 -8.55
C ALA A 41 8.62 -8.52 -9.02
N SER A 42 9.72 -7.78 -9.02
CA SER A 42 9.69 -6.39 -9.45
C SER A 42 8.99 -6.27 -10.79
N GLU A 43 9.61 -6.88 -11.80
CA GLU A 43 9.05 -6.85 -13.15
C GLU A 43 8.50 -8.23 -13.52
N ASP A 44 7.51 -8.66 -12.76
CA ASP A 44 6.90 -9.95 -13.01
C ASP A 44 6.22 -9.94 -14.38
N VAL A 45 6.17 -11.12 -14.99
CA VAL A 45 5.56 -11.26 -16.30
C VAL A 45 4.17 -10.61 -16.29
N ALA A 46 3.54 -10.68 -15.11
CA ALA A 46 2.21 -10.11 -14.96
C ALA A 46 1.84 -10.11 -13.47
N ALA A 47 0.78 -9.38 -13.16
CA ALA A 47 0.31 -9.29 -11.79
C ALA A 47 -0.32 -10.63 -11.39
N LEU A 48 -0.14 -10.98 -10.12
CA LEU A 48 -0.67 -12.22 -9.59
C LEU A 48 -2.18 -12.06 -9.34
N GLU A 49 -2.55 -10.86 -8.90
CA GLU A 49 -3.94 -10.57 -8.61
C GLU A 49 -4.22 -9.08 -8.82
N SER A 50 -5.47 -8.72 -8.63
CA SER A 50 -5.88 -7.33 -8.78
C SER A 50 -6.92 -6.96 -7.73
N GLN A 51 -6.79 -5.75 -7.21
CA GLN A 51 -7.70 -5.27 -6.19
C GLN A 51 -7.76 -3.75 -6.19
N PRO A 52 -8.95 -3.21 -6.57
CA PRO A 52 -9.15 -1.78 -6.62
C PRO A 52 -9.30 -1.19 -5.23
N LEU A 53 -8.78 0.02 -5.07
CA LEU A 53 -8.84 0.71 -3.78
C LEU A 53 -10.07 1.63 -3.76
N LEU A 54 -11.11 1.18 -4.45
CA LEU A 54 -12.34 1.95 -4.52
C LEU A 54 -13.17 1.69 -3.25
N GLY A 55 -13.25 2.73 -2.42
CA GLY A 55 -14.00 2.63 -1.17
C GLY A 55 -13.08 2.24 -0.01
N PHE A 56 -12.04 1.50 -0.35
CA PHE A 56 -11.08 1.05 0.65
C PHE A 56 -10.56 2.23 1.47
N THR A 57 -9.69 1.91 2.42
CA THR A 57 -9.12 2.93 3.28
C THR A 57 -7.74 2.49 3.78
N VAL A 58 -7.05 3.42 4.41
CA VAL A 58 -5.72 3.14 4.94
C VAL A 58 -5.54 3.88 6.27
N THR A 59 -4.72 3.29 7.13
CA THR A 59 -4.46 3.88 8.43
C THR A 59 -3.14 3.36 8.99
N LEU A 60 -2.49 4.21 9.78
CA LEU A 60 -1.21 3.85 10.38
C LEU A 60 -1.47 2.95 11.60
N VAL A 61 -0.57 1.99 11.78
CA VAL A 61 -0.68 1.07 12.89
C VAL A 61 0.61 1.12 13.72
N LYS A 62 0.42 1.22 15.03
CA LYS A 62 1.56 1.28 15.95
C LYS A 62 1.95 -0.15 16.35
N ASP A 63 3.11 -0.57 15.86
CA ASP A 63 3.60 -1.90 16.16
C ASP A 63 4.82 -1.79 17.08
N GLU A 64 5.19 -2.93 17.66
CA GLU A 64 6.34 -2.95 18.56
C GLU A 64 7.64 -2.75 17.78
N ASN A 65 7.58 -3.10 16.51
CA ASN A 65 8.75 -2.96 15.64
C ASN A 65 8.73 -1.57 15.00
N SER A 66 7.70 -1.34 14.20
CA SER A 66 7.55 -0.07 13.51
C SER A 66 6.46 0.76 14.18
N GLU A 67 6.77 2.01 14.45
CA GLU A 67 5.83 2.92 15.08
C GLU A 67 4.99 3.63 14.03
N SER A 68 5.63 3.95 12.91
CA SER A 68 4.97 4.63 11.82
C SER A 68 5.56 4.19 10.48
N LYS A 69 5.93 2.91 10.43
CA LYS A 69 6.51 2.35 9.22
C LYS A 69 5.67 1.13 8.78
N VAL A 70 4.44 1.11 9.24
CA VAL A 70 3.54 0.02 8.90
C VAL A 70 2.10 0.54 8.89
N PHE A 71 1.36 0.11 7.88
CA PHE A 71 -0.02 0.53 7.73
C PHE A 71 -0.93 -0.68 7.46
N GLN A 72 -2.22 -0.40 7.37
CA GLN A 72 -3.20 -1.44 7.12
C GLN A 72 -4.18 -1.01 6.03
N LEU A 73 -4.59 -1.99 5.23
CA LEU A 73 -5.52 -1.72 4.15
C LEU A 73 -6.95 -1.96 4.64
N LEU A 74 -7.61 -0.86 5.01
CA LEU A 74 -8.98 -0.95 5.49
C LEU A 74 -9.93 -1.03 4.30
N HIS A 75 -11.01 -1.78 4.51
CA HIS A 75 -12.01 -1.96 3.47
C HIS A 75 -13.41 -1.84 4.07
N LYS A 76 -14.15 -0.86 3.58
CA LYS A 76 -15.50 -0.63 4.06
C LYS A 76 -15.46 -0.34 5.56
N GLY A 77 -14.26 -0.08 6.05
CA GLY A 77 -14.07 0.22 7.46
C GLY A 77 -13.32 -0.92 8.16
N MET A 78 -13.51 -2.12 7.63
CA MET A 78 -12.86 -3.30 8.19
C MET A 78 -11.48 -3.52 7.57
N VAL A 79 -10.54 -3.91 8.40
CA VAL A 79 -9.19 -4.16 7.94
C VAL A 79 -9.20 -5.30 6.92
N PHE A 80 -8.37 -5.15 5.90
CA PHE A 80 -8.28 -6.14 4.85
C PHE A 80 -6.96 -6.91 4.93
N TYR A 81 -5.90 -6.17 5.24
CA TYR A 81 -4.58 -6.76 5.36
C TYR A 81 -3.61 -5.80 6.06
N VAL A 82 -2.38 -6.26 6.20
CA VAL A 82 -1.35 -5.46 6.85
C VAL A 82 -0.14 -5.33 5.91
N PHE A 83 0.11 -4.09 5.50
CA PHE A 83 1.23 -3.82 4.61
C PHE A 83 2.35 -3.08 5.36
N LYS A 84 3.57 -3.49 5.05
CA LYS A 84 4.74 -2.88 5.67
C LYS A 84 5.58 -2.18 4.61
N ALA A 85 6.25 -1.12 5.03
CA ALA A 85 7.09 -0.35 4.13
C ALA A 85 8.55 -0.55 4.51
N ASP A 86 9.42 -0.31 3.54
CA ASP A 86 10.86 -0.44 3.76
C ASP A 86 11.29 0.48 4.90
N ASP A 87 11.15 1.77 4.64
CA ASP A 87 11.51 2.78 5.63
C ASP A 87 10.26 3.53 6.07
N ALA A 88 10.46 4.48 6.97
CA ALA A 88 9.36 5.28 7.48
C ALA A 88 8.73 6.07 6.34
N HIS A 89 9.58 6.70 5.55
CA HIS A 89 9.12 7.47 4.41
C HIS A 89 8.18 6.62 3.55
N SER A 90 8.72 5.51 3.08
CA SER A 90 7.95 4.60 2.24
C SER A 90 6.51 4.48 2.78
N THR A 91 6.43 4.08 4.04
CA THR A 91 5.14 3.91 4.69
C THR A 91 4.24 5.11 4.39
N GLN A 92 4.70 6.28 4.80
CA GLN A 92 3.95 7.51 4.58
C GLN A 92 3.51 7.60 3.12
N ARG A 93 4.48 7.46 2.23
CA ARG A 93 4.20 7.53 0.81
C ARG A 93 3.12 6.51 0.43
N TRP A 94 3.34 5.27 0.86
CA TRP A 94 2.40 4.20 0.57
C TRP A 94 1.04 4.61 1.14
N ILE A 95 1.05 5.07 2.38
CA ILE A 95 -0.17 5.49 3.04
C ILE A 95 -0.90 6.50 2.15
N ASP A 96 -0.33 7.69 2.06
CA ASP A 96 -0.91 8.74 1.25
C ASP A 96 -1.21 8.21 -0.14
N ALA A 97 -0.32 7.33 -0.60
CA ALA A 97 -0.48 6.73 -1.92
C ALA A 97 -1.78 5.91 -1.96
N PHE A 98 -2.06 5.27 -0.83
CA PHE A 98 -3.26 4.46 -0.72
C PHE A 98 -4.48 5.31 -0.34
N GLN A 99 -4.21 6.33 0.46
CA GLN A 99 -5.27 7.23 0.89
C GLN A 99 -5.79 8.04 -0.29
N GLU A 100 -4.87 8.49 -1.13
CA GLU A 100 -5.23 9.27 -2.30
C GLU A 100 -6.00 8.41 -3.30
N GLY A 101 -5.73 7.12 -3.25
CA GLY A 101 -6.39 6.18 -4.14
C GLY A 101 -7.88 6.08 -3.83
N THR A 102 -8.18 5.84 -2.57
CA THR A 102 -9.57 5.73 -2.13
C THR A 102 -10.30 7.05 -2.38
N VAL A 103 -9.64 8.14 -2.03
CA VAL A 103 -10.22 9.46 -2.20
C VAL A 103 -10.05 9.90 -3.65
N SER A 104 -10.18 11.20 -3.86
CA SER A 104 -10.04 11.76 -5.20
C SER A 104 -9.92 13.29 -5.11
N GLY A 105 -8.67 13.75 -5.13
CA GLY A 105 -8.40 15.17 -5.06
C GLY A 105 -7.84 15.69 -6.38
N PRO A 106 -7.40 16.98 -6.35
CA PRO A 106 -6.84 17.60 -7.54
C PRO A 106 -5.42 17.09 -7.81
N SER A 107 -5.36 16.01 -8.58
CA SER A 107 -4.07 15.41 -8.92
C SER A 107 -3.07 16.50 -9.31
N SER A 108 -1.82 16.12 -9.36
CA SER A 108 -0.76 17.05 -9.72
C SER A 108 0.21 16.38 -10.70
N GLY A 109 0.81 15.29 -10.25
CA GLY A 109 1.76 14.56 -11.07
C GLY A 109 2.62 13.61 -10.23
N GLY A 1 -5.18 12.95 -13.77
CA GLY A 1 -4.10 12.14 -13.25
C GLY A 1 -2.74 12.71 -13.67
N SER A 2 -2.23 13.62 -12.85
CA SER A 2 -0.95 14.24 -13.13
C SER A 2 -0.31 14.71 -11.82
N SER A 3 0.70 13.96 -11.39
CA SER A 3 1.41 14.28 -10.16
C SER A 3 2.92 14.21 -10.40
N GLY A 4 3.66 14.86 -9.51
CA GLY A 4 5.11 14.87 -9.60
C GLY A 4 5.70 13.53 -9.15
N SER A 5 5.35 12.49 -9.90
CA SER A 5 5.83 11.15 -9.59
C SER A 5 6.34 10.47 -10.87
N SER A 6 7.63 10.24 -10.91
CA SER A 6 8.25 9.61 -12.07
C SER A 6 7.79 8.15 -12.16
N GLY A 7 7.49 7.73 -13.38
CA GLY A 7 7.05 6.36 -13.61
C GLY A 7 5.68 6.12 -12.99
N SER A 8 5.55 4.97 -12.35
CA SER A 8 4.29 4.61 -11.71
C SER A 8 4.16 5.33 -10.37
N THR A 9 2.93 5.67 -10.03
CA THR A 9 2.66 6.36 -8.77
C THR A 9 3.53 5.78 -7.66
N MET A 10 3.36 4.49 -7.43
CA MET A 10 4.13 3.81 -6.39
C MET A 10 4.44 2.36 -6.79
N SER A 11 5.66 1.96 -6.49
CA SER A 11 6.09 0.61 -6.82
C SER A 11 7.25 0.19 -5.91
N GLY A 12 6.98 -0.80 -5.07
CA GLY A 12 7.98 -1.29 -4.15
C GLY A 12 7.51 -2.57 -3.45
N TYR A 13 8.47 -3.31 -2.91
CA TYR A 13 8.16 -4.54 -2.22
C TYR A 13 7.60 -4.27 -0.82
N LEU A 14 6.53 -4.97 -0.49
CA LEU A 14 5.89 -4.81 0.81
C LEU A 14 5.54 -6.18 1.37
N TYR A 15 5.32 -6.21 2.68
CA TYR A 15 4.97 -7.46 3.35
C TYR A 15 3.50 -7.44 3.79
N ARG A 16 2.77 -8.44 3.33
CA ARG A 16 1.36 -8.56 3.66
C ARG A 16 1.17 -9.52 4.84
N SER A 17 0.28 -9.13 5.74
CA SER A 17 0.00 -9.95 6.91
C SER A 17 -1.49 -9.92 7.22
N LYS A 18 -1.92 -10.90 8.02
CA LYS A 18 -3.32 -10.99 8.40
C LYS A 18 -3.45 -10.68 9.89
N GLY A 19 -2.69 -9.70 10.34
CA GLY A 19 -2.71 -9.30 11.73
C GLY A 19 -1.30 -9.05 12.25
N SER A 20 -1.22 -8.70 13.53
CA SER A 20 0.06 -8.45 14.17
C SER A 20 0.88 -9.73 14.24
N LYS A 21 0.52 -10.58 15.18
CA LYS A 21 1.21 -11.84 15.37
C LYS A 21 0.88 -12.77 14.18
N LYS A 22 1.20 -12.29 12.99
CA LYS A 22 0.95 -13.06 11.79
C LYS A 22 2.22 -13.10 10.93
N PRO A 23 2.31 -14.15 10.08
CA PRO A 23 3.46 -14.31 9.21
C PRO A 23 3.41 -13.32 8.04
N TRP A 24 4.56 -12.73 7.75
CA TRP A 24 4.66 -11.77 6.67
C TRP A 24 4.79 -12.54 5.36
N LYS A 25 4.36 -11.91 4.28
CA LYS A 25 4.43 -12.53 2.97
C LYS A 25 5.06 -11.55 1.98
N HIS A 26 6.28 -11.85 1.58
CA HIS A 26 6.99 -11.00 0.63
C HIS A 26 6.23 -10.97 -0.70
N LEU A 27 5.67 -9.81 -0.99
CA LEU A 27 4.91 -9.64 -2.22
C LEU A 27 5.33 -8.31 -2.88
N TRP A 28 4.97 -8.19 -4.15
CA TRP A 28 5.29 -6.99 -4.90
C TRP A 28 3.98 -6.36 -5.38
N PHE A 29 3.83 -5.07 -5.07
CA PHE A 29 2.63 -4.35 -5.45
C PHE A 29 2.98 -3.13 -6.30
N VAL A 30 1.98 -2.65 -7.04
CA VAL A 30 2.17 -1.50 -7.89
C VAL A 30 0.84 -0.74 -8.03
N ILE A 31 0.92 0.57 -7.87
CA ILE A 31 -0.26 1.40 -7.98
C ILE A 31 -0.36 1.97 -9.40
N LYS A 32 -1.12 1.26 -10.23
CA LYS A 32 -1.30 1.67 -11.61
C LYS A 32 -2.47 2.65 -11.69
N ASN A 33 -3.63 2.11 -12.06
CA ASN A 33 -4.83 2.93 -12.18
C ASN A 33 -5.59 2.89 -10.86
N LYS A 34 -4.96 3.41 -9.82
CA LYS A 34 -5.58 3.45 -8.51
C LYS A 34 -5.96 2.02 -8.10
N VAL A 35 -5.30 1.06 -8.73
CA VAL A 35 -5.56 -0.34 -8.43
C VAL A 35 -4.31 -0.97 -7.80
N LEU A 36 -4.53 -1.66 -6.70
CA LEU A 36 -3.43 -2.31 -5.99
C LEU A 36 -3.19 -3.69 -6.60
N TYR A 37 -2.27 -3.73 -7.55
CA TYR A 37 -1.94 -4.98 -8.22
C TYR A 37 -0.97 -5.81 -7.37
N THR A 38 -1.07 -7.12 -7.52
CA THR A 38 -0.21 -8.03 -6.78
C THR A 38 0.77 -8.72 -7.73
N TYR A 39 1.88 -9.18 -7.16
CA TYR A 39 2.90 -9.86 -7.94
C TYR A 39 3.69 -10.83 -7.08
N ALA A 40 4.62 -11.52 -7.73
CA ALA A 40 5.46 -12.49 -7.02
C ALA A 40 6.91 -12.03 -7.08
N ALA A 41 7.15 -11.01 -7.89
CA ALA A 41 8.49 -10.48 -8.05
C ALA A 41 8.49 -9.43 -9.17
N SER A 42 9.68 -8.93 -9.47
CA SER A 42 9.83 -7.93 -10.51
C SER A 42 10.11 -8.60 -11.86
N GLU A 43 9.91 -9.92 -11.88
CA GLU A 43 10.14 -10.69 -13.09
C GLU A 43 8.81 -11.23 -13.63
N ASP A 44 7.85 -11.36 -12.73
CA ASP A 44 6.54 -11.86 -13.09
C ASP A 44 6.10 -11.23 -14.41
N VAL A 45 5.46 -12.05 -15.24
CA VAL A 45 5.00 -11.58 -16.53
C VAL A 45 3.78 -10.67 -16.33
N ALA A 46 3.07 -10.92 -15.25
CA ALA A 46 1.89 -10.13 -14.93
C ALA A 46 1.67 -10.14 -13.41
N ALA A 47 0.56 -9.55 -13.01
CA ALA A 47 0.22 -9.47 -11.59
C ALA A 47 -0.53 -10.74 -11.20
N LEU A 48 -0.22 -11.22 -9.99
CA LEU A 48 -0.87 -12.42 -9.47
C LEU A 48 -2.35 -12.14 -9.22
N GLU A 49 -2.60 -10.95 -8.67
CA GLU A 49 -3.96 -10.56 -8.36
C GLU A 49 -4.15 -9.06 -8.67
N SER A 50 -5.42 -8.68 -8.75
CA SER A 50 -5.75 -7.29 -9.03
C SER A 50 -6.98 -6.87 -8.24
N GLN A 51 -6.85 -5.74 -7.56
CA GLN A 51 -7.95 -5.21 -6.75
C GLN A 51 -7.93 -3.69 -6.75
N PRO A 52 -9.08 -3.10 -7.17
CA PRO A 52 -9.21 -1.66 -7.21
C PRO A 52 -9.37 -1.07 -5.81
N LEU A 53 -8.44 -0.17 -5.46
CA LEU A 53 -8.48 0.46 -4.16
C LEU A 53 -9.81 1.21 -3.99
N LEU A 54 -10.39 1.58 -5.12
CA LEU A 54 -11.65 2.29 -5.11
C LEU A 54 -12.64 1.56 -4.21
N GLY A 55 -12.75 2.02 -2.98
CA GLY A 55 -13.65 1.41 -2.02
C GLY A 55 -12.88 0.79 -0.85
N PHE A 56 -11.78 1.45 -0.49
CA PHE A 56 -10.95 0.98 0.60
C PHE A 56 -10.45 2.14 1.46
N THR A 57 -9.58 1.82 2.39
CA THR A 57 -9.03 2.83 3.29
C THR A 57 -7.66 2.39 3.80
N VAL A 58 -6.98 3.31 4.47
CA VAL A 58 -5.67 3.04 5.02
C VAL A 58 -5.49 3.82 6.31
N THR A 59 -4.65 3.28 7.19
CA THR A 59 -4.38 3.92 8.46
C THR A 59 -3.02 3.48 9.00
N LEU A 60 -2.38 4.39 9.73
CA LEU A 60 -1.07 4.12 10.30
C LEU A 60 -1.25 3.26 11.56
N VAL A 61 -0.35 2.30 11.70
CA VAL A 61 -0.39 1.41 12.86
C VAL A 61 0.92 1.52 13.63
N LYS A 62 0.81 1.32 14.93
CA LYS A 62 1.98 1.39 15.80
C LYS A 62 2.62 0.01 15.92
N ASP A 63 1.89 -0.89 16.54
CA ASP A 63 2.35 -2.25 16.73
C ASP A 63 3.48 -2.26 17.77
N GLU A 64 3.71 -3.42 18.34
CA GLU A 64 4.75 -3.58 19.35
C GLU A 64 6.12 -3.75 18.68
N ASN A 65 6.07 -4.09 17.39
CA ASN A 65 7.29 -4.28 16.63
C ASN A 65 7.70 -2.96 15.98
N SER A 66 6.86 -2.50 15.07
CA SER A 66 7.11 -1.25 14.37
C SER A 66 6.51 -0.08 15.15
N GLU A 67 6.57 1.09 14.54
CA GLU A 67 6.03 2.29 15.16
C GLU A 67 5.29 3.13 14.14
N SER A 68 5.92 3.30 12.98
CA SER A 68 5.32 4.08 11.91
C SER A 68 5.90 3.64 10.56
N LYS A 69 6.38 2.41 10.53
CA LYS A 69 6.96 1.86 9.32
C LYS A 69 6.06 0.73 8.80
N VAL A 70 4.79 0.80 9.19
CA VAL A 70 3.83 -0.20 8.76
C VAL A 70 2.42 0.41 8.78
N PHE A 71 1.54 -0.20 8.00
CA PHE A 71 0.18 0.28 7.91
C PHE A 71 -0.79 -0.89 7.63
N GLN A 72 -2.06 -0.56 7.63
CA GLN A 72 -3.09 -1.56 7.39
C GLN A 72 -4.07 -1.06 6.32
N LEU A 73 -4.58 -2.00 5.54
CA LEU A 73 -5.53 -1.68 4.49
C LEU A 73 -6.95 -1.92 4.99
N LEU A 74 -7.59 -0.82 5.37
CA LEU A 74 -8.96 -0.89 5.88
C LEU A 74 -9.93 -0.90 4.70
N HIS A 75 -11.07 -1.54 4.92
CA HIS A 75 -12.09 -1.63 3.88
C HIS A 75 -13.47 -1.39 4.50
N LYS A 76 -13.91 -0.15 4.42
CA LYS A 76 -15.21 0.23 4.97
C LYS A 76 -15.07 0.50 6.47
N GLY A 77 -13.85 0.30 6.96
CA GLY A 77 -13.56 0.53 8.36
C GLY A 77 -12.84 -0.68 8.97
N MET A 78 -13.06 -1.83 8.37
CA MET A 78 -12.44 -3.06 8.84
C MET A 78 -11.09 -3.29 8.15
N VAL A 79 -10.18 -3.90 8.88
CA VAL A 79 -8.86 -4.19 8.34
C VAL A 79 -8.95 -5.36 7.36
N PHE A 80 -8.40 -5.15 6.18
CA PHE A 80 -8.41 -6.17 5.15
C PHE A 80 -7.08 -6.91 5.09
N TYR A 81 -6.00 -6.16 5.28
CA TYR A 81 -4.67 -6.73 5.25
C TYR A 81 -3.64 -5.73 5.79
N VAL A 82 -2.52 -6.27 6.24
CA VAL A 82 -1.45 -5.46 6.78
C VAL A 82 -0.39 -5.23 5.70
N PHE A 83 0.37 -4.16 5.88
CA PHE A 83 1.42 -3.82 4.93
C PHE A 83 2.55 -3.03 5.61
N LYS A 84 3.76 -3.53 5.42
CA LYS A 84 4.93 -2.89 6.01
C LYS A 84 5.78 -2.26 4.91
N ALA A 85 6.42 -1.15 5.25
CA ALA A 85 7.26 -0.45 4.30
C ALA A 85 8.70 -0.46 4.80
N ASP A 86 9.62 -0.33 3.85
CA ASP A 86 11.04 -0.33 4.18
C ASP A 86 11.27 0.59 5.38
N ASP A 87 11.04 1.88 5.16
CA ASP A 87 11.23 2.86 6.21
C ASP A 87 9.91 3.58 6.46
N ALA A 88 9.91 4.42 7.49
CA ALA A 88 8.73 5.17 7.85
C ALA A 88 8.33 6.09 6.69
N HIS A 89 9.33 6.78 6.16
CA HIS A 89 9.11 7.69 5.05
C HIS A 89 8.31 6.97 3.95
N SER A 90 8.76 5.77 3.62
CA SER A 90 8.10 4.98 2.60
C SER A 90 6.61 4.84 2.93
N THR A 91 6.34 4.46 4.17
CA THR A 91 4.97 4.27 4.62
C THR A 91 4.12 5.48 4.22
N GLN A 92 4.50 6.63 4.74
CA GLN A 92 3.78 7.86 4.44
C GLN A 92 3.35 7.88 2.97
N ARG A 93 4.33 7.66 2.10
CA ARG A 93 4.06 7.66 0.67
C ARG A 93 2.98 6.62 0.34
N TRP A 94 3.24 5.39 0.74
CA TRP A 94 2.30 4.30 0.50
C TRP A 94 0.94 4.72 1.05
N ILE A 95 0.96 5.18 2.30
CA ILE A 95 -0.27 5.60 2.96
C ILE A 95 -1.00 6.61 2.06
N ASP A 96 -0.41 7.78 1.92
CA ASP A 96 -0.99 8.83 1.11
C ASP A 96 -1.33 8.25 -0.27
N ALA A 97 -0.48 7.34 -0.73
CA ALA A 97 -0.68 6.71 -2.02
C ALA A 97 -1.96 5.87 -1.98
N PHE A 98 -2.18 5.25 -0.83
CA PHE A 98 -3.36 4.41 -0.64
C PHE A 98 -4.58 5.26 -0.26
N GLN A 99 -4.30 6.35 0.43
CA GLN A 99 -5.36 7.25 0.86
C GLN A 99 -5.98 7.96 -0.34
N GLU A 100 -5.10 8.53 -1.16
CA GLU A 100 -5.55 9.25 -2.34
C GLU A 100 -6.14 8.27 -3.36
N GLY A 101 -5.64 7.04 -3.32
CA GLY A 101 -6.11 6.01 -4.23
C GLY A 101 -7.60 5.75 -4.03
N THR A 102 -7.94 5.29 -2.84
CA THR A 102 -9.32 5.00 -2.51
C THR A 102 -10.21 6.20 -2.81
N VAL A 103 -9.73 7.36 -2.39
CA VAL A 103 -10.47 8.60 -2.60
C VAL A 103 -10.23 9.09 -4.03
N SER A 104 -10.51 10.37 -4.24
CA SER A 104 -10.33 10.97 -5.55
C SER A 104 -10.48 12.49 -5.45
N GLY A 105 -9.33 13.15 -5.36
CA GLY A 105 -9.31 14.60 -5.27
C GLY A 105 -8.85 15.24 -6.58
N PRO A 106 -9.20 16.54 -6.73
CA PRO A 106 -8.83 17.28 -7.94
C PRO A 106 -7.34 17.63 -7.94
N SER A 107 -6.54 16.68 -8.40
CA SER A 107 -5.11 16.88 -8.46
C SER A 107 -4.79 18.28 -8.99
N SER A 108 -4.07 19.05 -8.18
CA SER A 108 -3.70 20.39 -8.55
C SER A 108 -2.18 20.54 -8.56
N GLY A 109 -1.71 21.55 -9.27
CA GLY A 109 -0.28 21.81 -9.36
C GLY A 109 0.44 20.63 -10.01
N GLY A 1 0.37 19.76 -8.03
CA GLY A 1 1.46 19.46 -8.93
C GLY A 1 2.74 20.14 -8.47
N SER A 2 3.73 19.31 -8.16
CA SER A 2 5.02 19.82 -7.70
C SER A 2 6.09 19.53 -8.75
N SER A 3 6.11 18.30 -9.22
CA SER A 3 7.08 17.89 -10.23
C SER A 3 6.50 16.76 -11.08
N GLY A 4 6.21 15.65 -10.42
CA GLY A 4 5.65 14.49 -11.10
C GLY A 4 6.55 13.27 -10.94
N SER A 5 6.10 12.16 -11.50
CA SER A 5 6.86 10.93 -11.43
C SER A 5 6.36 9.94 -12.49
N SER A 6 7.24 9.66 -13.44
CA SER A 6 6.91 8.75 -14.52
C SER A 6 6.90 7.30 -14.00
N GLY A 7 6.20 6.45 -14.73
CA GLY A 7 6.09 5.06 -14.36
C GLY A 7 4.76 4.77 -13.65
N SER A 8 4.84 4.61 -12.34
CA SER A 8 3.65 4.34 -11.55
C SER A 8 3.71 5.12 -10.23
N THR A 9 2.54 5.25 -9.62
CA THR A 9 2.44 5.97 -8.35
C THR A 9 3.46 5.42 -7.35
N MET A 10 3.27 4.16 -7.00
CA MET A 10 4.16 3.50 -6.05
C MET A 10 4.49 2.08 -6.49
N SER A 11 5.51 1.51 -5.86
CA SER A 11 5.94 0.16 -6.18
C SER A 11 7.08 -0.26 -5.25
N GLY A 12 7.29 -1.56 -5.20
CA GLY A 12 8.35 -2.12 -4.36
C GLY A 12 7.82 -3.27 -3.50
N TYR A 13 8.74 -4.09 -3.03
CA TYR A 13 8.38 -5.23 -2.21
C TYR A 13 7.89 -4.77 -0.83
N LEU A 14 6.69 -5.23 -0.49
CA LEU A 14 6.10 -4.87 0.80
C LEU A 14 5.66 -6.15 1.52
N TYR A 15 5.82 -6.13 2.83
CA TYR A 15 5.45 -7.26 3.65
C TYR A 15 3.96 -7.25 3.97
N ARG A 16 3.26 -8.23 3.41
CA ARG A 16 1.82 -8.34 3.62
C ARG A 16 1.53 -9.41 4.69
N SER A 17 1.11 -8.94 5.85
CA SER A 17 0.79 -9.83 6.95
C SER A 17 -0.72 -10.04 7.02
N LYS A 18 -1.13 -10.81 8.03
CA LYS A 18 -2.54 -11.09 8.23
C LYS A 18 -2.91 -10.79 9.68
N GLY A 19 -2.10 -9.97 10.31
CA GLY A 19 -2.33 -9.59 11.70
C GLY A 19 -1.08 -8.98 12.32
N SER A 20 -0.79 -9.40 13.54
CA SER A 20 0.37 -8.90 14.26
C SER A 20 1.43 -10.00 14.34
N LYS A 21 1.10 -11.05 15.07
CA LYS A 21 2.02 -12.18 15.23
C LYS A 21 2.03 -13.01 13.96
N LYS A 22 1.22 -12.58 13.00
CA LYS A 22 1.14 -13.28 11.72
C LYS A 22 2.44 -13.08 10.95
N PRO A 23 2.70 -14.04 10.02
CA PRO A 23 3.90 -13.97 9.21
C PRO A 23 3.77 -12.89 8.12
N TRP A 24 4.89 -12.22 7.87
CA TRP A 24 4.92 -11.18 6.86
C TRP A 24 5.23 -11.82 5.51
N LYS A 25 4.59 -11.30 4.48
CA LYS A 25 4.79 -11.82 3.14
C LYS A 25 5.22 -10.67 2.22
N HIS A 26 6.52 -10.64 1.95
CA HIS A 26 7.08 -9.61 1.09
C HIS A 26 6.66 -9.86 -0.35
N LEU A 27 5.62 -9.14 -0.77
CA LEU A 27 5.11 -9.28 -2.12
C LEU A 27 5.37 -7.98 -2.90
N TRP A 28 5.12 -8.05 -4.19
CA TRP A 28 5.34 -6.89 -5.06
C TRP A 28 3.97 -6.29 -5.39
N PHE A 29 3.88 -4.98 -5.28
CA PHE A 29 2.65 -4.28 -5.56
C PHE A 29 2.90 -3.04 -6.43
N VAL A 30 1.91 -2.72 -7.24
CA VAL A 30 2.01 -1.57 -8.12
C VAL A 30 0.64 -0.89 -8.22
N ILE A 31 0.63 0.39 -7.88
CA ILE A 31 -0.59 1.17 -7.93
C ILE A 31 -0.81 1.70 -9.35
N LYS A 32 -1.64 0.99 -10.09
CA LYS A 32 -1.92 1.37 -11.46
C LYS A 32 -3.43 1.63 -11.62
N ASN A 33 -3.74 2.75 -12.25
CA ASN A 33 -5.14 3.13 -12.46
C ASN A 33 -5.82 3.29 -11.10
N LYS A 34 -5.01 3.48 -10.08
CA LYS A 34 -5.52 3.66 -8.73
C LYS A 34 -5.92 2.30 -8.16
N VAL A 35 -5.46 1.24 -8.83
CA VAL A 35 -5.76 -0.11 -8.41
C VAL A 35 -4.49 -0.75 -7.85
N LEU A 36 -4.64 -1.37 -6.69
CA LEU A 36 -3.53 -2.04 -6.04
C LEU A 36 -3.33 -3.43 -6.64
N TYR A 37 -2.47 -3.50 -7.64
CA TYR A 37 -2.20 -4.77 -8.31
C TYR A 37 -1.21 -5.61 -7.49
N THR A 38 -1.39 -6.92 -7.58
CA THR A 38 -0.53 -7.84 -6.88
C THR A 38 0.49 -8.47 -7.83
N TYR A 39 1.60 -8.90 -7.26
CA TYR A 39 2.66 -9.52 -8.05
C TYR A 39 3.51 -10.44 -7.18
N ALA A 40 4.49 -11.06 -7.82
CA ALA A 40 5.39 -11.97 -7.13
C ALA A 40 6.83 -11.47 -7.27
N ALA A 41 7.14 -11.01 -8.47
CA ALA A 41 8.48 -10.50 -8.75
C ALA A 41 8.39 -9.01 -9.07
N SER A 42 9.54 -8.45 -9.45
CA SER A 42 9.60 -7.04 -9.78
C SER A 42 8.98 -6.80 -11.17
N GLU A 43 9.41 -7.62 -12.12
CA GLU A 43 8.91 -7.52 -13.48
C GLU A 43 8.18 -8.79 -13.88
N ASP A 44 7.17 -9.13 -13.10
CA ASP A 44 6.38 -10.32 -13.37
C ASP A 44 5.78 -10.23 -14.77
N VAL A 45 5.31 -11.37 -15.25
CA VAL A 45 4.72 -11.44 -16.58
C VAL A 45 3.26 -10.97 -16.50
N ALA A 46 2.68 -11.12 -15.31
CA ALA A 46 1.31 -10.72 -15.09
C ALA A 46 1.05 -10.60 -13.59
N ALA A 47 0.14 -9.70 -13.23
CA ALA A 47 -0.20 -9.49 -11.85
C ALA A 47 -0.95 -10.70 -11.32
N LEU A 48 -0.57 -11.13 -10.13
CA LEU A 48 -1.19 -12.29 -9.51
C LEU A 48 -2.67 -11.98 -9.26
N GLU A 49 -2.92 -10.76 -8.81
CA GLU A 49 -4.28 -10.33 -8.53
C GLU A 49 -4.43 -8.84 -8.80
N SER A 50 -5.69 -8.40 -8.84
CA SER A 50 -5.97 -6.99 -9.08
C SER A 50 -7.17 -6.55 -8.22
N GLN A 51 -6.94 -5.50 -7.45
CA GLN A 51 -7.98 -4.97 -6.59
C GLN A 51 -7.89 -3.45 -6.51
N PRO A 52 -9.05 -2.78 -6.80
CA PRO A 52 -9.10 -1.33 -6.77
C PRO A 52 -9.12 -0.82 -5.34
N LEU A 53 -8.72 0.43 -5.19
CA LEU A 53 -8.68 1.06 -3.88
C LEU A 53 -9.91 1.96 -3.72
N LEU A 54 -10.96 1.62 -4.45
CA LEU A 54 -12.18 2.39 -4.40
C LEU A 54 -13.04 1.87 -3.24
N GLY A 55 -13.38 2.80 -2.35
CA GLY A 55 -14.19 2.46 -1.19
C GLY A 55 -13.32 1.98 -0.03
N PHE A 56 -12.09 1.61 -0.37
CA PHE A 56 -11.15 1.14 0.63
C PHE A 56 -10.62 2.29 1.49
N THR A 57 -9.80 1.93 2.47
CA THR A 57 -9.23 2.91 3.36
C THR A 57 -7.85 2.47 3.84
N VAL A 58 -7.13 3.40 4.45
CA VAL A 58 -5.80 3.12 4.95
C VAL A 58 -5.57 3.90 6.24
N THR A 59 -4.71 3.35 7.09
CA THR A 59 -4.39 3.98 8.36
C THR A 59 -3.07 3.44 8.91
N LEU A 60 -2.36 4.31 9.61
CA LEU A 60 -1.09 3.93 10.20
C LEU A 60 -1.33 3.18 11.50
N VAL A 61 -0.48 2.18 11.73
CA VAL A 61 -0.60 1.37 12.94
C VAL A 61 0.73 1.40 13.69
N LYS A 62 0.62 1.43 15.01
CA LYS A 62 1.80 1.45 15.85
C LYS A 62 2.55 0.14 15.73
N ASP A 63 1.78 -0.94 15.68
CA ASP A 63 2.37 -2.27 15.55
C ASP A 63 3.38 -2.49 16.69
N GLU A 64 3.81 -3.74 16.82
CA GLU A 64 4.77 -4.09 17.85
C GLU A 64 6.09 -4.53 17.21
N ASN A 65 6.02 -4.84 15.94
CA ASN A 65 7.19 -5.27 15.20
C ASN A 65 7.89 -4.05 14.61
N SER A 66 7.09 -3.18 14.00
CA SER A 66 7.62 -1.97 13.39
C SER A 66 6.99 -0.74 14.03
N GLU A 67 7.62 0.40 13.79
CA GLU A 67 7.13 1.66 14.35
C GLU A 67 6.94 2.69 13.24
N SER A 68 5.69 3.12 13.09
CA SER A 68 5.36 4.10 12.06
C SER A 68 6.00 3.71 10.73
N LYS A 69 6.13 2.40 10.53
CA LYS A 69 6.72 1.88 9.32
C LYS A 69 5.83 0.77 8.76
N VAL A 70 4.63 0.68 9.31
CA VAL A 70 3.68 -0.33 8.88
C VAL A 70 2.26 0.25 8.92
N PHE A 71 1.43 -0.21 8.00
CA PHE A 71 0.06 0.24 7.92
C PHE A 71 -0.89 -0.91 7.66
N GLN A 72 -2.18 -0.59 7.62
CA GLN A 72 -3.20 -1.59 7.37
C GLN A 72 -4.14 -1.13 6.26
N LEU A 73 -4.61 -2.09 5.47
CA LEU A 73 -5.51 -1.80 4.38
C LEU A 73 -6.95 -2.01 4.84
N LEU A 74 -7.60 -0.91 5.19
CA LEU A 74 -8.97 -0.96 5.64
C LEU A 74 -9.91 -0.96 4.43
N HIS A 75 -11.04 -1.64 4.61
CA HIS A 75 -12.02 -1.73 3.54
C HIS A 75 -13.42 -1.54 4.11
N LYS A 76 -13.90 -0.30 4.05
CA LYS A 76 -15.22 0.02 4.56
C LYS A 76 -15.11 0.38 6.05
N GLY A 77 -14.18 -0.29 6.72
CA GLY A 77 -13.96 -0.06 8.13
C GLY A 77 -13.15 -1.20 8.76
N MET A 78 -13.27 -2.37 8.15
CA MET A 78 -12.56 -3.54 8.64
C MET A 78 -11.20 -3.69 7.93
N VAL A 79 -10.22 -4.11 8.71
CA VAL A 79 -8.88 -4.30 8.16
C VAL A 79 -8.89 -5.46 7.16
N PHE A 80 -8.34 -5.18 5.98
CA PHE A 80 -8.29 -6.18 4.93
C PHE A 80 -6.97 -6.95 4.98
N TYR A 81 -5.89 -6.21 5.20
CA TYR A 81 -4.57 -6.79 5.27
C TYR A 81 -3.56 -5.81 5.86
N VAL A 82 -2.48 -6.37 6.39
CA VAL A 82 -1.43 -5.56 6.99
C VAL A 82 -0.28 -5.40 5.99
N PHE A 83 0.16 -4.16 5.85
CA PHE A 83 1.24 -3.85 4.93
C PHE A 83 2.37 -3.09 5.64
N LYS A 84 3.59 -3.56 5.42
CA LYS A 84 4.75 -2.95 6.04
C LYS A 84 5.66 -2.39 4.94
N ALA A 85 6.19 -1.21 5.21
CA ALA A 85 7.08 -0.56 4.26
C ALA A 85 8.52 -0.65 4.77
N ASP A 86 9.45 -0.67 3.82
CA ASP A 86 10.85 -0.74 4.16
C ASP A 86 11.19 0.32 5.20
N ASP A 87 11.25 1.56 4.73
CA ASP A 87 11.56 2.68 5.60
C ASP A 87 10.25 3.32 6.07
N ALA A 88 10.40 4.35 6.91
CA ALA A 88 9.24 5.05 7.44
C ALA A 88 8.62 5.89 6.33
N HIS A 89 9.39 6.83 5.83
CA HIS A 89 8.93 7.72 4.78
C HIS A 89 8.10 6.92 3.78
N SER A 90 8.59 5.74 3.45
CA SER A 90 7.90 4.87 2.51
C SER A 90 6.48 4.60 2.99
N THR A 91 6.39 4.08 4.20
CA THR A 91 5.09 3.77 4.79
C THR A 91 4.10 4.90 4.51
N GLN A 92 4.51 6.11 4.85
CA GLN A 92 3.67 7.28 4.65
C GLN A 92 3.28 7.40 3.18
N ARG A 93 4.31 7.49 2.33
CA ARG A 93 4.09 7.60 0.90
C ARG A 93 3.05 6.59 0.43
N TRP A 94 3.23 5.36 0.89
CA TRP A 94 2.32 4.29 0.52
C TRP A 94 0.92 4.66 1.03
N ILE A 95 0.86 4.96 2.33
CA ILE A 95 -0.40 5.34 2.94
C ILE A 95 -1.05 6.45 2.13
N ASP A 96 -0.32 7.54 1.99
CA ASP A 96 -0.82 8.69 1.23
C ASP A 96 -1.21 8.23 -0.17
N ALA A 97 -0.39 7.35 -0.73
CA ALA A 97 -0.64 6.83 -2.06
C ALA A 97 -1.95 6.05 -2.06
N PHE A 98 -2.21 5.39 -0.93
CA PHE A 98 -3.42 4.60 -0.78
C PHE A 98 -4.61 5.48 -0.42
N GLN A 99 -4.31 6.57 0.28
CA GLN A 99 -5.34 7.51 0.69
C GLN A 99 -5.84 8.31 -0.51
N GLU A 100 -4.90 8.69 -1.36
CA GLU A 100 -5.23 9.46 -2.55
C GLU A 100 -5.82 8.55 -3.63
N GLY A 101 -5.67 7.26 -3.42
CA GLY A 101 -6.17 6.27 -4.36
C GLY A 101 -7.69 6.21 -4.31
N THR A 102 -8.22 6.17 -3.08
CA THR A 102 -9.65 6.11 -2.88
C THR A 102 -10.33 7.37 -3.39
N VAL A 103 -9.55 8.45 -3.42
CA VAL A 103 -10.05 9.73 -3.88
C VAL A 103 -9.51 10.01 -5.29
N SER A 104 -9.69 11.25 -5.73
CA SER A 104 -9.24 11.66 -7.05
C SER A 104 -8.99 13.16 -7.07
N GLY A 105 -7.72 13.52 -6.99
CA GLY A 105 -7.33 14.92 -7.01
C GLY A 105 -7.83 15.62 -8.27
N PRO A 106 -7.44 16.91 -8.41
CA PRO A 106 -7.84 17.69 -9.57
C PRO A 106 -7.05 17.29 -10.81
N SER A 107 -7.70 17.41 -11.95
CA SER A 107 -7.06 17.06 -13.22
C SER A 107 -7.73 17.81 -14.37
N SER A 108 -7.13 18.94 -14.71
CA SER A 108 -7.66 19.77 -15.80
C SER A 108 -6.65 20.86 -16.15
N GLY A 109 -6.35 20.96 -17.44
CA GLY A 109 -5.42 21.97 -17.91
C GLY A 109 -5.96 23.37 -17.69
N GLY A 1 7.52 16.60 2.12
CA GLY A 1 8.61 16.57 1.16
C GLY A 1 8.11 16.23 -0.24
N SER A 2 8.86 16.70 -1.22
CA SER A 2 8.50 16.46 -2.61
C SER A 2 9.68 15.85 -3.36
N SER A 3 9.44 14.70 -3.96
CA SER A 3 10.46 14.00 -4.72
C SER A 3 9.84 13.24 -5.88
N GLY A 4 10.67 12.94 -6.86
CA GLY A 4 10.21 12.22 -8.04
C GLY A 4 10.52 10.72 -7.92
N SER A 5 9.70 10.04 -7.15
CA SER A 5 9.87 8.61 -6.94
C SER A 5 10.16 7.92 -8.28
N SER A 6 10.76 6.74 -8.18
CA SER A 6 11.10 5.97 -9.36
C SER A 6 10.32 4.66 -9.38
N GLY A 7 9.53 4.49 -10.43
CA GLY A 7 8.73 3.28 -10.57
C GLY A 7 7.24 3.59 -10.38
N SER A 8 6.66 4.18 -11.41
CA SER A 8 5.24 4.53 -11.36
C SER A 8 4.94 5.32 -10.09
N THR A 9 3.68 5.73 -9.96
CA THR A 9 3.26 6.50 -8.80
C THR A 9 3.82 5.87 -7.51
N MET A 10 3.74 4.55 -7.45
CA MET A 10 4.23 3.82 -6.30
C MET A 10 4.56 2.38 -6.65
N SER A 11 5.64 1.89 -6.08
CA SER A 11 6.07 0.52 -6.33
C SER A 11 7.19 0.14 -5.35
N GLY A 12 7.08 -1.06 -4.82
CA GLY A 12 8.07 -1.55 -3.87
C GLY A 12 7.56 -2.80 -3.13
N TYR A 13 8.50 -3.65 -2.76
CA TYR A 13 8.16 -4.87 -2.04
C TYR A 13 7.56 -4.55 -0.67
N LEU A 14 6.41 -5.16 -0.41
CA LEU A 14 5.73 -4.95 0.85
C LEU A 14 5.37 -6.31 1.46
N TYR A 15 5.31 -6.33 2.78
CA TYR A 15 4.99 -7.55 3.50
C TYR A 15 3.51 -7.58 3.89
N ARG A 16 2.80 -8.57 3.38
CA ARG A 16 1.40 -8.73 3.66
C ARG A 16 1.19 -9.62 4.89
N SER A 17 0.27 -9.19 5.75
CA SER A 17 -0.02 -9.94 6.96
C SER A 17 -1.43 -9.60 7.44
N LYS A 18 -2.19 -10.64 7.76
CA LYS A 18 -3.55 -10.47 8.24
C LYS A 18 -3.52 -9.68 9.55
N GLY A 19 -2.49 -9.96 10.35
CA GLY A 19 -2.34 -9.28 11.63
C GLY A 19 -0.87 -9.15 12.02
N SER A 20 -0.64 -8.88 13.28
CA SER A 20 0.72 -8.72 13.78
C SER A 20 1.30 -10.09 14.16
N LYS A 21 0.43 -10.93 14.73
CA LYS A 21 0.84 -12.27 15.13
C LYS A 21 0.74 -13.21 13.93
N LYS A 22 1.12 -12.70 12.77
CA LYS A 22 1.07 -13.49 11.55
C LYS A 22 2.41 -13.39 10.83
N PRO A 23 2.70 -14.44 10.01
CA PRO A 23 3.94 -14.49 9.26
C PRO A 23 3.91 -13.52 8.08
N TRP A 24 4.91 -12.64 8.05
CA TRP A 24 5.00 -11.65 6.98
C TRP A 24 5.28 -12.41 5.68
N LYS A 25 4.57 -12.00 4.64
CA LYS A 25 4.74 -12.61 3.33
C LYS A 25 5.29 -11.58 2.34
N HIS A 26 6.44 -11.89 1.78
CA HIS A 26 7.07 -10.99 0.82
C HIS A 26 6.29 -11.01 -0.49
N LEU A 27 5.80 -9.83 -0.87
CA LEU A 27 5.04 -9.70 -2.09
C LEU A 27 5.39 -8.37 -2.76
N TRP A 28 4.93 -8.23 -4.00
CA TRP A 28 5.19 -7.02 -4.76
C TRP A 28 3.84 -6.40 -5.14
N PHE A 29 3.77 -5.08 -5.00
CA PHE A 29 2.55 -4.37 -5.32
C PHE A 29 2.86 -3.10 -6.13
N VAL A 30 1.84 -2.63 -6.84
CA VAL A 30 1.98 -1.44 -7.66
C VAL A 30 0.63 -0.72 -7.75
N ILE A 31 0.71 0.56 -8.05
CA ILE A 31 -0.50 1.37 -8.18
C ILE A 31 -0.60 1.92 -9.60
N LYS A 32 -1.23 1.15 -10.46
CA LYS A 32 -1.40 1.54 -11.85
C LYS A 32 -2.40 2.68 -11.93
N ASN A 33 -3.68 2.31 -11.97
CA ASN A 33 -4.74 3.28 -12.05
C ASN A 33 -5.59 3.21 -10.77
N LYS A 34 -5.01 3.68 -9.69
CA LYS A 34 -5.70 3.68 -8.40
C LYS A 34 -6.06 2.23 -8.03
N VAL A 35 -5.40 1.30 -8.71
CA VAL A 35 -5.64 -0.11 -8.46
C VAL A 35 -4.38 -0.74 -7.88
N LEU A 36 -4.55 -1.39 -6.73
CA LEU A 36 -3.43 -2.04 -6.06
C LEU A 36 -3.20 -3.41 -6.69
N TYR A 37 -2.33 -3.41 -7.69
CA TYR A 37 -1.99 -4.65 -8.38
C TYR A 37 -1.00 -5.48 -7.58
N THR A 38 -1.31 -6.77 -7.46
CA THR A 38 -0.45 -7.68 -6.72
C THR A 38 0.58 -8.31 -7.67
N TYR A 39 1.65 -8.83 -7.07
CA TYR A 39 2.70 -9.46 -7.83
C TYR A 39 3.51 -10.43 -6.95
N ALA A 40 4.40 -11.16 -7.60
CA ALA A 40 5.24 -12.12 -6.91
C ALA A 40 6.70 -11.67 -7.00
N ALA A 41 6.94 -10.69 -7.85
CA ALA A 41 8.27 -10.17 -8.04
C ALA A 41 8.25 -9.10 -9.14
N SER A 42 9.39 -8.45 -9.30
CA SER A 42 9.52 -7.40 -10.31
C SER A 42 9.80 -8.02 -11.68
N GLU A 43 9.75 -9.35 -11.71
CA GLU A 43 10.01 -10.07 -12.94
C GLU A 43 8.72 -10.70 -13.46
N ASP A 44 7.75 -10.81 -12.57
CA ASP A 44 6.45 -11.38 -12.92
C ASP A 44 5.99 -10.80 -14.27
N VAL A 45 5.50 -11.68 -15.13
CA VAL A 45 5.03 -11.27 -16.43
C VAL A 45 3.83 -10.32 -16.26
N ALA A 46 3.09 -10.54 -15.18
CA ALA A 46 1.93 -9.73 -14.90
C ALA A 46 1.66 -9.75 -13.38
N ALA A 47 0.56 -9.12 -13.01
CA ALA A 47 0.17 -9.06 -11.61
C ALA A 47 -0.62 -10.31 -11.25
N LEU A 48 -0.29 -10.88 -10.10
CA LEU A 48 -0.96 -12.07 -9.63
C LEU A 48 -2.45 -11.76 -9.42
N GLU A 49 -2.70 -10.65 -8.74
CA GLU A 49 -4.06 -10.24 -8.47
C GLU A 49 -4.23 -8.74 -8.75
N SER A 50 -5.47 -8.35 -8.96
CA SER A 50 -5.77 -6.95 -9.22
C SER A 50 -7.07 -6.54 -8.50
N GLN A 51 -7.00 -5.40 -7.83
CA GLN A 51 -8.13 -4.89 -7.10
C GLN A 51 -8.07 -3.36 -7.00
N PRO A 52 -9.23 -2.72 -7.30
CA PRO A 52 -9.31 -1.27 -7.25
C PRO A 52 -9.36 -0.76 -5.81
N LEU A 53 -8.48 0.19 -5.52
CA LEU A 53 -8.41 0.76 -4.18
C LEU A 53 -9.73 1.48 -3.87
N LEU A 54 -10.44 1.83 -4.93
CA LEU A 54 -11.70 2.53 -4.79
C LEU A 54 -12.63 1.72 -3.87
N GLY A 55 -12.90 2.30 -2.71
CA GLY A 55 -13.76 1.64 -1.73
C GLY A 55 -12.98 1.25 -0.49
N PHE A 56 -11.71 0.89 -0.71
CA PHE A 56 -10.85 0.49 0.39
C PHE A 56 -10.39 1.71 1.20
N THR A 57 -9.56 1.44 2.20
CA THR A 57 -9.05 2.50 3.05
C THR A 57 -7.68 2.10 3.63
N VAL A 58 -7.02 3.09 4.22
CA VAL A 58 -5.72 2.84 4.82
C VAL A 58 -5.57 3.71 6.07
N THR A 59 -4.75 3.23 6.99
CA THR A 59 -4.51 3.94 8.23
C THR A 59 -3.22 3.45 8.89
N LEU A 60 -2.38 4.41 9.26
CA LEU A 60 -1.12 4.10 9.90
C LEU A 60 -1.39 3.41 11.24
N VAL A 61 -0.55 2.43 11.55
CA VAL A 61 -0.69 1.69 12.78
C VAL A 61 0.61 1.77 13.57
N LYS A 62 0.48 1.78 14.89
CA LYS A 62 1.64 1.86 15.76
C LYS A 62 2.41 0.54 15.70
N ASP A 63 1.78 -0.50 16.22
CA ASP A 63 2.39 -1.82 16.22
C ASP A 63 3.58 -1.82 17.18
N GLU A 64 4.23 -2.97 17.29
CA GLU A 64 5.38 -3.12 18.15
C GLU A 64 6.64 -3.30 17.33
N ASN A 65 6.49 -3.95 16.18
CA ASN A 65 7.60 -4.19 15.29
C ASN A 65 8.19 -2.85 14.83
N SER A 66 7.39 -2.13 14.06
CA SER A 66 7.81 -0.84 13.54
C SER A 66 6.71 0.20 13.79
N GLU A 67 7.13 1.45 13.78
CA GLU A 67 6.19 2.55 14.00
C GLU A 67 6.17 3.48 12.79
N SER A 68 4.99 4.01 12.51
CA SER A 68 4.81 4.91 11.38
C SER A 68 5.55 4.36 10.15
N LYS A 69 5.70 3.04 10.14
CA LYS A 69 6.38 2.39 9.03
C LYS A 69 5.42 1.37 8.38
N VAL A 70 4.69 0.67 9.22
CA VAL A 70 3.76 -0.33 8.75
C VAL A 70 2.33 0.23 8.86
N PHE A 71 1.51 -0.16 7.89
CA PHE A 71 0.12 0.30 7.87
C PHE A 71 -0.83 -0.88 7.67
N GLN A 72 -2.13 -0.56 7.68
CA GLN A 72 -3.15 -1.57 7.50
C GLN A 72 -4.08 -1.19 6.35
N LEU A 73 -4.58 -2.20 5.68
CA LEU A 73 -5.49 -1.98 4.56
C LEU A 73 -6.93 -2.19 5.03
N LEU A 74 -7.60 -1.08 5.33
CA LEU A 74 -8.97 -1.13 5.79
C LEU A 74 -9.90 -1.22 4.59
N HIS A 75 -11.00 -1.93 4.79
CA HIS A 75 -11.99 -2.12 3.72
C HIS A 75 -13.39 -1.92 4.30
N LYS A 76 -13.93 -0.73 4.09
CA LYS A 76 -15.26 -0.41 4.58
C LYS A 76 -15.19 -0.03 6.05
N GLY A 77 -13.97 -0.09 6.58
CA GLY A 77 -13.75 0.25 7.98
C GLY A 77 -13.01 -0.87 8.71
N MET A 78 -13.14 -2.07 8.16
CA MET A 78 -12.49 -3.23 8.75
C MET A 78 -11.14 -3.51 8.07
N VAL A 79 -10.18 -3.92 8.88
CA VAL A 79 -8.85 -4.22 8.38
C VAL A 79 -8.92 -5.45 7.48
N PHE A 80 -8.36 -5.30 6.28
CA PHE A 80 -8.35 -6.39 5.32
C PHE A 80 -6.98 -7.08 5.28
N TYR A 81 -5.95 -6.28 5.51
CA TYR A 81 -4.59 -6.80 5.50
C TYR A 81 -3.61 -5.79 6.09
N VAL A 82 -2.40 -6.26 6.33
CA VAL A 82 -1.36 -5.40 6.89
C VAL A 82 -0.20 -5.29 5.90
N PHE A 83 0.40 -4.10 5.87
CA PHE A 83 1.52 -3.86 4.97
C PHE A 83 2.63 -3.10 5.68
N LYS A 84 3.83 -3.66 5.60
CA LYS A 84 4.98 -3.05 6.24
C LYS A 84 5.93 -2.50 5.15
N ALA A 85 6.50 -1.34 5.45
CA ALA A 85 7.41 -0.70 4.52
C ALA A 85 8.82 -0.74 5.09
N ASP A 86 9.79 -0.93 4.20
CA ASP A 86 11.19 -0.99 4.60
C ASP A 86 11.51 0.25 5.44
N ASP A 87 11.44 1.41 4.78
CA ASP A 87 11.74 2.66 5.45
C ASP A 87 10.43 3.27 5.96
N ALA A 88 10.59 4.38 6.69
CA ALA A 88 9.43 5.07 7.24
C ALA A 88 8.86 6.02 6.18
N HIS A 89 9.76 6.77 5.56
CA HIS A 89 9.37 7.72 4.53
C HIS A 89 8.40 7.04 3.56
N SER A 90 8.82 5.88 3.07
CA SER A 90 8.01 5.13 2.13
C SER A 90 6.57 5.01 2.66
N THR A 91 6.47 4.56 3.90
CA THR A 91 5.16 4.40 4.53
C THR A 91 4.25 5.57 4.17
N GLN A 92 4.61 6.73 4.70
CA GLN A 92 3.84 7.94 4.45
C GLN A 92 3.34 7.96 3.01
N ARG A 93 4.29 7.90 2.08
CA ARG A 93 3.97 7.92 0.67
C ARG A 93 2.90 6.87 0.36
N TRP A 94 3.19 5.64 0.77
CA TRP A 94 2.27 4.54 0.55
C TRP A 94 0.91 4.93 1.14
N ILE A 95 0.94 5.31 2.40
CA ILE A 95 -0.28 5.72 3.09
C ILE A 95 -1.07 6.68 2.20
N ASP A 96 -0.46 7.82 1.93
CA ASP A 96 -1.09 8.84 1.10
C ASP A 96 -1.48 8.21 -0.24
N ALA A 97 -0.58 7.39 -0.77
CA ALA A 97 -0.82 6.73 -2.03
C ALA A 97 -2.15 5.97 -1.97
N PHE A 98 -2.29 5.19 -0.90
CA PHE A 98 -3.49 4.41 -0.71
C PHE A 98 -4.69 5.31 -0.40
N GLN A 99 -4.49 6.21 0.55
CA GLN A 99 -5.53 7.13 0.94
C GLN A 99 -6.07 7.89 -0.28
N GLU A 100 -5.15 8.55 -0.96
CA GLU A 100 -5.51 9.32 -2.15
C GLU A 100 -6.21 8.41 -3.17
N GLY A 101 -5.74 7.17 -3.23
CA GLY A 101 -6.32 6.20 -4.15
C GLY A 101 -7.78 5.94 -3.84
N THR A 102 -8.02 5.55 -2.59
CA THR A 102 -9.37 5.25 -2.15
C THR A 102 -10.27 6.48 -2.34
N VAL A 103 -9.72 7.64 -2.00
CA VAL A 103 -10.46 8.88 -2.14
C VAL A 103 -10.28 9.43 -3.55
N SER A 104 -10.60 10.71 -3.70
CA SER A 104 -10.48 11.35 -4.99
C SER A 104 -10.06 12.82 -4.82
N GLY A 105 -8.76 13.05 -4.94
CA GLY A 105 -8.22 14.39 -4.78
C GLY A 105 -8.36 15.18 -6.09
N PRO A 106 -7.42 16.16 -6.27
CA PRO A 106 -7.43 16.99 -7.46
C PRO A 106 -6.91 16.22 -8.67
N SER A 107 -7.81 15.98 -9.61
CA SER A 107 -7.47 15.26 -10.83
C SER A 107 -8.18 15.89 -12.04
N SER A 108 -7.45 15.93 -13.14
CA SER A 108 -7.99 16.50 -14.37
C SER A 108 -8.48 17.92 -14.11
N GLY A 109 -7.53 18.85 -14.11
CA GLY A 109 -7.86 20.26 -13.88
C GLY A 109 -6.89 21.17 -14.64
N GLY A 1 0.32 21.11 -7.79
CA GLY A 1 0.13 20.83 -9.21
C GLY A 1 1.46 20.82 -9.95
N SER A 2 1.81 19.64 -10.45
CA SER A 2 3.04 19.47 -11.18
C SER A 2 2.79 18.70 -12.48
N SER A 3 3.59 19.03 -13.49
CA SER A 3 3.46 18.38 -14.79
C SER A 3 4.68 17.50 -15.05
N GLY A 4 4.43 16.20 -15.16
CA GLY A 4 5.50 15.25 -15.41
C GLY A 4 5.02 13.82 -15.18
N SER A 5 5.78 12.88 -15.72
CA SER A 5 5.44 11.47 -15.57
C SER A 5 6.67 10.60 -15.88
N SER A 6 7.11 9.87 -14.87
CA SER A 6 8.27 9.00 -15.02
C SER A 6 7.89 7.56 -14.67
N GLY A 7 7.40 7.40 -13.45
CA GLY A 7 7.00 6.08 -12.97
C GLY A 7 5.51 6.05 -12.64
N SER A 8 5.18 5.31 -11.59
CA SER A 8 3.80 5.19 -11.17
C SER A 8 3.64 5.72 -9.74
N THR A 9 2.39 5.86 -9.33
CA THR A 9 2.10 6.35 -7.99
C THR A 9 3.06 5.73 -6.97
N MET A 10 3.30 4.44 -7.15
CA MET A 10 4.19 3.71 -6.25
C MET A 10 4.56 2.35 -6.83
N SER A 11 5.56 1.74 -6.21
CA SER A 11 6.03 0.44 -6.66
C SER A 11 7.17 -0.05 -5.76
N GLY A 12 7.00 -1.24 -5.23
CA GLY A 12 8.01 -1.83 -4.37
C GLY A 12 7.45 -3.06 -3.64
N TYR A 13 8.32 -3.69 -2.84
CA TYR A 13 7.93 -4.87 -2.10
C TYR A 13 7.34 -4.48 -0.74
N LEU A 14 6.27 -5.19 -0.38
CA LEU A 14 5.61 -4.94 0.89
C LEU A 14 5.27 -6.26 1.56
N TYR A 15 5.22 -6.24 2.88
CA TYR A 15 4.91 -7.43 3.64
C TYR A 15 3.42 -7.50 3.98
N ARG A 16 2.76 -8.48 3.37
CA ARG A 16 1.33 -8.66 3.60
C ARG A 16 1.09 -9.62 4.77
N SER A 17 0.40 -9.12 5.77
CA SER A 17 0.11 -9.91 6.96
C SER A 17 -1.40 -9.87 7.24
N LYS A 18 -1.86 -10.90 7.93
CA LYS A 18 -3.27 -11.00 8.28
C LYS A 18 -3.47 -10.53 9.72
N GLY A 19 -2.45 -9.85 10.23
CA GLY A 19 -2.50 -9.34 11.59
C GLY A 19 -1.11 -9.03 12.11
N SER A 20 -0.97 -9.12 13.43
CA SER A 20 0.31 -8.86 14.07
C SER A 20 1.06 -10.17 14.31
N LYS A 21 0.39 -11.07 15.01
CA LYS A 21 0.98 -12.37 15.31
C LYS A 21 0.80 -13.29 14.11
N LYS A 22 1.14 -12.77 12.94
CA LYS A 22 1.02 -13.53 11.71
C LYS A 22 2.33 -13.43 10.93
N PRO A 23 2.57 -14.46 10.07
CA PRO A 23 3.78 -14.49 9.25
C PRO A 23 3.69 -13.49 8.10
N TRP A 24 4.71 -12.66 7.99
CA TRP A 24 4.76 -11.65 6.95
C TRP A 24 5.00 -12.38 5.62
N LYS A 25 4.56 -11.74 4.54
CA LYS A 25 4.72 -12.31 3.22
C LYS A 25 5.25 -11.23 2.26
N HIS A 26 6.48 -11.43 1.82
CA HIS A 26 7.11 -10.48 0.91
C HIS A 26 6.53 -10.66 -0.50
N LEU A 27 5.81 -9.62 -0.94
CA LEU A 27 5.20 -9.65 -2.25
C LEU A 27 5.46 -8.33 -2.96
N TRP A 28 5.20 -8.32 -4.26
CA TRP A 28 5.40 -7.13 -5.07
C TRP A 28 4.03 -6.51 -5.35
N PHE A 29 3.98 -5.18 -5.29
CA PHE A 29 2.75 -4.47 -5.54
C PHE A 29 3.00 -3.23 -6.41
N VAL A 30 1.97 -2.85 -7.15
CA VAL A 30 2.07 -1.69 -8.02
C VAL A 30 0.71 -1.01 -8.11
N ILE A 31 0.70 0.28 -7.80
CA ILE A 31 -0.53 1.05 -7.84
C ILE A 31 -0.65 1.73 -9.20
N LYS A 32 -1.61 1.25 -10.00
CA LYS A 32 -1.84 1.81 -11.31
C LYS A 32 -3.34 2.01 -11.52
N ASN A 33 -3.67 3.15 -12.11
CA ASN A 33 -5.07 3.48 -12.38
C ASN A 33 -5.84 3.46 -11.06
N LYS A 34 -5.12 3.67 -9.97
CA LYS A 34 -5.72 3.69 -8.65
C LYS A 34 -6.12 2.26 -8.26
N VAL A 35 -5.41 1.31 -8.86
CA VAL A 35 -5.67 -0.09 -8.57
C VAL A 35 -4.42 -0.73 -7.96
N LEU A 36 -4.64 -1.48 -6.89
CA LEU A 36 -3.56 -2.14 -6.19
C LEU A 36 -3.34 -3.52 -6.79
N TYR A 37 -2.43 -3.58 -7.75
CA TYR A 37 -2.12 -4.84 -8.41
C TYR A 37 -1.19 -5.70 -7.55
N THR A 38 -1.31 -7.01 -7.73
CA THR A 38 -0.50 -7.95 -6.98
C THR A 38 0.58 -8.56 -7.88
N TYR A 39 1.62 -9.07 -7.24
CA TYR A 39 2.71 -9.68 -7.97
C TYR A 39 3.54 -10.60 -7.06
N ALA A 40 4.41 -11.38 -7.69
CA ALA A 40 5.26 -12.29 -6.95
C ALA A 40 6.71 -11.80 -7.01
N ALA A 41 7.02 -11.10 -8.08
CA ALA A 41 8.36 -10.57 -8.28
C ALA A 41 8.35 -9.56 -9.43
N SER A 42 9.49 -8.92 -9.61
CA SER A 42 9.62 -7.93 -10.67
C SER A 42 9.99 -8.61 -11.98
N GLU A 43 10.15 -9.92 -11.90
CA GLU A 43 10.50 -10.71 -13.08
C GLU A 43 9.25 -11.33 -13.69
N ASP A 44 8.14 -11.22 -12.95
CA ASP A 44 6.89 -11.77 -13.40
C ASP A 44 6.52 -11.16 -14.77
N VAL A 45 5.52 -11.76 -15.39
CA VAL A 45 5.08 -11.30 -16.70
C VAL A 45 3.77 -10.53 -16.53
N ALA A 46 3.12 -10.75 -15.40
CA ALA A 46 1.87 -10.08 -15.11
C ALA A 46 1.61 -10.11 -13.60
N ALA A 47 0.53 -9.46 -13.20
CA ALA A 47 0.16 -9.41 -11.79
C ALA A 47 -0.59 -10.70 -11.42
N LEU A 48 -0.37 -11.13 -10.18
CA LEU A 48 -1.01 -12.34 -9.69
C LEU A 48 -2.50 -12.06 -9.49
N GLU A 49 -2.81 -10.83 -9.11
CA GLU A 49 -4.18 -10.42 -8.88
C GLU A 49 -4.35 -8.93 -9.16
N SER A 50 -5.61 -8.52 -9.23
CA SER A 50 -5.92 -7.11 -9.48
C SER A 50 -7.14 -6.70 -8.65
N GLN A 51 -6.93 -5.66 -7.86
CA GLN A 51 -8.01 -5.14 -7.02
C GLN A 51 -7.89 -3.63 -6.88
N PRO A 52 -9.03 -2.93 -7.19
CA PRO A 52 -9.05 -1.49 -7.11
C PRO A 52 -9.15 -1.02 -5.66
N LEU A 53 -8.65 0.18 -5.42
CA LEU A 53 -8.67 0.75 -4.08
C LEU A 53 -9.88 1.66 -3.93
N LEU A 54 -10.99 1.22 -4.52
CA LEU A 54 -12.22 1.99 -4.47
C LEU A 54 -13.07 1.48 -3.29
N GLY A 55 -13.32 2.38 -2.35
CA GLY A 55 -14.11 2.05 -1.18
C GLY A 55 -13.22 1.61 -0.01
N PHE A 56 -11.95 1.38 -0.34
CA PHE A 56 -10.98 0.96 0.67
C PHE A 56 -10.46 2.15 1.46
N THR A 57 -9.61 1.86 2.43
CA THR A 57 -9.03 2.89 3.27
C THR A 57 -7.68 2.44 3.82
N VAL A 58 -6.96 3.39 4.41
CA VAL A 58 -5.66 3.11 4.97
C VAL A 58 -5.46 3.95 6.23
N THR A 59 -4.66 3.42 7.15
CA THR A 59 -4.39 4.10 8.40
C THR A 59 -3.14 3.52 9.06
N LEU A 60 -2.33 4.41 9.63
CA LEU A 60 -1.12 3.99 10.30
C LEU A 60 -1.48 3.32 11.62
N VAL A 61 -0.73 2.27 11.93
CA VAL A 61 -0.96 1.52 13.15
C VAL A 61 0.35 1.47 13.96
N LYS A 62 0.24 1.86 15.22
CA LYS A 62 1.39 1.86 16.10
C LYS A 62 1.22 0.77 17.16
N ASP A 63 0.04 0.17 17.17
CA ASP A 63 -0.27 -0.88 18.12
C ASP A 63 0.15 -2.23 17.53
N GLU A 64 0.82 -2.15 16.38
CA GLU A 64 1.28 -3.36 15.72
C GLU A 64 2.67 -3.74 16.21
N ASN A 65 3.61 -2.84 15.98
CA ASN A 65 4.99 -3.07 16.39
C ASN A 65 5.82 -1.82 16.10
N SER A 66 5.82 -1.43 14.83
CA SER A 66 6.57 -0.25 14.41
C SER A 66 5.66 0.98 14.43
N GLU A 67 6.09 1.99 15.17
CA GLU A 67 5.33 3.22 15.27
C GLU A 67 4.76 3.61 13.91
N SER A 68 5.51 4.42 13.19
CA SER A 68 5.09 4.86 11.87
C SER A 68 5.97 4.23 10.79
N LYS A 69 5.52 3.08 10.30
CA LYS A 69 6.25 2.37 9.27
C LYS A 69 5.33 1.32 8.63
N VAL A 70 4.59 0.62 9.48
CA VAL A 70 3.68 -0.40 9.02
C VAL A 70 2.24 0.09 9.16
N PHE A 71 1.49 -0.03 8.08
CA PHE A 71 0.11 0.41 8.07
C PHE A 71 -0.83 -0.76 7.78
N GLN A 72 -2.12 -0.46 7.79
CA GLN A 72 -3.13 -1.47 7.52
C GLN A 72 -4.05 -1.03 6.39
N LEU A 73 -4.49 -2.01 5.60
CA LEU A 73 -5.37 -1.73 4.49
C LEU A 73 -6.82 -1.98 4.90
N LEU A 74 -7.50 -0.89 5.25
CA LEU A 74 -8.89 -0.98 5.68
C LEU A 74 -9.79 -1.06 4.44
N HIS A 75 -10.87 -1.79 4.59
CA HIS A 75 -11.82 -1.97 3.50
C HIS A 75 -13.24 -1.84 4.03
N LYS A 76 -13.80 -0.65 3.89
CA LYS A 76 -15.15 -0.39 4.36
C LYS A 76 -15.12 -0.12 5.86
N GLY A 77 -13.91 -0.04 6.40
CA GLY A 77 -13.74 0.21 7.82
C GLY A 77 -13.06 -0.98 8.51
N MET A 78 -13.08 -2.11 7.82
CA MET A 78 -12.47 -3.32 8.34
C MET A 78 -11.09 -3.55 7.72
N VAL A 79 -10.15 -3.93 8.58
CA VAL A 79 -8.79 -4.19 8.13
C VAL A 79 -8.79 -5.39 7.18
N PHE A 80 -8.24 -5.17 5.98
CA PHE A 80 -8.18 -6.22 4.98
C PHE A 80 -6.84 -6.94 5.04
N TYR A 81 -5.79 -6.16 5.29
CA TYR A 81 -4.45 -6.71 5.36
C TYR A 81 -3.48 -5.72 6.01
N VAL A 82 -2.31 -6.21 6.36
CA VAL A 82 -1.29 -5.39 6.98
C VAL A 82 -0.08 -5.27 6.05
N PHE A 83 0.32 -4.03 5.80
CA PHE A 83 1.45 -3.77 4.94
C PHE A 83 2.56 -3.02 5.68
N LYS A 84 3.77 -3.54 5.56
CA LYS A 84 4.91 -2.93 6.22
C LYS A 84 5.89 -2.41 5.16
N ALA A 85 6.32 -1.18 5.36
CA ALA A 85 7.25 -0.56 4.42
C ALA A 85 8.68 -0.74 4.94
N ASP A 86 9.63 -0.65 4.03
CA ASP A 86 11.03 -0.80 4.37
C ASP A 86 11.41 0.24 5.42
N ASP A 87 11.15 1.50 5.08
CA ASP A 87 11.45 2.60 5.97
C ASP A 87 10.16 3.29 6.39
N ALA A 88 10.32 4.40 7.09
CA ALA A 88 9.16 5.16 7.56
C ALA A 88 8.76 6.18 6.50
N HIS A 89 9.75 6.92 6.03
CA HIS A 89 9.52 7.93 5.01
C HIS A 89 8.70 7.34 3.88
N SER A 90 8.94 6.06 3.63
CA SER A 90 8.23 5.36 2.56
C SER A 90 6.75 5.19 2.94
N THR A 91 6.54 4.72 4.16
CA THR A 91 5.19 4.51 4.65
C THR A 91 4.28 5.65 4.22
N GLN A 92 4.60 6.83 4.71
CA GLN A 92 3.82 8.02 4.38
C GLN A 92 3.38 7.98 2.92
N ARG A 93 4.35 7.69 2.05
CA ARG A 93 4.08 7.61 0.63
C ARG A 93 3.00 6.56 0.34
N TRP A 94 3.35 5.32 0.63
CA TRP A 94 2.42 4.22 0.41
C TRP A 94 1.06 4.62 1.00
N ILE A 95 1.11 5.08 2.25
CA ILE A 95 -0.10 5.49 2.93
C ILE A 95 -0.90 6.43 2.03
N ASP A 96 -0.32 7.61 1.78
CA ASP A 96 -0.97 8.60 0.94
C ASP A 96 -1.35 7.95 -0.39
N ALA A 97 -0.46 7.12 -0.89
CA ALA A 97 -0.70 6.43 -2.15
C ALA A 97 -2.00 5.64 -2.06
N PHE A 98 -2.21 5.05 -0.90
CA PHE A 98 -3.40 4.26 -0.67
C PHE A 98 -4.60 5.16 -0.32
N GLN A 99 -4.28 6.26 0.35
CA GLN A 99 -5.31 7.20 0.74
C GLN A 99 -5.85 7.96 -0.47
N GLU A 100 -4.93 8.62 -1.17
CA GLU A 100 -5.29 9.38 -2.35
C GLU A 100 -6.01 8.48 -3.37
N GLY A 101 -5.75 7.18 -3.23
CA GLY A 101 -6.36 6.21 -4.13
C GLY A 101 -7.86 6.07 -3.85
N THR A 102 -8.17 5.80 -2.58
CA THR A 102 -9.55 5.64 -2.16
C THR A 102 -10.33 6.93 -2.41
N VAL A 103 -9.69 8.05 -2.09
CA VAL A 103 -10.31 9.35 -2.27
C VAL A 103 -10.14 9.79 -3.73
N SER A 104 -10.33 11.09 -3.93
CA SER A 104 -10.18 11.66 -5.27
C SER A 104 -9.27 12.88 -5.22
N GLY A 105 -8.53 12.98 -4.13
CA GLY A 105 -7.60 14.09 -3.95
C GLY A 105 -8.35 15.35 -3.45
N PRO A 106 -7.56 16.28 -2.86
CA PRO A 106 -8.12 17.52 -2.35
C PRO A 106 -8.46 18.48 -3.49
N SER A 107 -9.59 18.22 -4.12
CA SER A 107 -10.04 19.05 -5.23
C SER A 107 -11.45 18.64 -5.65
N SER A 108 -12.34 19.62 -5.67
CA SER A 108 -13.72 19.38 -6.07
C SER A 108 -13.86 19.53 -7.58
N GLY A 109 -13.91 18.39 -8.25
CA GLY A 109 -14.05 18.38 -9.70
C GLY A 109 -12.68 18.28 -10.39
N GLY A 1 6.66 15.79 1.83
CA GLY A 1 6.81 16.80 0.79
C GLY A 1 7.95 16.43 -0.16
N SER A 2 8.73 17.44 -0.52
CA SER A 2 9.85 17.23 -1.43
C SER A 2 9.33 16.82 -2.80
N SER A 3 10.11 17.16 -3.83
CA SER A 3 9.73 16.84 -5.19
C SER A 3 10.71 15.78 -5.75
N GLY A 4 10.30 15.20 -6.88
CA GLY A 4 11.12 14.19 -7.52
C GLY A 4 10.24 13.11 -8.16
N SER A 5 10.24 13.10 -9.48
CA SER A 5 9.47 12.12 -10.23
C SER A 5 10.35 11.41 -11.25
N SER A 6 10.08 10.12 -11.42
CA SER A 6 10.84 9.31 -12.36
C SER A 6 9.91 8.75 -13.44
N GLY A 7 8.90 8.03 -12.98
CA GLY A 7 7.94 7.44 -13.89
C GLY A 7 6.70 6.97 -13.15
N SER A 8 6.68 5.68 -12.83
CA SER A 8 5.56 5.09 -12.12
C SER A 8 5.21 5.94 -10.90
N THR A 9 3.95 5.89 -10.53
CA THR A 9 3.47 6.65 -9.38
C THR A 9 4.12 6.12 -8.09
N MET A 10 3.82 4.86 -7.79
CA MET A 10 4.36 4.24 -6.60
C MET A 10 4.62 2.75 -6.83
N SER A 11 5.76 2.29 -6.33
CA SER A 11 6.14 0.89 -6.47
C SER A 11 7.19 0.52 -5.43
N GLY A 12 7.45 -0.77 -5.33
CA GLY A 12 8.44 -1.26 -4.37
C GLY A 12 7.94 -2.54 -3.69
N TYR A 13 8.79 -3.10 -2.86
CA TYR A 13 8.46 -4.31 -2.13
C TYR A 13 7.81 -3.99 -0.78
N LEU A 14 6.80 -4.78 -0.44
CA LEU A 14 6.10 -4.58 0.82
C LEU A 14 5.78 -5.95 1.42
N TYR A 15 5.34 -5.91 2.67
CA TYR A 15 5.00 -7.13 3.38
C TYR A 15 3.52 -7.13 3.79
N ARG A 16 2.82 -8.17 3.35
CA ARG A 16 1.40 -8.29 3.65
C ARG A 16 1.19 -9.29 4.79
N SER A 17 0.19 -9.02 5.61
CA SER A 17 -0.12 -9.88 6.74
C SER A 17 -1.60 -9.74 7.11
N LYS A 18 -2.06 -10.67 7.93
CA LYS A 18 -3.45 -10.66 8.37
C LYS A 18 -3.54 -9.94 9.72
N GLY A 19 -2.47 -10.06 10.49
CA GLY A 19 -2.42 -9.43 11.80
C GLY A 19 -1.13 -9.80 12.53
N SER A 20 -0.81 -8.99 13.54
CA SER A 20 0.38 -9.22 14.34
C SER A 20 0.47 -10.70 14.74
N LYS A 21 1.66 -11.09 15.17
CA LYS A 21 1.88 -12.47 15.60
C LYS A 21 2.10 -13.35 14.37
N LYS A 22 1.24 -13.13 13.37
CA LYS A 22 1.33 -13.89 12.13
C LYS A 22 2.58 -13.49 11.37
N PRO A 23 3.06 -14.41 10.50
CA PRO A 23 4.26 -14.16 9.71
C PRO A 23 3.95 -13.18 8.56
N TRP A 24 4.89 -12.27 8.35
CA TRP A 24 4.73 -11.28 7.30
C TRP A 24 4.91 -11.98 5.95
N LYS A 25 4.06 -11.62 5.01
CA LYS A 25 4.12 -12.22 3.69
C LYS A 25 4.98 -11.35 2.78
N HIS A 26 5.66 -12.01 1.85
CA HIS A 26 6.53 -11.30 0.91
C HIS A 26 5.84 -11.22 -0.45
N LEU A 27 5.53 -9.99 -0.85
CA LEU A 27 4.88 -9.76 -2.13
C LEU A 27 5.22 -8.35 -2.61
N TRP A 28 4.80 -8.06 -3.83
CA TRP A 28 5.04 -6.76 -4.43
C TRP A 28 3.72 -6.22 -4.95
N PHE A 29 3.62 -4.90 -4.99
CA PHE A 29 2.42 -4.25 -5.46
C PHE A 29 2.75 -2.99 -6.28
N VAL A 30 1.73 -2.45 -6.92
CA VAL A 30 1.91 -1.26 -7.74
C VAL A 30 0.58 -0.51 -7.82
N ILE A 31 0.68 0.78 -8.11
CA ILE A 31 -0.50 1.62 -8.22
C ILE A 31 -0.59 2.19 -9.64
N LYS A 32 -1.24 1.43 -10.50
CA LYS A 32 -1.41 1.83 -11.89
C LYS A 32 -2.56 2.85 -11.98
N ASN A 33 -3.75 2.32 -12.19
CA ASN A 33 -4.93 3.15 -12.31
C ASN A 33 -5.77 3.04 -11.04
N LYS A 34 -5.24 3.61 -9.96
CA LYS A 34 -5.91 3.57 -8.68
C LYS A 34 -6.28 2.13 -8.34
N VAL A 35 -5.56 1.20 -8.96
CA VAL A 35 -5.80 -0.21 -8.74
C VAL A 35 -4.57 -0.83 -8.08
N LEU A 36 -4.81 -1.52 -6.97
CA LEU A 36 -3.74 -2.16 -6.24
C LEU A 36 -3.46 -3.54 -6.86
N TYR A 37 -2.49 -3.56 -7.77
CA TYR A 37 -2.12 -4.78 -8.44
C TYR A 37 -1.08 -5.56 -7.63
N THR A 38 -1.31 -6.86 -7.52
CA THR A 38 -0.41 -7.72 -6.77
C THR A 38 0.75 -8.18 -7.67
N TYR A 39 1.85 -8.51 -7.02
CA TYR A 39 3.04 -8.98 -7.74
C TYR A 39 3.94 -9.81 -6.84
N ALA A 40 4.98 -10.36 -7.45
CA ALA A 40 5.92 -11.19 -6.72
C ALA A 40 7.30 -10.53 -6.76
N ALA A 41 7.62 -9.95 -7.92
CA ALA A 41 8.89 -9.29 -8.10
C ALA A 41 8.66 -7.83 -8.48
N SER A 42 9.75 -7.08 -8.54
CA SER A 42 9.68 -5.68 -8.89
C SER A 42 9.10 -5.52 -10.30
N GLU A 43 9.75 -6.16 -11.26
CA GLU A 43 9.32 -6.10 -12.64
C GLU A 43 8.80 -7.47 -13.09
N ASP A 44 7.79 -7.95 -12.38
CA ASP A 44 7.20 -9.24 -12.70
C ASP A 44 6.67 -9.21 -14.13
N VAL A 45 6.62 -10.40 -14.72
CA VAL A 45 6.15 -10.52 -16.10
C VAL A 45 4.65 -10.18 -16.14
N ALA A 46 3.98 -10.44 -15.03
CA ALA A 46 2.55 -10.17 -14.93
C ALA A 46 2.15 -10.11 -13.46
N ALA A 47 1.04 -9.42 -13.21
CA ALA A 47 0.54 -9.28 -11.86
C ALA A 47 -0.13 -10.59 -11.43
N LEU A 48 0.03 -10.91 -10.15
CA LEU A 48 -0.55 -12.12 -9.60
C LEU A 48 -2.06 -11.92 -9.44
N GLU A 49 -2.43 -10.73 -9.01
CA GLU A 49 -3.83 -10.40 -8.80
C GLU A 49 -4.07 -8.91 -9.05
N SER A 50 -5.34 -8.55 -9.11
CA SER A 50 -5.72 -7.17 -9.34
C SER A 50 -6.92 -6.81 -8.47
N GLN A 51 -6.73 -5.80 -7.64
CA GLN A 51 -7.79 -5.34 -6.75
C GLN A 51 -7.79 -3.81 -6.65
N PRO A 52 -8.95 -3.21 -7.01
CA PRO A 52 -9.08 -1.75 -6.96
C PRO A 52 -9.22 -1.26 -5.51
N LEU A 53 -8.83 -0.02 -5.31
CA LEU A 53 -8.90 0.58 -3.99
C LEU A 53 -10.18 1.43 -3.89
N LEU A 54 -11.21 0.96 -4.56
CA LEU A 54 -12.48 1.66 -4.56
C LEU A 54 -13.27 1.27 -3.30
N GLY A 55 -13.40 2.23 -2.40
CA GLY A 55 -14.13 2.00 -1.16
C GLY A 55 -13.17 1.68 -0.01
N PHE A 56 -12.12 0.94 -0.36
CA PHE A 56 -11.12 0.55 0.63
C PHE A 56 -10.63 1.77 1.42
N THR A 57 -9.75 1.51 2.37
CA THR A 57 -9.19 2.57 3.19
C THR A 57 -7.83 2.16 3.74
N VAL A 58 -7.14 3.14 4.31
CA VAL A 58 -5.82 2.90 4.89
C VAL A 58 -5.65 3.72 6.15
N THR A 59 -4.81 3.22 7.04
CA THR A 59 -4.55 3.91 8.29
C THR A 59 -3.22 3.46 8.88
N LEU A 60 -2.40 4.45 9.25
CA LEU A 60 -1.10 4.17 9.83
C LEU A 60 -1.28 3.53 11.21
N VAL A 61 -0.42 2.56 11.49
CA VAL A 61 -0.48 1.87 12.77
C VAL A 61 0.82 2.12 13.53
N LYS A 62 0.69 2.29 14.84
CA LYS A 62 1.84 2.53 15.69
C LYS A 62 2.86 1.40 15.49
N ASP A 63 2.57 0.27 16.13
CA ASP A 63 3.43 -0.88 16.04
C ASP A 63 4.78 -0.56 16.69
N GLU A 64 5.48 -1.61 17.09
CA GLU A 64 6.78 -1.45 17.73
C GLU A 64 7.90 -1.79 16.74
N ASN A 65 7.90 -3.05 16.31
CA ASN A 65 8.90 -3.52 15.37
C ASN A 65 9.01 -2.52 14.22
N SER A 66 7.88 -2.25 13.60
CA SER A 66 7.83 -1.32 12.49
C SER A 66 8.03 0.12 12.99
N GLU A 67 7.04 0.59 13.73
CA GLU A 67 7.10 1.94 14.27
C GLU A 67 6.81 2.96 13.18
N SER A 68 5.56 3.41 13.14
CA SER A 68 5.15 4.39 12.14
C SER A 68 5.81 4.08 10.80
N LYS A 69 5.95 2.79 10.53
CA LYS A 69 6.55 2.36 9.28
C LYS A 69 5.71 1.24 8.66
N VAL A 70 4.53 1.06 9.23
CA VAL A 70 3.62 0.04 8.75
C VAL A 70 2.18 0.59 8.77
N PHE A 71 1.38 0.03 7.88
CA PHE A 71 -0.01 0.46 7.77
C PHE A 71 -0.94 -0.73 7.52
N GLN A 72 -2.23 -0.48 7.62
CA GLN A 72 -3.22 -1.51 7.41
C GLN A 72 -4.20 -1.11 6.30
N LEU A 73 -4.67 -2.11 5.58
CA LEU A 73 -5.61 -1.87 4.49
C LEU A 73 -7.04 -2.12 4.99
N LEU A 74 -7.72 -1.03 5.29
CA LEU A 74 -9.09 -1.12 5.78
C LEU A 74 -10.04 -1.24 4.59
N HIS A 75 -11.15 -1.93 4.82
CA HIS A 75 -12.14 -2.12 3.78
C HIS A 75 -13.54 -1.93 4.37
N LYS A 76 -14.04 -0.72 4.23
CA LYS A 76 -15.36 -0.39 4.74
C LYS A 76 -15.25 0.04 6.20
N GLY A 77 -14.14 -0.35 6.81
CA GLY A 77 -13.90 -0.02 8.21
C GLY A 77 -13.09 -1.12 8.90
N MET A 78 -13.16 -2.31 8.32
CA MET A 78 -12.45 -3.45 8.87
C MET A 78 -11.09 -3.63 8.19
N VAL A 79 -10.12 -4.05 8.98
CA VAL A 79 -8.78 -4.28 8.46
C VAL A 79 -8.80 -5.46 7.49
N PHE A 80 -8.10 -5.29 6.38
CA PHE A 80 -8.03 -6.34 5.38
C PHE A 80 -6.67 -7.05 5.42
N TYR A 81 -5.62 -6.26 5.56
CA TYR A 81 -4.27 -6.80 5.62
C TYR A 81 -3.30 -5.79 6.24
N VAL A 82 -2.18 -6.30 6.69
CA VAL A 82 -1.16 -5.45 7.31
C VAL A 82 -0.01 -5.25 6.31
N PHE A 83 0.15 -4.01 5.88
CA PHE A 83 1.19 -3.67 4.94
C PHE A 83 2.35 -2.94 5.64
N LYS A 84 3.55 -3.46 5.45
CA LYS A 84 4.73 -2.87 6.05
C LYS A 84 5.69 -2.42 4.95
N ALA A 85 6.27 -1.25 5.17
CA ALA A 85 7.21 -0.69 4.20
C ALA A 85 8.64 -0.87 4.72
N ASP A 86 9.58 -0.85 3.79
CA ASP A 86 10.98 -1.02 4.14
C ASP A 86 11.39 0.10 5.09
N ASP A 87 11.32 1.33 4.59
CA ASP A 87 11.69 2.49 5.38
C ASP A 87 10.42 3.21 5.83
N ALA A 88 10.56 3.99 6.89
CA ALA A 88 9.43 4.74 7.43
C ALA A 88 8.86 5.64 6.35
N HIS A 89 9.74 6.47 5.78
CA HIS A 89 9.34 7.38 4.73
C HIS A 89 8.38 6.68 3.77
N SER A 90 8.81 5.51 3.30
CA SER A 90 8.00 4.73 2.37
C SER A 90 6.58 4.59 2.91
N THR A 91 6.49 4.16 4.15
CA THR A 91 5.20 3.97 4.80
C THR A 91 4.25 5.10 4.41
N GLN A 92 4.56 6.29 4.91
CA GLN A 92 3.74 7.46 4.62
C GLN A 92 3.33 7.48 3.15
N ARG A 93 4.34 7.48 2.29
CA ARG A 93 4.10 7.50 0.85
C ARG A 93 3.00 6.50 0.49
N TRP A 94 3.26 5.24 0.81
CA TRP A 94 2.30 4.18 0.53
C TRP A 94 0.95 4.61 1.10
N ILE A 95 0.93 4.86 2.40
CA ILE A 95 -0.28 5.27 3.07
C ILE A 95 -1.03 6.28 2.19
N ASP A 96 -0.42 7.44 2.02
CA ASP A 96 -1.01 8.50 1.22
C ASP A 96 -1.36 7.93 -0.16
N ALA A 97 -0.43 7.15 -0.70
CA ALA A 97 -0.63 6.55 -2.01
C ALA A 97 -1.94 5.77 -2.02
N PHE A 98 -2.17 5.03 -0.94
CA PHE A 98 -3.38 4.24 -0.81
C PHE A 98 -4.58 5.11 -0.47
N GLN A 99 -4.31 6.16 0.31
CA GLN A 99 -5.35 7.09 0.71
C GLN A 99 -5.87 7.86 -0.51
N GLU A 100 -4.96 8.56 -1.17
CA GLU A 100 -5.30 9.34 -2.34
C GLU A 100 -6.04 8.46 -3.36
N GLY A 101 -5.80 7.17 -3.26
CA GLY A 101 -6.43 6.22 -4.16
C GLY A 101 -7.90 5.99 -3.78
N THR A 102 -8.10 5.69 -2.51
CA THR A 102 -9.44 5.44 -2.00
C THR A 102 -10.30 6.70 -2.13
N VAL A 103 -9.63 7.84 -2.03
CA VAL A 103 -10.33 9.12 -2.15
C VAL A 103 -10.19 9.65 -3.58
N SER A 104 -10.53 10.91 -3.74
CA SER A 104 -10.45 11.54 -5.05
C SER A 104 -10.16 13.04 -4.89
N GLY A 105 -8.89 13.38 -5.03
CA GLY A 105 -8.47 14.76 -4.90
C GLY A 105 -9.03 15.61 -6.04
N PRO A 106 -9.11 16.95 -5.78
CA PRO A 106 -9.63 17.88 -6.77
C PRO A 106 -8.61 18.12 -7.88
N SER A 107 -8.17 17.04 -8.50
CA SER A 107 -7.19 17.13 -9.56
C SER A 107 -7.85 16.81 -10.91
N SER A 108 -7.87 17.80 -11.78
CA SER A 108 -8.47 17.63 -13.09
C SER A 108 -7.42 17.89 -14.18
N GLY A 109 -6.85 19.09 -14.13
CA GLY A 109 -5.83 19.48 -15.10
C GLY A 109 -4.72 20.28 -14.43
N GLY A 1 4.91 18.07 1.04
CA GLY A 1 4.37 16.77 0.67
C GLY A 1 5.17 16.15 -0.49
N SER A 2 4.50 15.29 -1.24
CA SER A 2 5.13 14.63 -2.36
C SER A 2 5.20 15.59 -3.56
N SER A 3 6.29 15.48 -4.30
CA SER A 3 6.49 16.32 -5.47
C SER A 3 7.56 15.71 -6.38
N GLY A 4 7.26 15.69 -7.66
CA GLY A 4 8.19 15.13 -8.64
C GLY A 4 7.84 13.68 -8.97
N SER A 5 7.60 13.43 -10.24
CA SER A 5 7.26 12.09 -10.70
C SER A 5 8.26 11.63 -11.77
N SER A 6 9.01 10.60 -11.43
CA SER A 6 10.00 10.06 -12.35
C SER A 6 9.50 8.75 -12.95
N GLY A 7 9.22 7.80 -12.05
CA GLY A 7 8.73 6.50 -12.47
C GLY A 7 7.21 6.40 -12.29
N SER A 8 6.78 5.20 -11.91
CA SER A 8 5.36 4.96 -11.70
C SER A 8 4.91 5.62 -10.40
N THR A 9 3.59 5.78 -10.28
CA THR A 9 3.02 6.40 -9.10
C THR A 9 3.72 5.89 -7.83
N MET A 10 3.41 4.65 -7.48
CA MET A 10 4.01 4.04 -6.31
C MET A 10 4.39 2.58 -6.58
N SER A 11 5.44 2.14 -5.91
CA SER A 11 5.91 0.78 -6.07
C SER A 11 6.99 0.47 -5.02
N GLY A 12 7.28 -0.81 -4.88
CA GLY A 12 8.28 -1.25 -3.92
C GLY A 12 7.82 -2.50 -3.18
N TYR A 13 8.79 -3.33 -2.82
CA TYR A 13 8.50 -4.56 -2.11
C TYR A 13 7.91 -4.27 -0.73
N LEU A 14 6.91 -5.06 -0.37
CA LEU A 14 6.25 -4.89 0.92
C LEU A 14 5.93 -6.27 1.50
N TYR A 15 5.26 -6.25 2.65
CA TYR A 15 4.89 -7.49 3.32
C TYR A 15 3.41 -7.47 3.72
N ARG A 16 2.67 -8.42 3.16
CA ARG A 16 1.26 -8.53 3.46
C ARG A 16 1.02 -9.48 4.63
N SER A 17 0.45 -8.93 5.70
CA SER A 17 0.17 -9.72 6.88
C SER A 17 -1.31 -9.61 7.25
N LYS A 18 -1.93 -10.77 7.44
CA LYS A 18 -3.33 -10.82 7.79
C LYS A 18 -3.51 -10.31 9.23
N GLY A 19 -2.39 -10.13 9.90
CA GLY A 19 -2.41 -9.64 11.27
C GLY A 19 -1.03 -9.17 11.71
N SER A 20 -0.76 -9.35 12.99
CA SER A 20 0.52 -8.94 13.56
C SER A 20 1.34 -10.18 13.93
N LYS A 21 0.72 -11.04 14.73
CA LYS A 21 1.36 -12.26 15.17
C LYS A 21 1.45 -13.24 14.00
N LYS A 22 0.85 -12.85 12.89
CA LYS A 22 0.85 -13.68 11.70
C LYS A 22 2.18 -13.50 10.96
N PRO A 23 2.54 -14.54 10.16
CA PRO A 23 3.77 -14.52 9.41
C PRO A 23 3.66 -13.58 8.20
N TRP A 24 4.64 -12.69 8.08
CA TRP A 24 4.66 -11.73 6.99
C TRP A 24 4.93 -12.51 5.69
N LYS A 25 4.54 -11.90 4.59
CA LYS A 25 4.73 -12.51 3.29
C LYS A 25 5.32 -11.49 2.33
N HIS A 26 6.50 -11.80 1.81
CA HIS A 26 7.18 -10.92 0.88
C HIS A 26 6.46 -10.93 -0.47
N LEU A 27 5.94 -9.78 -0.85
CA LEU A 27 5.22 -9.65 -2.11
C LEU A 27 5.50 -8.28 -2.71
N TRP A 28 5.07 -8.11 -3.95
CA TRP A 28 5.28 -6.84 -4.66
C TRP A 28 3.89 -6.28 -4.99
N PHE A 29 3.80 -4.96 -4.86
CA PHE A 29 2.54 -4.27 -5.14
C PHE A 29 2.79 -2.99 -5.95
N VAL A 30 1.75 -2.55 -6.63
CA VAL A 30 1.83 -1.34 -7.44
C VAL A 30 0.45 -0.69 -7.53
N ILE A 31 0.46 0.58 -7.90
CA ILE A 31 -0.78 1.33 -8.02
C ILE A 31 -0.87 1.92 -9.44
N LYS A 32 -1.49 1.17 -10.32
CA LYS A 32 -1.64 1.60 -11.70
C LYS A 32 -2.83 2.57 -11.80
N ASN A 33 -4.00 2.01 -12.04
CA ASN A 33 -5.21 2.80 -12.15
C ASN A 33 -6.01 2.69 -10.85
N LYS A 34 -5.57 3.43 -9.85
CA LYS A 34 -6.23 3.42 -8.56
C LYS A 34 -6.59 1.98 -8.19
N VAL A 35 -5.75 1.06 -8.63
CA VAL A 35 -5.96 -0.34 -8.35
C VAL A 35 -4.67 -0.96 -7.81
N LEU A 36 -4.80 -1.61 -6.66
CA LEU A 36 -3.65 -2.24 -6.03
C LEU A 36 -3.40 -3.61 -6.68
N TYR A 37 -2.47 -3.61 -7.62
CA TYR A 37 -2.13 -4.83 -8.33
C TYR A 37 -1.09 -5.64 -7.55
N THR A 38 -1.41 -6.90 -7.32
CA THR A 38 -0.50 -7.78 -6.60
C THR A 38 0.54 -8.36 -7.54
N TYR A 39 1.66 -8.78 -6.96
CA TYR A 39 2.74 -9.35 -7.73
C TYR A 39 3.59 -10.30 -6.88
N ALA A 40 4.69 -10.76 -7.46
CA ALA A 40 5.59 -11.66 -6.77
C ALA A 40 7.02 -11.12 -6.86
N ALA A 41 7.38 -10.70 -8.06
CA ALA A 41 8.71 -10.16 -8.30
C ALA A 41 8.60 -8.67 -8.62
N SER A 42 9.74 -8.09 -8.95
CA SER A 42 9.79 -6.67 -9.29
C SER A 42 9.14 -6.43 -10.66
N GLU A 43 9.62 -7.20 -11.64
CA GLU A 43 9.10 -7.09 -12.98
C GLU A 43 8.43 -8.39 -13.41
N ASP A 44 7.41 -8.77 -12.66
CA ASP A 44 6.67 -9.99 -12.95
C ASP A 44 5.97 -9.85 -14.30
N VAL A 45 5.88 -10.97 -14.99
CA VAL A 45 5.23 -11.00 -16.29
C VAL A 45 3.82 -10.42 -16.18
N ALA A 46 3.22 -10.66 -15.02
CA ALA A 46 1.87 -10.17 -14.76
C ALA A 46 1.65 -10.08 -13.25
N ALA A 47 0.45 -9.65 -12.89
CA ALA A 47 0.10 -9.50 -11.48
C ALA A 47 -0.62 -10.77 -11.01
N LEU A 48 -0.37 -11.11 -9.76
CA LEU A 48 -0.97 -12.30 -9.17
C LEU A 48 -2.47 -12.05 -8.96
N GLU A 49 -2.77 -10.84 -8.49
CA GLU A 49 -4.15 -10.46 -8.24
C GLU A 49 -4.35 -8.97 -8.53
N SER A 50 -5.62 -8.58 -8.62
CA SER A 50 -5.96 -7.20 -8.90
C SER A 50 -7.19 -6.80 -8.09
N GLN A 51 -7.09 -5.63 -7.47
CA GLN A 51 -8.18 -5.11 -6.66
C GLN A 51 -8.12 -3.58 -6.59
N PRO A 52 -9.30 -2.94 -6.81
CA PRO A 52 -9.38 -1.49 -6.78
C PRO A 52 -9.35 -0.98 -5.33
N LEU A 53 -8.93 0.27 -5.19
CA LEU A 53 -8.84 0.89 -3.88
C LEU A 53 -10.06 1.78 -3.66
N LEU A 54 -11.07 1.55 -4.48
CA LEU A 54 -12.30 2.34 -4.39
C LEU A 54 -13.12 1.84 -3.20
N GLY A 55 -13.43 2.78 -2.31
CA GLY A 55 -14.22 2.45 -1.13
C GLY A 55 -13.31 2.03 0.02
N PHE A 56 -12.19 1.43 -0.33
CA PHE A 56 -11.22 0.98 0.67
C PHE A 56 -10.66 2.17 1.45
N THR A 57 -9.82 1.84 2.42
CA THR A 57 -9.21 2.86 3.26
C THR A 57 -7.83 2.39 3.75
N VAL A 58 -7.11 3.31 4.36
CA VAL A 58 -5.78 3.01 4.87
C VAL A 58 -5.57 3.77 6.18
N THR A 59 -4.70 3.21 7.02
CA THR A 59 -4.41 3.82 8.30
C THR A 59 -3.08 3.27 8.85
N LEU A 60 -2.31 4.17 9.45
CA LEU A 60 -1.03 3.80 10.02
C LEU A 60 -1.26 2.99 11.30
N VAL A 61 -0.44 1.96 11.47
CA VAL A 61 -0.54 1.11 12.64
C VAL A 61 0.81 1.07 13.36
N LYS A 62 0.74 1.10 14.69
CA LYS A 62 1.94 1.06 15.50
C LYS A 62 2.15 -0.34 16.05
N ASP A 63 1.38 -1.27 15.50
CA ASP A 63 1.47 -2.66 15.93
C ASP A 63 2.92 -3.02 16.20
N GLU A 64 3.13 -3.64 17.36
CA GLU A 64 4.47 -4.04 17.76
C GLU A 64 5.21 -2.86 18.39
N ASN A 65 5.25 -1.76 17.65
CA ASN A 65 5.91 -0.56 18.13
C ASN A 65 6.34 0.30 16.93
N SER A 66 6.46 -0.37 15.78
CA SER A 66 6.85 0.32 14.56
C SER A 66 6.22 1.71 14.51
N GLU A 67 7.07 2.69 14.24
CA GLU A 67 6.60 4.08 14.17
C GLU A 67 6.36 4.47 12.71
N SER A 68 5.10 4.64 12.37
CA SER A 68 4.72 5.01 11.02
C SER A 68 5.61 4.29 10.01
N LYS A 69 5.89 3.03 10.31
CA LYS A 69 6.73 2.22 9.45
C LYS A 69 5.87 1.11 8.82
N VAL A 70 4.70 0.92 9.39
CA VAL A 70 3.78 -0.10 8.91
C VAL A 70 2.34 0.42 9.00
N PHE A 71 1.54 0.00 8.04
CA PHE A 71 0.14 0.41 8.00
C PHE A 71 -0.77 -0.77 7.67
N GLN A 72 -2.07 -0.48 7.65
CA GLN A 72 -3.06 -1.51 7.35
C GLN A 72 -4.00 -1.03 6.25
N LEU A 73 -4.54 -2.00 5.52
CA LEU A 73 -5.46 -1.69 4.44
C LEU A 73 -6.89 -1.95 4.90
N LEU A 74 -7.58 -0.87 5.22
CA LEU A 74 -8.95 -0.96 5.68
C LEU A 74 -9.89 -1.02 4.47
N HIS A 75 -11.00 -1.71 4.65
CA HIS A 75 -11.97 -1.86 3.58
C HIS A 75 -13.38 -1.69 4.15
N LYS A 76 -13.90 -0.47 4.02
CA LYS A 76 -15.23 -0.17 4.52
C LYS A 76 -15.15 0.10 6.03
N GLY A 77 -13.94 0.02 6.56
CA GLY A 77 -13.73 0.27 7.97
C GLY A 77 -13.01 -0.92 8.63
N MET A 78 -13.12 -2.07 7.97
CA MET A 78 -12.50 -3.28 8.47
C MET A 78 -11.14 -3.51 7.81
N VAL A 79 -10.19 -4.01 8.61
CA VAL A 79 -8.86 -4.28 8.12
C VAL A 79 -8.91 -5.42 7.10
N PHE A 80 -8.38 -5.14 5.92
CA PHE A 80 -8.36 -6.14 4.86
C PHE A 80 -7.01 -6.86 4.80
N TYR A 81 -5.96 -6.10 5.10
CA TYR A 81 -4.61 -6.65 5.10
C TYR A 81 -3.61 -5.66 5.70
N VAL A 82 -2.50 -6.21 6.17
CA VAL A 82 -1.47 -5.39 6.77
C VAL A 82 -0.34 -5.18 5.76
N PHE A 83 0.39 -4.08 5.94
CA PHE A 83 1.49 -3.76 5.06
C PHE A 83 2.57 -2.96 5.79
N LYS A 84 3.79 -3.48 5.70
CA LYS A 84 4.92 -2.82 6.36
C LYS A 84 5.87 -2.28 5.29
N ALA A 85 6.53 -1.18 5.64
CA ALA A 85 7.47 -0.55 4.72
C ALA A 85 8.86 -0.56 5.35
N ASP A 86 9.86 -0.72 4.50
CA ASP A 86 11.24 -0.74 4.95
C ASP A 86 11.47 0.41 5.94
N ASP A 87 11.28 1.61 5.43
CA ASP A 87 11.45 2.81 6.26
C ASP A 87 10.09 3.46 6.49
N ALA A 88 10.09 4.42 7.41
CA ALA A 88 8.87 5.15 7.73
C ALA A 88 8.51 6.09 6.59
N HIS A 89 9.51 6.85 6.16
CA HIS A 89 9.32 7.79 5.07
C HIS A 89 8.62 7.09 3.90
N SER A 90 8.95 5.83 3.72
CA SER A 90 8.36 5.04 2.65
C SER A 90 6.87 4.82 2.92
N THR A 91 6.59 4.40 4.15
CA THR A 91 5.21 4.15 4.55
C THR A 91 4.31 5.31 4.12
N GLN A 92 4.64 6.49 4.62
CA GLN A 92 3.87 7.68 4.30
C GLN A 92 3.46 7.67 2.83
N ARG A 93 4.42 7.30 1.98
CA ARG A 93 4.16 7.25 0.55
C ARG A 93 3.03 6.26 0.25
N TRP A 94 3.31 5.00 0.52
CA TRP A 94 2.33 3.94 0.29
C TRP A 94 0.99 4.42 0.86
N ILE A 95 1.05 4.95 2.07
CA ILE A 95 -0.15 5.45 2.73
C ILE A 95 -0.89 6.40 1.80
N ASP A 96 -0.29 7.58 1.61
CA ASP A 96 -0.89 8.58 0.74
C ASP A 96 -1.32 7.93 -0.57
N ALA A 97 -0.44 7.09 -1.09
CA ALA A 97 -0.71 6.40 -2.34
C ALA A 97 -2.01 5.61 -2.20
N PHE A 98 -2.21 5.05 -1.01
CA PHE A 98 -3.41 4.27 -0.74
C PHE A 98 -4.57 5.18 -0.36
N GLN A 99 -4.24 6.30 0.25
CA GLN A 99 -5.24 7.26 0.68
C GLN A 99 -5.82 8.01 -0.54
N GLU A 100 -4.91 8.66 -1.27
CA GLU A 100 -5.31 9.40 -2.45
C GLU A 100 -6.17 8.53 -3.36
N GLY A 101 -5.84 7.25 -3.39
CA GLY A 101 -6.57 6.30 -4.22
C GLY A 101 -8.02 6.18 -3.75
N THR A 102 -8.17 5.77 -2.51
CA THR A 102 -9.49 5.61 -1.94
C THR A 102 -10.31 6.89 -2.11
N VAL A 103 -9.66 8.01 -1.87
CA VAL A 103 -10.31 9.30 -1.99
C VAL A 103 -10.27 9.75 -3.45
N SER A 104 -10.50 11.04 -3.64
CA SER A 104 -10.49 11.61 -4.98
C SER A 104 -10.17 13.10 -4.92
N GLY A 105 -8.91 13.42 -5.15
CA GLY A 105 -8.46 14.80 -5.12
C GLY A 105 -8.86 15.47 -3.80
N PRO A 106 -8.60 16.82 -3.75
CA PRO A 106 -8.94 17.59 -2.57
C PRO A 106 -10.44 17.83 -2.48
N SER A 107 -11.03 18.14 -3.63
CA SER A 107 -12.46 18.40 -3.69
C SER A 107 -13.07 17.68 -4.89
N SER A 108 -12.47 17.92 -6.05
CA SER A 108 -12.95 17.31 -7.28
C SER A 108 -11.87 17.38 -8.35
N GLY A 109 -11.12 16.28 -8.47
CA GLY A 109 -10.06 16.21 -9.46
C GLY A 109 -10.25 15.01 -10.39
N GLY A 1 3.91 12.07 -0.23
CA GLY A 1 5.35 12.22 -0.29
C GLY A 1 5.77 12.95 -1.57
N SER A 2 6.96 12.61 -2.05
CA SER A 2 7.48 13.23 -3.26
C SER A 2 6.49 13.05 -4.41
N SER A 3 6.26 14.14 -5.13
CA SER A 3 5.34 14.11 -6.25
C SER A 3 6.11 13.89 -7.55
N GLY A 4 6.06 12.65 -8.04
CA GLY A 4 6.75 12.31 -9.26
C GLY A 4 8.09 11.64 -8.97
N SER A 5 9.14 12.21 -9.55
CA SER A 5 10.48 11.68 -9.36
C SER A 5 10.65 10.38 -10.14
N SER A 6 9.80 9.41 -9.81
CA SER A 6 9.85 8.12 -10.47
C SER A 6 8.74 8.04 -11.53
N GLY A 7 8.83 7.01 -12.36
CA GLY A 7 7.86 6.80 -13.41
C GLY A 7 6.51 6.36 -12.83
N SER A 8 6.46 5.10 -12.43
CA SER A 8 5.24 4.53 -11.86
C SER A 8 4.76 5.42 -10.70
N THR A 9 3.51 5.19 -10.31
CA THR A 9 2.93 5.95 -9.23
C THR A 9 3.48 5.47 -7.88
N MET A 10 3.23 4.19 -7.60
CA MET A 10 3.69 3.60 -6.35
C MET A 10 4.09 2.14 -6.56
N SER A 11 5.34 1.85 -6.24
CA SER A 11 5.85 0.49 -6.38
C SER A 11 6.96 0.25 -5.36
N GLY A 12 7.03 -0.99 -4.89
CA GLY A 12 8.03 -1.37 -3.91
C GLY A 12 7.56 -2.57 -3.09
N TYR A 13 8.48 -3.51 -2.90
CA TYR A 13 8.18 -4.71 -2.14
C TYR A 13 7.53 -4.36 -0.80
N LEU A 14 6.52 -5.14 -0.44
CA LEU A 14 5.81 -4.93 0.81
C LEU A 14 5.51 -6.28 1.46
N TYR A 15 5.25 -6.23 2.76
CA TYR A 15 4.94 -7.43 3.50
C TYR A 15 3.46 -7.49 3.87
N ARG A 16 2.77 -8.46 3.27
CA ARG A 16 1.35 -8.63 3.51
C ARG A 16 1.13 -9.64 4.65
N SER A 17 0.17 -9.30 5.51
CA SER A 17 -0.14 -10.17 6.64
C SER A 17 -1.63 -10.04 6.99
N LYS A 18 -2.08 -10.97 7.82
CA LYS A 18 -3.48 -10.97 8.24
C LYS A 18 -3.55 -10.64 9.73
N GLY A 19 -2.59 -9.85 10.18
CA GLY A 19 -2.53 -9.45 11.58
C GLY A 19 -1.08 -9.26 12.04
N SER A 20 -0.95 -8.82 13.28
CA SER A 20 0.36 -8.60 13.85
C SER A 20 1.04 -9.93 14.17
N LYS A 21 0.28 -10.79 14.83
CA LYS A 21 0.79 -12.10 15.21
C LYS A 21 0.65 -13.06 14.02
N LYS A 22 1.04 -12.55 12.85
CA LYS A 22 0.96 -13.35 11.63
C LYS A 22 2.30 -13.26 10.89
N PRO A 23 2.56 -14.31 10.06
CA PRO A 23 3.80 -14.36 9.29
C PRO A 23 3.75 -13.39 8.11
N TRP A 24 4.83 -12.63 7.97
CA TRP A 24 4.92 -11.65 6.89
C TRP A 24 5.24 -12.41 5.61
N LYS A 25 4.91 -11.79 4.49
CA LYS A 25 5.16 -12.39 3.19
C LYS A 25 5.68 -11.32 2.23
N HIS A 26 6.93 -11.49 1.83
CA HIS A 26 7.56 -10.54 0.92
C HIS A 26 6.91 -10.66 -0.46
N LEU A 27 6.03 -9.70 -0.75
CA LEU A 27 5.34 -9.68 -2.02
C LEU A 27 5.59 -8.34 -2.71
N TRP A 28 5.22 -8.29 -3.98
CA TRP A 28 5.40 -7.07 -4.76
C TRP A 28 4.01 -6.48 -5.03
N PHE A 29 3.95 -5.16 -4.98
CA PHE A 29 2.70 -4.46 -5.22
C PHE A 29 2.93 -3.18 -6.03
N VAL A 30 1.88 -2.76 -6.72
CA VAL A 30 1.96 -1.57 -7.54
C VAL A 30 0.58 -0.88 -7.56
N ILE A 31 0.61 0.42 -7.78
CA ILE A 31 -0.61 1.21 -7.83
C ILE A 31 -0.79 1.77 -9.24
N LYS A 32 -1.86 1.34 -9.88
CA LYS A 32 -2.16 1.80 -11.23
C LYS A 32 -3.68 1.94 -11.39
N ASN A 33 -4.07 3.02 -12.06
CA ASN A 33 -5.48 3.27 -12.28
C ASN A 33 -6.22 3.27 -10.95
N LYS A 34 -5.50 3.67 -9.91
CA LYS A 34 -6.07 3.72 -8.57
C LYS A 34 -6.41 2.30 -8.11
N VAL A 35 -5.72 1.34 -8.72
CA VAL A 35 -5.94 -0.05 -8.38
C VAL A 35 -4.66 -0.64 -7.78
N LEU A 36 -4.84 -1.51 -6.81
CA LEU A 36 -3.71 -2.14 -6.13
C LEU A 36 -3.49 -3.53 -6.74
N TYR A 37 -2.48 -3.61 -7.59
CA TYR A 37 -2.16 -4.87 -8.25
C TYR A 37 -1.15 -5.67 -7.41
N THR A 38 -1.42 -6.96 -7.29
CA THR A 38 -0.56 -7.84 -6.52
C THR A 38 0.48 -8.49 -7.44
N TYR A 39 1.62 -8.82 -6.85
CA TYR A 39 2.70 -9.44 -7.60
C TYR A 39 3.57 -10.31 -6.69
N ALA A 40 4.62 -10.87 -7.28
CA ALA A 40 5.53 -11.73 -6.54
C ALA A 40 6.92 -11.10 -6.55
N ALA A 41 7.29 -10.56 -7.71
CA ALA A 41 8.59 -9.93 -7.86
C ALA A 41 8.48 -8.79 -8.87
N SER A 42 9.63 -8.38 -9.38
CA SER A 42 9.68 -7.30 -10.35
C SER A 42 9.96 -7.87 -11.75
N GLU A 43 10.15 -9.18 -11.80
CA GLU A 43 10.42 -9.85 -13.05
C GLU A 43 9.16 -10.53 -13.58
N ASP A 44 8.19 -10.66 -12.70
CA ASP A 44 6.93 -11.30 -13.07
C ASP A 44 6.51 -10.82 -14.46
N VAL A 45 5.62 -11.58 -15.07
CA VAL A 45 5.14 -11.25 -16.40
C VAL A 45 3.73 -10.65 -16.29
N ALA A 46 3.14 -10.82 -15.12
CA ALA A 46 1.81 -10.29 -14.88
C ALA A 46 1.57 -10.19 -13.37
N ALA A 47 0.43 -9.62 -13.02
CA ALA A 47 0.07 -9.47 -11.62
C ALA A 47 -0.64 -10.73 -11.13
N LEU A 48 -0.32 -11.12 -9.91
CA LEU A 48 -0.93 -12.31 -9.32
C LEU A 48 -2.42 -12.05 -9.08
N GLU A 49 -2.71 -10.85 -8.61
CA GLU A 49 -4.09 -10.47 -8.33
C GLU A 49 -4.28 -8.97 -8.56
N SER A 50 -5.54 -8.56 -8.58
CA SER A 50 -5.87 -7.16 -8.79
C SER A 50 -7.02 -6.76 -7.86
N GLN A 51 -6.83 -5.63 -7.21
CA GLN A 51 -7.84 -5.11 -6.29
C GLN A 51 -7.85 -3.58 -6.30
N PRO A 52 -9.02 -3.02 -6.70
CA PRO A 52 -9.18 -1.58 -6.76
C PRO A 52 -9.32 -0.98 -5.37
N LEU A 53 -8.86 0.26 -5.23
CA LEU A 53 -8.92 0.95 -3.96
C LEU A 53 -10.15 1.87 -3.95
N LEU A 54 -11.22 1.37 -4.55
CA LEU A 54 -12.46 2.13 -4.61
C LEU A 54 -13.32 1.81 -3.38
N GLY A 55 -13.36 2.78 -2.47
CA GLY A 55 -14.14 2.62 -1.25
C GLY A 55 -13.25 2.16 -0.10
N PHE A 56 -12.11 1.60 -0.46
CA PHE A 56 -11.16 1.13 0.53
C PHE A 56 -10.62 2.28 1.38
N THR A 57 -9.71 1.93 2.28
CA THR A 57 -9.11 2.93 3.15
C THR A 57 -7.74 2.44 3.66
N VAL A 58 -7.05 3.34 4.34
CA VAL A 58 -5.73 3.02 4.87
C VAL A 58 -5.53 3.77 6.18
N THR A 59 -4.73 3.18 7.05
CA THR A 59 -4.44 3.77 8.35
C THR A 59 -3.13 3.22 8.92
N LEU A 60 -2.39 4.11 9.56
CA LEU A 60 -1.11 3.72 10.15
C LEU A 60 -1.37 2.89 11.41
N VAL A 61 -0.53 1.88 11.58
CA VAL A 61 -0.65 1.00 12.74
C VAL A 61 0.67 0.99 13.51
N LYS A 62 0.54 1.04 14.83
CA LYS A 62 1.71 1.03 15.69
C LYS A 62 1.88 -0.36 16.31
N ASP A 63 3.00 -0.99 15.97
CA ASP A 63 3.29 -2.32 16.48
C ASP A 63 4.39 -2.22 17.54
N GLU A 64 5.61 -1.98 17.06
CA GLU A 64 6.75 -1.86 17.96
C GLU A 64 8.04 -1.66 17.14
N ASN A 65 8.67 -0.51 17.37
CA ASN A 65 9.90 -0.18 16.67
C ASN A 65 9.56 0.46 15.32
N SER A 66 8.60 -0.14 14.64
CA SER A 66 8.17 0.37 13.35
C SER A 66 8.07 1.89 13.39
N GLU A 67 7.04 2.36 14.07
CA GLU A 67 6.82 3.79 14.20
C GLU A 67 6.43 4.39 12.85
N SER A 68 5.18 4.16 12.47
CA SER A 68 4.68 4.66 11.21
C SER A 68 5.46 4.05 10.04
N LYS A 69 5.84 2.80 10.23
CA LYS A 69 6.59 2.08 9.21
C LYS A 69 5.69 1.01 8.58
N VAL A 70 4.63 0.66 9.30
CA VAL A 70 3.70 -0.33 8.83
C VAL A 70 2.27 0.23 8.88
N PHE A 71 1.48 -0.17 7.90
CA PHE A 71 0.10 0.30 7.82
C PHE A 71 -0.84 -0.86 7.49
N GLN A 72 -2.13 -0.53 7.44
CA GLN A 72 -3.14 -1.53 7.14
C GLN A 72 -4.07 -1.03 6.04
N LEU A 73 -4.67 -1.98 5.34
CA LEU A 73 -5.58 -1.65 4.25
C LEU A 73 -7.02 -1.90 4.71
N LEU A 74 -7.67 -0.82 5.11
CA LEU A 74 -9.04 -0.91 5.57
C LEU A 74 -9.98 -0.95 4.36
N HIS A 75 -11.08 -1.67 4.52
CA HIS A 75 -12.06 -1.79 3.45
C HIS A 75 -13.47 -1.66 4.04
N LYS A 76 -13.99 -0.44 3.97
CA LYS A 76 -15.33 -0.18 4.48
C LYS A 76 -15.25 0.04 5.99
N GLY A 77 -14.03 0.02 6.50
CA GLY A 77 -13.81 0.22 7.93
C GLY A 77 -13.06 -0.98 8.53
N MET A 78 -13.21 -2.12 7.87
CA MET A 78 -12.56 -3.34 8.34
C MET A 78 -11.19 -3.50 7.68
N VAL A 79 -10.25 -4.04 8.45
CA VAL A 79 -8.90 -4.25 7.97
C VAL A 79 -8.91 -5.40 6.95
N PHE A 80 -8.25 -5.16 5.83
CA PHE A 80 -8.17 -6.15 4.77
C PHE A 80 -6.83 -6.88 4.80
N TYR A 81 -5.78 -6.13 5.09
CA TYR A 81 -4.45 -6.68 5.15
C TYR A 81 -3.49 -5.74 5.88
N VAL A 82 -2.34 -6.28 6.26
CA VAL A 82 -1.34 -5.51 6.96
C VAL A 82 -0.09 -5.38 6.08
N PHE A 83 0.21 -4.14 5.73
CA PHE A 83 1.37 -3.86 4.89
C PHE A 83 2.47 -3.14 5.69
N LYS A 84 3.64 -3.75 5.72
CA LYS A 84 4.77 -3.18 6.43
C LYS A 84 5.78 -2.61 5.42
N ALA A 85 6.53 -1.63 5.88
CA ALA A 85 7.53 -0.99 5.04
C ALA A 85 8.88 -1.04 5.74
N ASP A 86 9.94 -0.96 4.93
CA ASP A 86 11.29 -0.99 5.47
C ASP A 86 11.62 0.37 6.09
N ASP A 87 11.34 1.42 5.32
CA ASP A 87 11.59 2.76 5.79
C ASP A 87 10.29 3.41 6.25
N ALA A 88 10.42 4.49 7.00
CA ALA A 88 9.26 5.20 7.51
C ALA A 88 8.74 6.16 6.44
N HIS A 89 9.63 7.05 6.02
CA HIS A 89 9.27 8.03 5.01
C HIS A 89 8.46 7.35 3.91
N SER A 90 8.86 6.13 3.57
CA SER A 90 8.17 5.37 2.54
C SER A 90 6.72 5.14 2.94
N THR A 91 6.53 4.71 4.18
CA THR A 91 5.20 4.45 4.69
C THR A 91 4.25 5.57 4.29
N GLN A 92 4.63 6.78 4.67
CA GLN A 92 3.82 7.95 4.36
C GLN A 92 3.43 7.95 2.87
N ARG A 93 4.39 7.57 2.05
CA ARG A 93 4.17 7.52 0.61
C ARG A 93 3.10 6.49 0.28
N TRP A 94 3.30 5.29 0.81
CA TRP A 94 2.36 4.21 0.57
C TRP A 94 1.00 4.63 1.12
N ILE A 95 1.03 5.20 2.31
CA ILE A 95 -0.20 5.65 2.96
C ILE A 95 -0.91 6.65 2.03
N ASP A 96 -0.27 7.79 1.83
CA ASP A 96 -0.83 8.83 0.98
C ASP A 96 -1.16 8.22 -0.40
N ALA A 97 -0.34 7.26 -0.80
CA ALA A 97 -0.54 6.61 -2.07
C ALA A 97 -1.82 5.77 -2.03
N PHE A 98 -2.05 5.16 -0.87
CA PHE A 98 -3.24 4.34 -0.69
C PHE A 98 -4.45 5.20 -0.34
N GLN A 99 -4.18 6.35 0.24
CA GLN A 99 -5.24 7.27 0.63
C GLN A 99 -5.74 8.04 -0.60
N GLU A 100 -4.81 8.76 -1.22
CA GLU A 100 -5.15 9.55 -2.40
C GLU A 100 -5.97 8.71 -3.38
N GLY A 101 -5.75 7.40 -3.32
CA GLY A 101 -6.45 6.48 -4.20
C GLY A 101 -7.95 6.42 -3.84
N THR A 102 -8.21 5.99 -2.61
CA THR A 102 -9.58 5.88 -2.15
C THR A 102 -10.28 7.23 -2.24
N VAL A 103 -9.48 8.29 -2.17
CA VAL A 103 -10.01 9.64 -2.25
C VAL A 103 -9.79 10.19 -3.66
N SER A 104 -10.19 11.44 -3.85
CA SER A 104 -10.03 12.10 -5.13
C SER A 104 -9.44 13.50 -4.93
N GLY A 105 -8.85 13.69 -3.78
CA GLY A 105 -8.23 14.98 -3.45
C GLY A 105 -9.24 16.11 -3.62
N PRO A 106 -8.71 17.30 -4.05
CA PRO A 106 -9.54 18.46 -4.26
C PRO A 106 -10.36 18.33 -5.54
N SER A 107 -11.68 18.22 -5.35
CA SER A 107 -12.58 18.08 -6.48
C SER A 107 -13.58 19.24 -6.49
N SER A 108 -14.22 19.42 -7.63
CA SER A 108 -15.20 20.48 -7.78
C SER A 108 -15.96 20.31 -9.09
N GLY A 109 -15.20 20.29 -10.19
CA GLY A 109 -15.79 20.13 -11.50
C GLY A 109 -16.20 18.68 -11.75
#